data_9O9X
#
_entry.id   9O9X
#
_cell.length_a   1.00
_cell.length_b   1.00
_cell.length_c   1.00
_cell.angle_alpha   90.00
_cell.angle_beta   90.00
_cell.angle_gamma   90.00
#
_symmetry.space_group_name_H-M   'P 1'
#
loop_
_entity.id
_entity.type
_entity.pdbx_description
1 polymer 'ABC transporter ATP-binding protein YtrE'
2 polymer 'ABC transporter permease YtrF'
#
loop_
_entity_poly.entity_id
_entity_poly.type
_entity_poly.pdbx_seq_one_letter_code
_entity_poly.pdbx_strand_id
1 'polypeptide(L)'
;MGSSHHHHHHSSGLVPRGSHMIDVQHIDHSFTIGKKGRENEVPVLKDVSLSVAKGEIACIVGRSGSGKSTLLNLISGYIS
PTKGRIVINGTDVTGFNEKEWAQFRLDHFGFIFQSFQLIPGLTTYENVEMPLALKGIKPSERKQKVQDMLKRVGLENHAA
HYPNELSGGQQQRVSIARALILNPSIILADEPTGSLDSETEHEVLELIQQLNRERGITFVIITHDDEVASIGHSKFQLHD
GVLKGGITVEV
;
A,B
2 'polypeptide(L)'
;MRFKDQVHFIRRNMKKNRLRVFMTILATTMACAFLVVLSSVGFGIQKTITDMTMSQQIVTKVSVMGKEGDKPIKKADLEK
YDHVRSVVERTQVYEPNKATLGNRTNESSNLIFTNMNDELKANMELEKGRVAKSENEIVVGYDFAKRLLTKKESEEYNKK
IEEAKGNPEDIKEPKGYTKDILNKTIELSVSKTDSKTGDVTKTKTYDFKIVGITKKPSQDWMEDSNIFISDQFKKDFSEF
LDFKGGNVETNIGVFADKFENVEQLTNDLTDDGYYVTSVTTELEGANTFFMVFKIGLIFVGCIAVIISAIGIFNTMTMAV
TERTQEIGIMKAIGASPSIIRRMFLMESAYIGILGCVIGIIISYGVSYLVNLAVPMILAATSGGDAGDLNYTFSYIPASL
VIIAVVICGGVAVISGMNPARKATKTNVLTALRREL
;
C,D
#
# COMPACT_ATOMS: atom_id res chain seq x y z
N MET A 21 -47.92 21.31 -29.66
CA MET A 21 -47.91 20.79 -31.02
C MET A 21 -46.62 20.04 -31.32
N ILE A 22 -46.73 19.00 -32.16
CA ILE A 22 -45.60 18.20 -32.59
C ILE A 22 -45.50 18.28 -34.10
N ASP A 23 -44.32 18.66 -34.59
CA ASP A 23 -44.07 18.84 -36.02
C ASP A 23 -42.91 17.94 -36.41
N VAL A 24 -43.22 16.84 -37.09
CA VAL A 24 -42.23 15.93 -37.65
C VAL A 24 -42.46 15.87 -39.15
N GLN A 25 -41.41 16.14 -39.92
CA GLN A 25 -41.54 16.15 -41.37
C GLN A 25 -40.18 15.88 -42.01
N HIS A 26 -40.19 15.07 -43.07
CA HIS A 26 -38.99 14.74 -43.84
C HIS A 26 -37.84 14.28 -42.94
N ILE A 27 -38.17 13.34 -42.05
CA ILE A 27 -37.21 12.81 -41.08
C ILE A 27 -36.86 11.38 -41.47
N ASP A 28 -35.55 11.10 -41.55
CA ASP A 28 -35.06 9.78 -41.85
C ASP A 28 -33.94 9.42 -40.89
N HIS A 29 -33.75 8.12 -40.69
CA HIS A 29 -32.71 7.62 -39.81
C HIS A 29 -32.08 6.38 -40.40
N SER A 30 -30.80 6.17 -40.08
CA SER A 30 -30.06 5.00 -40.53
C SER A 30 -29.23 4.46 -39.37
N PHE A 31 -29.13 3.14 -39.28
CA PHE A 31 -28.39 2.47 -38.22
C PHE A 31 -27.20 1.74 -38.81
N THR A 32 -26.03 1.95 -38.22
CA THR A 32 -24.80 1.28 -38.64
C THR A 32 -24.46 0.20 -37.62
N ILE A 33 -24.42 -1.05 -38.07
CA ILE A 33 -24.18 -2.20 -37.21
C ILE A 33 -22.98 -2.96 -37.74
N GLY A 34 -22.03 -3.28 -36.85
CA GLY A 34 -20.89 -4.09 -37.17
C GLY A 34 -19.60 -3.41 -36.77
N LYS A 35 -18.49 -4.00 -37.20
CA LYS A 35 -17.17 -3.44 -36.93
C LYS A 35 -16.93 -2.20 -37.80
N LYS A 36 -15.79 -1.56 -37.58
CA LYS A 36 -15.44 -0.38 -38.38
C LYS A 36 -15.31 -0.75 -39.86
N GLY A 37 -14.73 -1.91 -40.15
CA GLY A 37 -14.66 -2.40 -41.51
C GLY A 37 -15.93 -3.06 -42.00
N ARG A 38 -16.91 -3.25 -41.14
CA ARG A 38 -18.18 -3.87 -41.48
C ARG A 38 -19.35 -2.98 -41.08
N GLU A 39 -19.23 -1.69 -41.39
CA GLU A 39 -20.29 -0.73 -41.06
C GLU A 39 -21.41 -0.88 -42.09
N ASN A 40 -22.48 -1.57 -41.71
CA ASN A 40 -23.62 -1.79 -42.57
C ASN A 40 -24.73 -0.82 -42.18
N GLU A 41 -25.12 0.04 -43.11
CA GLU A 41 -26.12 1.06 -42.87
C GLU A 41 -27.46 0.61 -43.44
N VAL A 42 -28.46 0.50 -42.58
CA VAL A 42 -29.81 0.10 -42.96
C VAL A 42 -30.77 1.20 -42.54
N PRO A 43 -31.14 2.09 -43.46
CA PRO A 43 -32.11 3.13 -43.13
C PRO A 43 -33.46 2.53 -42.75
N VAL A 44 -34.13 3.16 -41.79
CA VAL A 44 -35.41 2.67 -41.31
C VAL A 44 -36.50 3.69 -41.60
N LEU A 45 -36.37 4.89 -41.04
CA LEU A 45 -37.33 5.95 -41.28
C LEU A 45 -37.10 6.56 -42.66
N LYS A 46 -38.21 6.81 -43.38
CA LYS A 46 -38.17 7.34 -44.74
C LYS A 46 -39.11 8.55 -44.81
N ASP A 47 -38.59 9.72 -44.47
CA ASP A 47 -39.30 11.00 -44.59
C ASP A 47 -40.67 10.93 -43.88
N VAL A 48 -40.60 10.70 -42.57
CA VAL A 48 -41.82 10.63 -41.77
C VAL A 48 -42.41 12.02 -41.62
N SER A 49 -43.72 12.13 -41.83
CA SER A 49 -44.41 13.42 -41.76
C SER A 49 -45.46 13.42 -40.65
N LEU A 50 -45.10 12.93 -39.47
CA LEU A 50 -46.02 12.90 -38.34
C LEU A 50 -46.35 14.32 -37.89
N SER A 51 -47.64 14.60 -37.76
CA SER A 51 -48.11 15.91 -37.34
C SER A 51 -49.21 15.74 -36.32
N VAL A 52 -48.98 16.23 -35.10
CA VAL A 52 -49.94 16.15 -34.01
C VAL A 52 -50.13 17.55 -33.43
N ALA A 53 -51.37 17.89 -33.11
CA ALA A 53 -51.64 19.15 -32.44
C ALA A 53 -51.80 18.92 -30.93
N LYS A 54 -52.05 20.01 -30.21
CA LYS A 54 -52.16 19.93 -28.77
C LYS A 54 -53.47 19.25 -28.36
N GLY A 55 -53.36 18.29 -27.46
CA GLY A 55 -54.54 17.72 -26.84
C GLY A 55 -55.24 16.62 -27.61
N GLU A 56 -54.53 15.88 -28.45
CA GLU A 56 -55.09 14.69 -29.11
C GLU A 56 -54.15 13.52 -28.94
N ILE A 57 -54.72 12.31 -28.98
CA ILE A 57 -53.96 11.08 -28.89
C ILE A 57 -53.56 10.64 -30.29
N ALA A 58 -52.33 10.94 -30.69
CA ALA A 58 -51.81 10.33 -31.90
C ALA A 58 -51.41 8.89 -31.61
N CYS A 59 -51.24 8.11 -32.67
CA CYS A 59 -50.82 6.74 -32.51
C CYS A 59 -50.08 6.29 -33.76
N ILE A 60 -49.04 5.49 -33.55
CA ILE A 60 -48.26 4.92 -34.64
C ILE A 60 -48.44 3.41 -34.60
N VAL A 61 -48.94 2.85 -35.69
CA VAL A 61 -49.27 1.43 -35.78
C VAL A 61 -48.32 0.79 -36.78
N GLY A 62 -47.59 -0.23 -36.34
CA GLY A 62 -46.66 -0.92 -37.21
C GLY A 62 -46.17 -2.18 -36.54
N ARG A 63 -45.58 -3.05 -37.35
CA ARG A 63 -45.06 -4.31 -36.84
C ARG A 63 -43.85 -4.07 -35.95
N SER A 64 -43.42 -5.14 -35.28
CA SER A 64 -42.28 -5.04 -34.38
C SER A 64 -41.01 -4.71 -35.17
N GLY A 65 -40.32 -3.65 -34.76
CA GLY A 65 -39.13 -3.21 -35.46
C GLY A 65 -39.39 -2.63 -36.83
N SER A 66 -40.63 -2.27 -37.13
CA SER A 66 -40.95 -1.73 -38.45
C SER A 66 -40.45 -0.30 -38.61
N GLY A 67 -40.33 0.45 -37.52
CA GLY A 67 -39.93 1.83 -37.59
C GLY A 67 -40.62 2.72 -36.59
N LYS A 68 -41.61 2.19 -35.89
CA LYS A 68 -42.28 2.94 -34.83
C LYS A 68 -41.32 3.22 -33.68
N SER A 69 -40.51 2.23 -33.30
CA SER A 69 -39.64 2.37 -32.14
C SER A 69 -38.61 3.48 -32.36
N THR A 70 -37.96 3.49 -33.53
CA THR A 70 -36.98 4.54 -33.79
C THR A 70 -37.63 5.91 -33.89
N LEU A 71 -38.83 5.99 -34.47
CA LEU A 71 -39.52 7.27 -34.54
C LEU A 71 -39.84 7.80 -33.14
N LEU A 72 -40.30 6.92 -32.26
CA LEU A 72 -40.53 7.33 -30.88
C LEU A 72 -39.23 7.73 -30.19
N ASN A 73 -38.14 7.04 -30.50
CA ASN A 73 -36.85 7.41 -29.92
C ASN A 73 -36.43 8.80 -30.34
N LEU A 74 -36.57 9.13 -31.63
CA LEU A 74 -36.23 10.47 -32.09
C LEU A 74 -37.16 11.52 -31.50
N ILE A 75 -38.46 11.24 -31.42
CA ILE A 75 -39.38 12.25 -30.91
C ILE A 75 -39.15 12.47 -29.42
N SER A 76 -38.74 11.42 -28.69
CA SER A 76 -38.47 11.58 -27.26
C SER A 76 -37.18 12.35 -27.03
N GLY A 77 -36.12 11.99 -27.76
CA GLY A 77 -34.86 12.70 -27.63
C GLY A 77 -33.66 11.81 -27.40
N TYR A 78 -33.86 10.50 -27.52
CA TYR A 78 -32.76 9.58 -27.29
C TYR A 78 -31.77 9.57 -28.46
N ILE A 79 -32.25 9.78 -29.68
CA ILE A 79 -31.39 9.81 -30.87
C ILE A 79 -31.69 11.07 -31.65
N SER A 80 -30.65 11.75 -32.10
CA SER A 80 -30.80 12.93 -32.95
C SER A 80 -31.03 12.49 -34.39
N PRO A 81 -32.12 12.88 -35.03
CA PRO A 81 -32.38 12.43 -36.40
C PRO A 81 -31.31 12.93 -37.37
N THR A 82 -31.02 12.11 -38.37
CA THR A 82 -29.94 12.41 -39.29
C THR A 82 -30.27 13.63 -40.16
N LYS A 83 -31.50 13.71 -40.66
CA LYS A 83 -31.89 14.81 -41.53
C LYS A 83 -33.29 15.28 -41.15
N GLY A 84 -33.60 16.51 -41.55
CA GLY A 84 -34.87 17.13 -41.19
C GLY A 84 -34.82 17.75 -39.81
N ARG A 85 -35.95 18.34 -39.42
CA ARG A 85 -36.08 18.98 -38.13
C ARG A 85 -37.38 18.56 -37.45
N ILE A 86 -37.34 18.52 -36.13
CA ILE A 86 -38.49 18.18 -35.29
C ILE A 86 -38.77 19.36 -34.37
N VAL A 87 -40.01 19.81 -34.34
CA VAL A 87 -40.43 20.95 -33.54
C VAL A 87 -41.51 20.50 -32.58
N ILE A 88 -41.27 20.71 -31.29
CA ILE A 88 -42.27 20.44 -30.25
C ILE A 88 -42.52 21.73 -29.48
N ASN A 89 -43.80 22.06 -29.30
CA ASN A 89 -44.21 23.29 -28.61
C ASN A 89 -43.60 24.53 -29.26
N GLY A 90 -43.45 24.50 -30.57
CA GLY A 90 -42.88 25.63 -31.30
C GLY A 90 -41.39 25.78 -31.17
N THR A 91 -40.69 24.82 -30.57
CA THR A 91 -39.25 24.90 -30.35
C THR A 91 -38.54 23.78 -31.10
N ASP A 92 -37.45 24.12 -31.78
CA ASP A 92 -36.68 23.14 -32.54
C ASP A 92 -35.85 22.30 -31.57
N VAL A 93 -35.93 20.98 -31.71
CA VAL A 93 -35.25 20.05 -30.82
C VAL A 93 -34.18 19.22 -31.50
N THR A 94 -34.06 19.28 -32.83
CA THR A 94 -33.04 18.49 -33.51
C THR A 94 -31.64 18.91 -33.10
N GLY A 95 -31.40 20.21 -32.97
CA GLY A 95 -30.10 20.71 -32.58
C GLY A 95 -29.82 20.67 -31.10
N PHE A 96 -30.76 20.17 -30.30
CA PHE A 96 -30.56 20.08 -28.86
C PHE A 96 -29.45 19.10 -28.54
N ASN A 97 -28.57 19.48 -27.62
CA ASN A 97 -27.61 18.55 -27.06
C ASN A 97 -28.29 17.73 -25.97
N GLU A 98 -27.50 16.88 -25.31
CA GLU A 98 -28.07 15.99 -24.30
C GLU A 98 -28.65 16.78 -23.13
N LYS A 99 -27.95 17.82 -22.68
CA LYS A 99 -28.41 18.58 -21.51
C LYS A 99 -29.73 19.29 -21.80
N GLU A 100 -29.81 20.01 -22.93
CA GLU A 100 -31.03 20.74 -23.24
C GLU A 100 -32.19 19.81 -23.51
N TRP A 101 -31.94 18.69 -24.21
CA TRP A 101 -33.02 17.75 -24.48
C TRP A 101 -33.52 17.10 -23.18
N ALA A 102 -32.61 16.78 -22.26
CA ALA A 102 -33.04 16.26 -20.97
C ALA A 102 -33.83 17.30 -20.19
N GLN A 103 -33.42 18.56 -20.25
CA GLN A 103 -34.19 19.62 -19.60
C GLN A 103 -35.59 19.72 -20.19
N PHE A 104 -35.70 19.58 -21.51
CA PHE A 104 -37.02 19.58 -22.14
C PHE A 104 -37.85 18.38 -21.71
N ARG A 105 -37.21 17.20 -21.64
CA ARG A 105 -37.93 16.00 -21.22
C ARG A 105 -38.41 16.12 -19.78
N LEU A 106 -37.67 16.85 -18.94
CA LEU A 106 -38.07 17.01 -17.54
C LEU A 106 -39.40 17.73 -17.43
N ASP A 107 -39.55 18.86 -18.13
CA ASP A 107 -40.68 19.75 -17.91
C ASP A 107 -41.78 19.64 -18.97
N HIS A 108 -41.57 18.91 -20.05
CA HIS A 108 -42.57 18.84 -21.11
C HIS A 108 -42.68 17.44 -21.68
N PHE A 109 -42.44 16.41 -20.88
CA PHE A 109 -42.52 15.06 -21.40
C PHE A 109 -42.91 14.08 -20.29
N GLY A 110 -43.44 12.94 -20.71
CA GLY A 110 -43.79 11.85 -19.81
C GLY A 110 -43.65 10.54 -20.54
N PHE A 111 -43.54 9.45 -19.78
CA PHE A 111 -43.15 8.18 -20.38
C PHE A 111 -43.86 7.01 -19.70
N ILE A 112 -44.36 6.10 -20.51
CA ILE A 112 -45.12 4.92 -20.07
C ILE A 112 -44.53 3.63 -20.62
N PHE A 113 -43.19 3.52 -20.68
CA PHE A 113 -42.53 2.42 -21.37
C PHE A 113 -43.15 1.06 -21.04
N GLN A 114 -43.03 0.13 -22.00
CA GLN A 114 -43.68 -1.17 -21.88
C GLN A 114 -43.14 -1.97 -20.70
N SER A 115 -41.82 -2.00 -20.51
CA SER A 115 -41.21 -2.81 -19.48
C SER A 115 -41.49 -2.29 -18.07
N PHE A 116 -42.32 -1.26 -17.95
CA PHE A 116 -42.81 -0.65 -16.71
C PHE A 116 -41.71 0.10 -15.96
N GLN A 117 -40.45 -0.12 -16.36
CA GLN A 117 -39.29 0.68 -15.92
C GLN A 117 -39.42 1.19 -14.49
N LEU A 118 -39.56 0.29 -13.53
CA LEU A 118 -40.00 0.65 -12.19
C LEU A 118 -38.91 0.54 -11.13
N ILE A 119 -37.64 0.62 -11.52
CA ILE A 119 -36.52 0.57 -10.58
C ILE A 119 -36.61 -0.65 -9.69
N PRO A 120 -36.25 -1.85 -10.16
CA PRO A 120 -36.26 -3.04 -9.29
C PRO A 120 -35.69 -2.72 -7.90
N GLY A 121 -36.53 -2.88 -6.89
CA GLY A 121 -36.28 -2.28 -5.60
C GLY A 121 -37.12 -1.02 -5.41
N LEU A 122 -36.72 -0.22 -4.42
CA LEU A 122 -37.36 1.07 -4.16
C LEU A 122 -38.83 0.86 -3.86
N THR A 123 -39.63 1.93 -3.81
CA THR A 123 -41.06 1.83 -3.51
C THR A 123 -41.87 2.53 -4.59
N THR A 124 -43.18 2.31 -4.56
CA THR A 124 -44.08 2.96 -5.50
C THR A 124 -44.13 4.47 -5.28
N TYR A 125 -44.21 4.91 -4.02
CA TYR A 125 -44.24 6.34 -3.73
C TYR A 125 -43.02 7.03 -4.28
N GLU A 126 -41.84 6.48 -4.05
CA GLU A 126 -40.62 7.12 -4.53
C GLU A 126 -40.45 6.97 -6.03
N ASN A 127 -40.94 5.88 -6.61
CA ASN A 127 -40.95 5.77 -8.07
C ASN A 127 -41.77 6.89 -8.70
N VAL A 128 -42.93 7.19 -8.11
CA VAL A 128 -43.75 8.29 -8.62
C VAL A 128 -43.06 9.64 -8.36
N GLU A 129 -42.47 9.81 -7.18
CA GLU A 129 -41.86 11.08 -6.82
C GLU A 129 -40.55 11.34 -7.56
N MET A 130 -39.96 10.32 -8.18
CA MET A 130 -38.63 10.47 -8.79
C MET A 130 -38.53 11.66 -9.76
N PRO A 131 -39.42 11.83 -10.74
CA PRO A 131 -39.31 13.00 -11.62
C PRO A 131 -39.47 14.33 -10.88
N LEU A 132 -40.26 14.38 -9.82
CA LEU A 132 -40.32 15.61 -9.02
C LEU A 132 -38.98 15.92 -8.40
N ALA A 133 -38.31 14.91 -7.85
CA ALA A 133 -36.98 15.12 -7.29
C ALA A 133 -36.00 15.55 -8.38
N LEU A 134 -36.12 14.96 -9.57
CA LEU A 134 -35.22 15.32 -10.67
C LEU A 134 -35.42 16.77 -11.08
N LYS A 135 -36.67 17.24 -11.18
CA LYS A 135 -36.90 18.62 -11.57
C LYS A 135 -36.43 19.60 -10.50
N GLY A 136 -36.64 19.26 -9.23
CA GLY A 136 -36.19 20.11 -8.14
C GLY A 136 -37.32 20.67 -7.30
N ILE A 137 -38.45 19.96 -7.25
CA ILE A 137 -39.59 20.44 -6.50
C ILE A 137 -39.33 20.27 -5.01
N LYS A 138 -39.83 21.22 -4.21
CA LYS A 138 -39.61 21.21 -2.78
C LYS A 138 -40.37 20.05 -2.13
N PRO A 139 -39.90 19.57 -0.96
CA PRO A 139 -40.42 18.31 -0.40
C PRO A 139 -41.93 18.24 -0.16
N SER A 140 -42.50 19.21 0.55
CA SER A 140 -43.93 19.15 0.85
C SER A 140 -44.77 19.25 -0.42
N GLU A 141 -44.35 20.09 -1.36
CA GLU A 141 -45.03 20.15 -2.65
C GLU A 141 -44.94 18.79 -3.36
N ARG A 142 -43.79 18.12 -3.25
CA ARG A 142 -43.66 16.79 -3.83
C ARG A 142 -44.63 15.82 -3.20
N LYS A 143 -44.77 15.85 -1.87
CA LYS A 143 -45.71 14.97 -1.19
C LYS A 143 -47.14 15.24 -1.65
N GLN A 144 -47.51 16.52 -1.74
CA GLN A 144 -48.86 16.86 -2.17
C GLN A 144 -49.12 16.38 -3.59
N LYS A 145 -48.18 16.64 -4.51
CA LYS A 145 -48.36 16.23 -5.90
C LYS A 145 -48.45 14.71 -6.02
N VAL A 146 -47.58 13.98 -5.33
CA VAL A 146 -47.59 12.53 -5.42
C VAL A 146 -48.90 11.98 -4.88
N GLN A 147 -49.36 12.48 -3.73
CA GLN A 147 -50.60 11.99 -3.16
C GLN A 147 -51.77 12.27 -4.08
N ASP A 148 -51.84 13.48 -4.62
CA ASP A 148 -52.95 13.84 -5.51
C ASP A 148 -52.95 12.97 -6.77
N MET A 149 -51.77 12.75 -7.37
CA MET A 149 -51.72 11.99 -8.61
C MET A 149 -52.00 10.51 -8.37
N LEU A 150 -51.50 9.96 -7.26
CA LEU A 150 -51.81 8.56 -6.95
C LEU A 150 -53.28 8.40 -6.62
N LYS A 151 -53.91 9.42 -6.02
CA LYS A 151 -55.36 9.38 -5.84
C LYS A 151 -56.08 9.42 -7.18
N ARG A 152 -55.60 10.23 -8.12
CA ARG A 152 -56.26 10.33 -9.42
C ARG A 152 -56.17 9.02 -10.18
N VAL A 153 -54.97 8.44 -10.26
CA VAL A 153 -54.78 7.20 -11.00
C VAL A 153 -55.57 6.07 -10.35
N GLY A 154 -55.50 5.98 -9.02
CA GLY A 154 -56.23 4.97 -8.27
C GLY A 154 -55.36 4.08 -7.42
N LEU A 155 -54.04 4.16 -7.52
CA LEU A 155 -53.14 3.34 -6.72
C LEU A 155 -52.71 4.04 -5.44
N GLU A 156 -53.54 4.95 -4.93
CA GLU A 156 -53.19 5.68 -3.73
C GLU A 156 -53.18 4.79 -2.49
N ASN A 157 -53.92 3.69 -2.52
CA ASN A 157 -53.98 2.79 -1.37
C ASN A 157 -52.91 1.70 -1.47
N HIS A 158 -51.68 2.11 -1.77
CA HIS A 158 -50.53 1.21 -1.69
C HIS A 158 -49.30 1.84 -1.05
N ALA A 159 -49.16 3.16 -1.06
CA ALA A 159 -48.05 3.87 -0.43
C ALA A 159 -46.70 3.26 -0.80
N ALA A 160 -45.96 2.81 0.21
CA ALA A 160 -44.64 2.22 0.00
C ALA A 160 -44.80 0.72 -0.30
N HIS A 161 -45.35 0.44 -1.46
CA HIS A 161 -45.49 -0.91 -1.97
C HIS A 161 -44.45 -1.11 -3.07
N TYR A 162 -43.57 -2.09 -2.88
CA TYR A 162 -42.48 -2.29 -3.82
C TYR A 162 -43.02 -2.74 -5.17
N PRO A 163 -42.40 -2.32 -6.28
CA PRO A 163 -42.90 -2.71 -7.60
C PRO A 163 -42.91 -4.21 -7.82
N ASN A 164 -41.94 -4.95 -7.27
CA ASN A 164 -41.94 -6.39 -7.42
C ASN A 164 -43.13 -7.04 -6.72
N GLU A 165 -43.72 -6.38 -5.74
CA GLU A 165 -44.89 -6.89 -5.04
C GLU A 165 -46.20 -6.51 -5.71
N LEU A 166 -46.14 -5.80 -6.83
CA LEU A 166 -47.32 -5.40 -7.59
C LEU A 166 -47.47 -6.27 -8.83
N SER A 167 -48.68 -6.27 -9.38
CA SER A 167 -48.96 -6.93 -10.65
C SER A 167 -48.65 -5.99 -11.80
N GLY A 168 -48.57 -6.57 -13.01
CA GLY A 168 -48.18 -5.78 -14.17
C GLY A 168 -49.10 -4.61 -14.44
N GLY A 169 -50.41 -4.82 -14.25
CA GLY A 169 -51.34 -3.71 -14.41
C GLY A 169 -51.06 -2.56 -13.47
N GLN A 170 -50.80 -2.88 -12.19
CA GLN A 170 -50.45 -1.83 -11.24
C GLN A 170 -49.13 -1.17 -11.60
N GLN A 171 -48.18 -1.93 -12.16
CA GLN A 171 -46.94 -1.32 -12.63
C GLN A 171 -47.20 -0.31 -13.74
N GLN A 172 -48.07 -0.65 -14.68
CA GLN A 172 -48.42 0.31 -15.74
C GLN A 172 -49.10 1.53 -15.15
N ARG A 173 -50.00 1.32 -14.19
CA ARG A 173 -50.72 2.44 -13.58
C ARG A 173 -49.77 3.38 -12.84
N VAL A 174 -48.81 2.82 -12.10
CA VAL A 174 -47.87 3.69 -11.39
C VAL A 174 -46.91 4.36 -12.35
N SER A 175 -46.57 3.71 -13.47
CA SER A 175 -45.78 4.39 -14.49
C SER A 175 -46.54 5.58 -15.08
N ILE A 176 -47.84 5.40 -15.34
CA ILE A 176 -48.66 6.52 -15.79
C ILE A 176 -48.66 7.62 -14.75
N ALA A 177 -48.81 7.26 -13.47
CA ALA A 177 -48.83 8.25 -12.41
C ALA A 177 -47.52 9.03 -12.37
N ARG A 178 -46.40 8.34 -12.55
CA ARG A 178 -45.11 9.03 -12.64
C ARG A 178 -45.08 9.97 -13.83
N ALA A 179 -45.62 9.54 -14.97
CA ALA A 179 -45.62 10.39 -16.15
C ALA A 179 -46.43 11.66 -15.93
N LEU A 180 -47.56 11.56 -15.22
CA LEU A 180 -48.43 12.72 -15.00
C LEU A 180 -47.96 13.63 -13.88
N ILE A 181 -46.94 13.24 -13.11
CA ILE A 181 -46.59 13.99 -11.90
C ILE A 181 -46.10 15.39 -12.21
N LEU A 182 -45.59 15.64 -13.42
CA LEU A 182 -45.08 16.95 -13.80
C LEU A 182 -45.98 17.63 -14.83
N ASN A 183 -47.26 17.23 -14.88
CA ASN A 183 -48.34 17.68 -15.77
C ASN A 183 -47.78 18.15 -17.12
N PRO A 184 -47.09 17.28 -17.84
CA PRO A 184 -46.43 17.72 -19.07
C PRO A 184 -47.41 17.80 -20.24
N SER A 185 -47.02 18.55 -21.26
CA SER A 185 -47.83 18.67 -22.46
C SER A 185 -47.95 17.33 -23.17
N ILE A 186 -46.86 16.58 -23.26
CA ILE A 186 -46.82 15.30 -23.96
C ILE A 186 -46.36 14.23 -22.98
N ILE A 187 -47.02 13.08 -23.00
CA ILE A 187 -46.61 11.94 -22.18
C ILE A 187 -46.37 10.73 -23.07
N LEU A 188 -45.86 10.98 -24.27
CA LEU A 188 -45.63 9.96 -25.30
C LEU A 188 -45.14 8.65 -24.71
N ALA A 189 -45.76 7.55 -25.15
CA ALA A 189 -45.55 6.24 -24.56
C ALA A 189 -45.09 5.25 -25.60
N ASP A 190 -44.42 4.20 -25.12
CA ASP A 190 -44.20 3.00 -25.91
C ASP A 190 -45.50 2.19 -25.89
N GLU A 191 -45.43 0.93 -26.30
CA GLU A 191 -46.61 0.08 -26.20
C GLU A 191 -46.96 -0.10 -24.73
N PRO A 192 -48.02 0.55 -24.23
CA PRO A 192 -48.29 0.47 -22.78
C PRO A 192 -48.85 -0.86 -22.35
N THR A 193 -49.33 -1.68 -23.30
CA THR A 193 -49.92 -2.97 -23.01
C THR A 193 -49.26 -4.08 -23.82
N GLY A 194 -47.98 -3.91 -24.15
CA GLY A 194 -47.28 -4.94 -24.91
C GLY A 194 -47.25 -6.28 -24.19
N SER A 195 -47.03 -6.26 -22.88
CA SER A 195 -47.11 -7.43 -22.03
C SER A 195 -48.19 -7.16 -20.99
N LEU A 196 -49.44 -7.41 -21.37
CA LEU A 196 -50.58 -7.17 -20.48
C LEU A 196 -51.76 -8.00 -20.96
N ASP A 197 -52.69 -8.25 -20.04
CA ASP A 197 -53.91 -8.96 -20.38
C ASP A 197 -54.90 -8.01 -21.06
N SER A 198 -55.96 -8.59 -21.63
CA SER A 198 -56.94 -7.78 -22.34
C SER A 198 -57.71 -6.86 -21.39
N GLU A 199 -58.05 -7.36 -20.21
CA GLU A 199 -58.78 -6.54 -19.25
C GLU A 199 -57.93 -5.36 -18.78
N THR A 200 -56.68 -5.62 -18.39
CA THR A 200 -55.78 -4.54 -18.01
C THR A 200 -55.49 -3.63 -19.21
N GLU A 201 -55.46 -4.20 -20.41
CA GLU A 201 -55.34 -3.39 -21.62
C GLU A 201 -56.46 -2.36 -21.69
N HIS A 202 -57.71 -2.82 -21.57
CA HIS A 202 -58.84 -1.91 -21.64
C HIS A 202 -58.79 -0.89 -20.51
N GLU A 203 -58.42 -1.33 -19.31
CA GLU A 203 -58.34 -0.40 -18.18
C GLU A 203 -57.31 0.71 -18.42
N VAL A 204 -56.11 0.32 -18.86
CA VAL A 204 -55.07 1.33 -19.12
C VAL A 204 -55.51 2.27 -20.23
N LEU A 205 -56.13 1.71 -21.28
CA LEU A 205 -56.55 2.55 -22.40
C LEU A 205 -57.62 3.56 -21.99
N GLU A 206 -58.60 3.13 -21.19
CA GLU A 206 -59.62 4.09 -20.78
C GLU A 206 -59.06 5.08 -19.78
N LEU A 207 -58.06 4.67 -18.99
CA LEU A 207 -57.39 5.62 -18.10
C LEU A 207 -56.70 6.71 -18.91
N ILE A 208 -56.02 6.33 -19.99
CA ILE A 208 -55.35 7.30 -20.85
C ILE A 208 -56.36 8.20 -21.55
N GLN A 209 -57.48 7.62 -21.99
CA GLN A 209 -58.54 8.42 -22.58
C GLN A 209 -59.06 9.46 -21.59
N GLN A 210 -59.25 9.06 -20.33
CA GLN A 210 -59.69 10.00 -19.31
C GLN A 210 -58.64 11.06 -19.04
N LEU A 211 -57.36 10.69 -19.09
CA LEU A 211 -56.30 11.70 -19.02
C LEU A 211 -56.49 12.77 -20.08
N ASN A 212 -56.69 12.36 -21.34
CA ASN A 212 -56.86 13.38 -22.38
C ASN A 212 -58.13 14.19 -22.16
N ARG A 213 -59.23 13.54 -21.81
CA ARG A 213 -60.50 14.26 -21.65
C ARG A 213 -60.51 15.18 -20.45
N GLU A 214 -59.67 14.92 -19.45
CA GLU A 214 -59.59 15.80 -18.28
C GLU A 214 -58.58 16.92 -18.50
N ARG A 215 -57.35 16.59 -18.87
CA ARG A 215 -56.31 17.57 -19.13
C ARG A 215 -55.80 17.38 -20.56
N GLY A 216 -55.77 18.48 -21.32
CA GLY A 216 -55.30 18.40 -22.70
C GLY A 216 -53.85 17.99 -22.79
N ILE A 217 -53.61 16.76 -23.21
CA ILE A 217 -52.28 16.18 -23.25
C ILE A 217 -52.08 15.46 -24.57
N THR A 218 -51.02 15.83 -25.29
CA THR A 218 -50.65 15.13 -26.52
C THR A 218 -50.15 13.72 -26.20
N PHE A 219 -50.43 12.79 -27.11
CA PHE A 219 -49.99 11.41 -26.98
C PHE A 219 -49.35 10.96 -28.28
N VAL A 220 -48.29 10.16 -28.16
CA VAL A 220 -47.62 9.59 -29.33
C VAL A 220 -47.51 8.08 -29.13
N ILE A 221 -48.51 7.48 -28.48
CA ILE A 221 -48.51 6.05 -28.20
C ILE A 221 -48.18 5.27 -29.45
N ILE A 222 -47.25 4.33 -29.34
CA ILE A 222 -46.87 3.46 -30.45
C ILE A 222 -47.22 2.03 -30.06
N THR A 223 -47.94 1.33 -30.94
CA THR A 223 -48.37 -0.03 -30.67
C THR A 223 -48.43 -0.80 -31.98
N HIS A 224 -48.38 -2.13 -31.86
CA HIS A 224 -48.59 -3.02 -32.98
C HIS A 224 -49.98 -3.65 -32.97
N ASP A 225 -50.90 -3.10 -32.17
CA ASP A 225 -52.29 -3.56 -32.12
C ASP A 225 -53.21 -2.42 -32.53
N ASP A 226 -54.13 -2.68 -33.45
CA ASP A 226 -55.05 -1.66 -33.90
C ASP A 226 -56.14 -1.37 -32.88
N GLU A 227 -56.51 -2.37 -32.06
CA GLU A 227 -57.50 -2.14 -31.01
C GLU A 227 -56.99 -1.13 -29.99
N VAL A 228 -55.71 -1.21 -29.64
CA VAL A 228 -55.11 -0.19 -28.79
C VAL A 228 -55.09 1.15 -29.51
N ALA A 229 -54.86 1.13 -30.82
CA ALA A 229 -54.79 2.37 -31.60
C ALA A 229 -56.15 3.04 -31.74
N SER A 230 -57.24 2.29 -31.59
CA SER A 230 -58.58 2.82 -31.88
C SER A 230 -58.95 4.01 -31.01
N ILE A 231 -58.37 4.13 -29.81
CA ILE A 231 -58.73 5.21 -28.91
C ILE A 231 -58.20 6.57 -29.34
N GLY A 232 -57.27 6.59 -30.29
CA GLY A 232 -56.64 7.84 -30.66
C GLY A 232 -57.54 8.74 -31.49
N HIS A 233 -57.17 10.02 -31.52
CA HIS A 233 -57.84 10.97 -32.41
C HIS A 233 -57.27 10.93 -33.82
N SER A 234 -56.09 10.31 -34.01
CA SER A 234 -55.45 10.23 -35.31
C SER A 234 -54.85 8.85 -35.49
N LYS A 235 -54.75 8.43 -36.75
CA LYS A 235 -54.15 7.17 -37.12
C LYS A 235 -52.94 7.41 -38.00
N PHE A 236 -51.85 6.71 -37.71
CA PHE A 236 -50.62 6.81 -38.49
C PHE A 236 -50.01 5.41 -38.59
N GLN A 237 -50.32 4.72 -39.68
CA GLN A 237 -49.82 3.37 -39.91
C GLN A 237 -48.50 3.44 -40.64
N LEU A 238 -47.46 2.85 -40.05
CA LEU A 238 -46.12 2.82 -40.63
C LEU A 238 -45.88 1.43 -41.20
N HIS A 239 -45.78 1.35 -42.53
CA HIS A 239 -45.56 0.07 -43.22
C HIS A 239 -44.11 0.01 -43.67
N ASP A 240 -43.31 -0.83 -43.00
CA ASP A 240 -41.94 -1.14 -43.42
C ASP A 240 -41.07 0.12 -43.53
N GLY A 241 -41.28 1.06 -42.60
CA GLY A 241 -40.41 2.21 -42.46
C GLY A 241 -40.94 3.51 -43.03
N VAL A 242 -42.04 3.47 -43.79
CA VAL A 242 -42.64 4.67 -44.36
C VAL A 242 -44.05 4.83 -43.81
N LEU A 243 -44.34 6.02 -43.30
CA LEU A 243 -45.66 6.29 -42.73
C LEU A 243 -46.70 6.46 -43.83
N LYS A 244 -47.95 6.20 -43.49
CA LYS A 244 -49.06 6.32 -44.44
C LYS A 244 -50.36 6.31 -43.64
N GLY A 245 -51.45 6.64 -44.33
CA GLY A 245 -52.76 6.63 -43.71
C GLY A 245 -52.91 7.61 -42.57
N GLY A 246 -52.38 8.82 -42.74
CA GLY A 246 -52.49 9.84 -41.72
C GLY A 246 -53.82 10.58 -41.78
N ILE A 247 -54.74 10.24 -40.88
CA ILE A 247 -56.08 10.81 -40.86
C ILE A 247 -56.41 11.23 -39.44
N THR A 248 -57.57 11.86 -39.29
CA THR A 248 -58.09 12.33 -38.01
C THR A 248 -59.55 11.93 -37.85
N VAL A 249 -59.84 10.66 -38.13
CA VAL A 249 -61.22 10.17 -38.08
C VAL A 249 -61.71 10.19 -36.64
N GLU A 250 -62.86 10.82 -36.41
CA GLU A 250 -63.43 10.89 -35.07
C GLU A 250 -63.95 9.53 -34.65
N VAL A 251 -63.64 9.14 -33.41
CA VAL A 251 -64.10 7.86 -32.88
C VAL A 251 -65.54 7.96 -32.42
N MET B 1 -31.84 19.27 -9.00
CA MET B 1 -32.19 18.14 -8.15
C MET B 1 -31.92 18.47 -6.69
N ARG B 2 -31.43 19.68 -6.44
CA ARG B 2 -31.02 20.11 -5.11
C ARG B 2 -29.94 19.18 -4.55
N PHE B 3 -29.71 19.25 -3.25
CA PHE B 3 -28.70 18.41 -2.61
C PHE B 3 -29.28 17.31 -1.73
N LYS B 4 -30.39 17.57 -1.06
CA LYS B 4 -30.99 16.54 -0.21
C LYS B 4 -31.43 15.34 -1.02
N ASP B 5 -32.02 15.58 -2.20
CA ASP B 5 -32.44 14.47 -3.05
C ASP B 5 -31.23 13.67 -3.55
N GLN B 6 -30.16 14.36 -3.93
CA GLN B 6 -28.96 13.65 -4.37
C GLN B 6 -28.37 12.81 -3.26
N VAL B 7 -28.32 13.35 -2.04
CA VAL B 7 -27.82 12.58 -0.91
C VAL B 7 -28.72 11.38 -0.62
N HIS B 8 -30.04 11.58 -0.75
CA HIS B 8 -30.96 10.47 -0.54
C HIS B 8 -30.73 9.35 -1.56
N PHE B 9 -30.57 9.71 -2.83
CA PHE B 9 -30.29 8.70 -3.85
C PHE B 9 -28.98 7.98 -3.58
N ILE B 10 -27.94 8.72 -3.21
CA ILE B 10 -26.64 8.11 -2.94
C ILE B 10 -26.76 7.14 -1.77
N ARG B 11 -27.44 7.55 -0.69
CA ARG B 11 -27.60 6.67 0.45
C ARG B 11 -28.41 5.44 0.10
N ARG B 12 -29.48 5.61 -0.67
CA ARG B 12 -30.30 4.46 -1.07
C ARG B 12 -29.49 3.47 -1.89
N ASN B 13 -28.70 3.97 -2.83
CA ASN B 13 -27.93 3.07 -3.69
C ASN B 13 -26.78 2.41 -2.95
N MET B 14 -26.15 3.14 -2.02
CA MET B 14 -25.08 2.56 -1.22
C MET B 14 -25.61 1.54 -0.22
N LYS B 15 -26.86 1.67 0.21
CA LYS B 15 -27.44 0.70 1.11
C LYS B 15 -27.62 -0.66 0.45
N LYS B 16 -27.66 -0.72 -0.88
CA LYS B 16 -27.86 -2.00 -1.56
C LYS B 16 -26.69 -2.95 -1.31
N ASN B 17 -25.46 -2.45 -1.37
CA ASN B 17 -24.26 -3.24 -1.14
C ASN B 17 -23.52 -2.63 0.06
N ARG B 18 -23.92 -3.06 1.26
CA ARG B 18 -23.26 -2.55 2.45
C ARG B 18 -21.87 -3.14 2.63
N LEU B 19 -21.72 -4.44 2.40
CA LEU B 19 -20.44 -5.10 2.61
C LEU B 19 -19.41 -4.74 1.55
N ARG B 20 -19.83 -4.13 0.44
CA ARG B 20 -18.88 -3.71 -0.58
C ARG B 20 -18.46 -2.25 -0.39
N VAL B 21 -19.42 -1.36 -0.17
CA VAL B 21 -19.07 0.02 0.09
C VAL B 21 -18.37 0.17 1.44
N PHE B 22 -18.70 -0.66 2.42
CA PHE B 22 -17.94 -0.61 3.66
C PHE B 22 -16.51 -1.08 3.45
N MET B 23 -16.30 -2.09 2.61
CA MET B 23 -14.94 -2.53 2.33
C MET B 23 -14.16 -1.45 1.59
N THR B 24 -14.81 -0.78 0.63
CA THR B 24 -14.13 0.32 -0.06
C THR B 24 -13.79 1.44 0.90
N ILE B 25 -14.71 1.77 1.81
CA ILE B 25 -14.44 2.79 2.81
C ILE B 25 -13.34 2.35 3.75
N LEU B 26 -13.26 1.06 4.06
CA LEU B 26 -12.18 0.55 4.90
C LEU B 26 -10.84 0.65 4.18
N ALA B 27 -10.79 0.33 2.89
CA ALA B 27 -9.55 0.46 2.15
C ALA B 27 -9.10 1.91 2.09
N THR B 28 -10.04 2.82 1.81
CA THR B 28 -9.70 4.24 1.79
C THR B 28 -9.28 4.72 3.18
N THR B 29 -9.97 4.26 4.23
CA THR B 29 -9.63 4.68 5.59
C THR B 29 -8.23 4.21 5.98
N MET B 30 -7.91 2.95 5.67
CA MET B 30 -6.57 2.44 5.94
C MET B 30 -5.52 3.17 5.12
N ALA B 31 -5.81 3.53 3.87
CA ALA B 31 -4.84 4.30 3.10
C ALA B 31 -4.66 5.71 3.63
N CYS B 32 -5.73 6.38 4.04
CA CYS B 32 -5.59 7.72 4.61
C CYS B 32 -4.84 7.67 5.93
N ALA B 33 -5.14 6.68 6.78
CA ALA B 33 -4.39 6.53 8.02
C ALA B 33 -2.93 6.21 7.72
N PHE B 34 -2.68 5.40 6.71
CA PHE B 34 -1.31 5.11 6.28
C PHE B 34 -0.59 6.37 5.86
N LEU B 35 -1.20 7.16 4.98
CA LEU B 35 -0.57 8.39 4.51
C LEU B 35 -0.31 9.35 5.66
N VAL B 36 -1.31 9.56 6.51
CA VAL B 36 -1.15 10.53 7.59
C VAL B 36 -0.11 10.06 8.60
N VAL B 37 -0.12 8.78 8.96
CA VAL B 37 0.84 8.27 9.92
C VAL B 37 2.26 8.33 9.35
N LEU B 38 2.42 7.92 8.09
CA LEU B 38 3.76 7.91 7.51
C LEU B 38 4.29 9.32 7.33
N SER B 39 3.47 10.25 6.85
CA SER B 39 3.92 11.63 6.73
C SER B 39 4.11 12.26 8.10
N SER B 40 3.33 11.85 9.09
CA SER B 40 3.50 12.35 10.44
C SER B 40 4.75 11.81 11.10
N VAL B 41 5.28 10.69 10.65
CA VAL B 41 6.59 10.26 11.12
C VAL B 41 7.64 11.32 10.75
N GLY B 42 7.63 11.76 9.49
CA GLY B 42 8.55 12.83 9.09
C GLY B 42 8.24 14.15 9.76
N PHE B 43 6.95 14.48 9.90
CA PHE B 43 6.58 15.71 10.58
C PHE B 43 7.06 15.70 12.04
N GLY B 44 6.91 14.57 12.71
CA GLY B 44 7.41 14.45 14.07
C GLY B 44 8.92 14.46 14.15
N ILE B 45 9.59 13.90 13.15
CA ILE B 45 11.04 14.01 13.11
C ILE B 45 11.46 15.47 13.01
N GLN B 46 10.79 16.24 12.14
CA GLN B 46 11.09 17.67 12.03
C GLN B 46 10.80 18.39 13.34
N LYS B 47 9.64 18.10 13.95
CA LYS B 47 9.28 18.78 15.19
C LYS B 47 10.25 18.45 16.31
N THR B 48 10.66 17.19 16.43
CA THR B 48 11.57 16.81 17.50
C THR B 48 12.99 17.31 17.24
N ILE B 49 13.40 17.43 15.98
CA ILE B 49 14.71 18.02 15.70
C ILE B 49 14.69 19.51 16.02
N THR B 50 13.59 20.19 15.69
CA THR B 50 13.47 21.60 16.05
C THR B 50 13.48 21.79 17.56
N ASP B 51 12.74 20.95 18.28
CA ASP B 51 12.71 21.06 19.74
C ASP B 51 14.08 20.75 20.34
N MET B 52 14.78 19.75 19.78
CA MET B 52 16.14 19.46 20.23
C MET B 52 17.07 20.63 19.97
N THR B 53 16.91 21.30 18.83
CA THR B 53 17.74 22.48 18.54
C THR B 53 17.46 23.58 19.54
N MET B 54 16.18 23.83 19.86
CA MET B 54 15.86 24.87 20.84
C MET B 54 16.40 24.51 22.23
N SER B 55 16.32 23.24 22.61
CA SER B 55 16.74 22.84 23.95
C SER B 55 18.25 22.77 24.11
N GLN B 56 18.97 22.38 23.05
CA GLN B 56 20.40 22.12 23.17
C GLN B 56 21.19 23.39 23.47
N GLN B 57 20.84 24.49 22.82
CA GLN B 57 21.54 25.76 22.99
C GLN B 57 20.52 26.85 23.29
N ILE B 58 21.03 28.06 23.51
CA ILE B 58 20.16 29.20 23.73
C ILE B 58 19.32 29.45 22.48
N VAL B 59 18.03 29.71 22.67
CA VAL B 59 17.14 29.96 21.54
C VAL B 59 17.62 31.17 20.75
N THR B 60 18.10 32.19 21.44
CA THR B 60 18.61 33.41 20.83
C THR B 60 20.11 33.48 21.08
N LYS B 61 20.90 33.06 20.09
CA LYS B 61 22.36 33.14 20.18
C LYS B 61 22.94 34.07 19.14
N VAL B 62 22.67 33.82 17.85
CA VAL B 62 23.15 34.64 16.75
C VAL B 62 24.66 34.89 16.86
N SER B 63 25.44 33.82 16.82
CA SER B 63 26.89 33.94 16.87
C SER B 63 27.43 34.36 15.51
N VAL B 64 28.41 35.27 15.53
CA VAL B 64 28.98 35.80 14.29
C VAL B 64 30.45 35.44 14.20
N MET B 65 30.83 34.30 14.77
CA MET B 65 32.22 33.86 14.70
C MET B 65 32.59 33.50 13.26
N GLY B 66 33.81 33.87 12.87
CA GLY B 66 34.30 33.56 11.54
C GLY B 66 34.11 34.66 10.52
N LYS B 67 34.55 35.88 10.86
CA LYS B 67 34.45 36.99 9.92
C LYS B 67 35.32 36.74 8.70
N GLU B 68 34.76 36.96 7.52
CA GLU B 68 35.49 36.78 6.28
C GLU B 68 36.27 38.05 5.94
N GLY B 69 37.39 37.86 5.24
CA GLY B 69 38.23 38.97 4.83
C GLY B 69 39.05 39.61 5.94
N ASP B 70 38.99 39.06 7.16
CA ASP B 70 39.75 39.58 8.30
C ASP B 70 39.39 41.03 8.61
N LYS B 71 38.19 41.46 8.22
CA LYS B 71 37.75 42.81 8.51
C LYS B 71 37.42 42.95 9.99
N PRO B 72 37.48 44.17 10.53
CA PRO B 72 37.21 44.35 11.96
C PRO B 72 35.81 43.88 12.34
N ILE B 73 35.71 43.29 13.52
CA ILE B 73 34.45 42.75 14.03
C ILE B 73 34.15 43.42 15.36
N LYS B 74 34.60 44.66 15.51
CA LYS B 74 34.44 45.39 16.76
C LYS B 74 32.97 45.65 17.06
N LYS B 75 32.63 45.67 18.35
CA LYS B 75 31.27 45.90 18.79
C LYS B 75 30.77 47.29 18.41
N ALA B 76 31.68 48.26 18.23
CA ALA B 76 31.27 49.62 17.93
C ALA B 76 30.46 49.72 16.66
N ASP B 77 30.69 48.82 15.70
CA ASP B 77 29.95 48.78 14.45
C ASP B 77 28.88 47.69 14.45
N LEU B 78 28.58 47.11 15.60
CA LEU B 78 27.67 45.98 15.69
C LEU B 78 26.39 46.28 16.46
N GLU B 79 26.14 47.52 16.84
CA GLU B 79 24.98 47.85 17.66
C GLU B 79 23.78 48.37 16.87
N LYS B 80 23.98 48.81 15.63
CA LYS B 80 22.95 49.54 14.90
C LYS B 80 22.29 48.64 13.86
N TYR B 81 21.32 47.85 14.31
CA TYR B 81 20.36 47.19 13.45
C TYR B 81 18.99 47.26 14.10
N ASP B 82 18.05 46.49 13.57
CA ASP B 82 16.66 46.52 14.04
C ASP B 82 16.56 45.84 15.40
N HIS B 83 16.16 46.64 16.40
CA HIS B 83 15.78 46.17 17.75
C HIS B 83 16.65 45.00 18.24
N VAL B 84 17.95 45.21 18.17
CA VAL B 84 18.91 44.23 18.70
C VAL B 84 19.00 44.45 20.21
N ARG B 85 18.57 43.44 20.98
CA ARG B 85 18.48 43.60 22.42
C ARG B 85 19.87 43.65 23.08
N SER B 86 20.85 42.98 22.50
CA SER B 86 22.18 42.92 23.12
C SER B 86 23.24 42.68 22.06
N VAL B 87 24.40 43.29 22.26
CA VAL B 87 25.53 43.17 21.35
C VAL B 87 26.72 42.62 22.14
N VAL B 88 26.43 41.72 23.07
CA VAL B 88 27.44 41.17 23.97
C VAL B 88 28.64 40.68 23.18
N GLU B 89 29.84 41.03 23.65
CA GLU B 89 31.09 40.67 23.00
C GLU B 89 31.88 39.75 23.93
N ARG B 90 32.38 38.64 23.39
CA ARG B 90 33.09 37.64 24.17
C ARG B 90 34.45 37.35 23.55
N THR B 91 35.45 37.18 24.40
CA THR B 91 36.79 36.77 23.99
C THR B 91 37.30 35.79 25.05
N GLN B 92 37.28 34.50 24.73
CA GLN B 92 37.69 33.48 25.69
C GLN B 92 39.19 33.56 25.93
N VAL B 93 39.59 33.15 27.13
CA VAL B 93 40.99 33.24 27.58
C VAL B 93 41.48 31.84 27.89
N TYR B 94 42.63 31.48 27.33
CA TYR B 94 43.26 30.18 27.55
C TYR B 94 44.47 30.41 28.47
N GLU B 95 44.26 30.23 29.77
CA GLU B 95 45.29 30.43 30.77
C GLU B 95 45.21 29.32 31.81
N PRO B 96 46.34 28.96 32.42
CA PRO B 96 46.30 27.97 33.51
C PRO B 96 45.64 28.56 34.75
N ASN B 97 44.56 27.93 35.19
CA ASN B 97 43.76 28.44 36.29
C ASN B 97 43.51 27.35 37.32
N LYS B 98 43.46 27.77 38.59
CA LYS B 98 43.20 26.87 39.71
C LYS B 98 42.82 27.73 40.92
N ALA B 99 41.68 27.43 41.53
CA ALA B 99 41.20 28.23 42.65
C ALA B 99 42.16 28.16 43.82
N THR B 100 42.80 29.29 44.14
CA THR B 100 43.77 29.35 45.23
C THR B 100 43.07 29.60 46.57
N LEU B 101 42.19 28.67 46.92
CA LEU B 101 41.43 28.72 48.17
C LEU B 101 41.63 27.39 48.89
N GLY B 102 42.59 27.36 49.82
CA GLY B 102 42.85 26.14 50.55
C GLY B 102 43.48 25.08 49.66
N ASN B 103 43.22 23.82 50.02
CA ASN B 103 43.74 22.69 49.26
C ASN B 103 42.90 22.35 48.03
N ARG B 104 41.74 23.01 47.86
CA ARG B 104 40.86 22.75 46.74
C ARG B 104 41.15 23.75 45.63
N THR B 105 41.47 23.25 44.43
CA THR B 105 41.81 24.07 43.29
C THR B 105 40.90 23.73 42.12
N ASN B 106 40.33 24.76 41.50
CA ASN B 106 39.42 24.59 40.36
C ASN B 106 40.26 24.65 39.09
N GLU B 107 40.78 23.49 38.68
CA GLU B 107 41.65 23.44 37.51
C GLU B 107 40.90 23.81 36.24
N SER B 108 39.67 23.34 36.09
CA SER B 108 38.89 23.57 34.88
C SER B 108 38.03 24.82 35.06
N SER B 109 38.31 25.85 34.27
CA SER B 109 37.53 27.08 34.29
C SER B 109 37.72 27.80 32.97
N ASN B 110 36.64 28.38 32.46
CA ASN B 110 36.65 29.09 31.18
C ASN B 110 36.31 30.55 31.43
N LEU B 111 37.33 31.39 31.52
CA LEU B 111 37.12 32.81 31.75
C LEU B 111 36.43 33.46 30.55
N ILE B 112 35.43 34.28 30.84
CA ILE B 112 34.62 34.93 29.82
C ILE B 112 34.59 36.42 30.10
N PHE B 113 34.85 37.23 29.08
CA PHE B 113 34.89 38.68 29.22
C PHE B 113 33.58 39.28 28.76
N THR B 114 32.92 40.02 29.65
CA THR B 114 31.57 40.54 29.41
C THR B 114 31.35 41.79 30.25
N ASN B 115 30.64 42.75 29.68
CA ASN B 115 30.11 43.87 30.43
C ASN B 115 28.74 43.51 30.99
N MET B 116 28.52 43.84 32.26
CA MET B 116 27.28 43.45 32.91
C MET B 116 26.07 44.21 32.39
N ASN B 117 26.26 45.37 31.76
CA ASN B 117 25.15 46.06 31.12
C ASN B 117 24.67 45.28 29.90
N ASP B 118 25.62 44.85 29.05
CA ASP B 118 25.26 43.98 27.92
C ASP B 118 24.68 42.66 28.41
N GLU B 119 25.11 42.20 29.59
CA GLU B 119 24.50 41.01 30.18
C GLU B 119 23.05 41.27 30.57
N LEU B 120 22.78 42.43 31.19
CA LEU B 120 21.42 42.76 31.59
C LEU B 120 20.51 42.88 30.37
N LYS B 121 21.01 43.47 29.29
CA LYS B 121 20.21 43.56 28.08
C LYS B 121 20.21 42.26 27.28
N ALA B 122 21.00 41.26 27.70
CA ALA B 122 20.97 39.95 27.05
C ALA B 122 20.10 38.94 27.78
N ASN B 123 19.81 39.18 29.06
CA ASN B 123 18.93 38.32 29.85
C ASN B 123 19.43 36.88 29.91
N MET B 124 20.72 36.70 30.14
CA MET B 124 21.26 35.36 30.32
C MET B 124 20.81 34.82 31.67
N GLU B 125 20.47 33.53 31.71
CA GLU B 125 19.91 32.92 32.90
C GLU B 125 20.89 32.97 34.08
N LEU B 126 20.53 33.76 35.09
CA LEU B 126 21.39 34.02 36.25
C LEU B 126 20.76 33.43 37.49
N GLU B 127 21.48 32.54 38.16
CA GLU B 127 20.97 31.91 39.37
C GLU B 127 21.04 32.83 40.58
N LYS B 128 22.11 33.62 40.68
CA LYS B 128 22.35 34.43 41.88
C LYS B 128 23.11 35.69 41.48
N GLY B 129 22.90 36.76 42.24
CA GLY B 129 23.60 38.01 42.02
C GLY B 129 22.86 38.93 41.07
N ARG B 130 22.79 40.21 41.39
CA ARG B 130 22.09 41.16 40.53
C ARG B 130 22.94 41.55 39.33
N VAL B 131 24.07 42.20 39.57
CA VAL B 131 25.01 42.59 38.53
C VAL B 131 26.39 42.74 39.15
N ALA B 132 27.41 42.66 38.30
CA ALA B 132 28.79 42.80 38.73
C ALA B 132 29.48 43.97 38.03
N LYS B 133 28.80 45.12 37.98
CA LYS B 133 29.31 46.30 37.30
C LYS B 133 30.37 46.99 38.18
N SER B 134 31.54 46.35 38.24
CA SER B 134 32.67 46.89 38.97
C SER B 134 33.95 46.32 38.37
N GLU B 135 35.07 47.00 38.67
CA GLU B 135 36.35 46.54 38.15
C GLU B 135 36.77 45.21 38.80
N ASN B 136 36.34 44.96 40.03
CA ASN B 136 36.75 43.75 40.72
C ASN B 136 35.54 42.95 41.20
N GLU B 137 34.57 42.75 40.32
CA GLU B 137 33.38 41.96 40.61
C GLU B 137 33.15 40.97 39.48
N ILE B 138 32.85 39.72 39.84
CA ILE B 138 32.71 38.62 38.89
C ILE B 138 31.46 37.82 39.24
N VAL B 139 31.04 36.99 38.28
CA VAL B 139 29.95 36.03 38.48
C VAL B 139 30.47 34.66 38.08
N VAL B 140 30.50 33.74 39.04
CA VAL B 140 31.07 32.42 38.80
C VAL B 140 30.08 31.54 38.05
N GLY B 141 30.60 30.45 37.49
CA GLY B 141 29.77 29.52 36.75
C GLY B 141 28.96 28.61 37.65
N TYR B 142 27.93 27.99 37.05
CA TYR B 142 27.01 27.16 37.83
C TYR B 142 27.73 25.97 38.46
N ASP B 143 28.60 25.31 37.69
CA ASP B 143 29.36 24.18 38.21
C ASP B 143 30.69 24.63 38.81
N PHE B 144 30.63 25.60 39.71
CA PHE B 144 31.83 26.10 40.37
C PHE B 144 32.27 25.21 41.53
N ALA B 145 31.41 24.31 41.99
CA ALA B 145 31.75 23.40 43.08
C ALA B 145 32.13 22.01 42.60
N LYS B 146 31.49 21.51 41.54
CA LYS B 146 31.82 20.18 41.04
C LYS B 146 33.25 20.13 40.51
N ARG B 147 33.66 21.15 39.77
CA ARG B 147 35.01 21.18 39.20
C ARG B 147 36.06 21.69 40.17
N LEU B 148 35.66 22.17 41.34
CA LEU B 148 36.61 22.66 42.34
C LEU B 148 36.95 21.50 43.27
N LEU B 149 37.87 20.67 42.82
CA LEU B 149 38.33 19.50 43.56
C LEU B 149 39.66 19.77 44.22
N THR B 150 39.92 19.08 45.33
CA THR B 150 41.20 19.20 46.00
C THR B 150 42.29 18.53 45.17
N LYS B 151 43.55 18.88 45.48
CA LYS B 151 44.66 18.31 44.74
C LYS B 151 44.74 16.79 44.91
N LYS B 152 44.58 16.31 46.15
CA LYS B 152 44.60 14.87 46.37
C LYS B 152 43.41 14.19 45.72
N GLU B 153 42.22 14.81 45.80
CA GLU B 153 41.04 14.22 45.17
C GLU B 153 41.18 14.16 43.66
N SER B 154 41.69 15.22 43.04
CA SER B 154 41.90 15.21 41.59
C SER B 154 42.95 14.18 41.20
N GLU B 155 44.04 14.09 41.98
CA GLU B 155 45.07 13.11 41.68
C GLU B 155 44.53 11.69 41.77
N GLU B 156 43.77 11.37 42.82
CA GLU B 156 43.24 10.02 42.95
C GLU B 156 42.17 9.73 41.90
N TYR B 157 41.37 10.73 41.52
CA TYR B 157 40.41 10.54 40.44
C TYR B 157 41.10 10.26 39.12
N ASN B 158 42.17 11.00 38.83
CA ASN B 158 42.92 10.75 37.59
C ASN B 158 43.57 9.36 37.62
N LYS B 159 44.11 8.95 38.78
CA LYS B 159 44.70 7.62 38.88
C LYS B 159 43.65 6.53 38.70
N LYS B 160 42.45 6.74 39.27
CA LYS B 160 41.38 5.77 39.08
C LYS B 160 40.91 5.70 37.63
N ILE B 161 40.88 6.86 36.95
CA ILE B 161 40.54 6.88 35.53
C ILE B 161 41.60 6.11 34.73
N GLU B 162 42.87 6.31 35.05
CA GLU B 162 43.94 5.57 34.39
C GLU B 162 43.83 4.08 34.67
N GLU B 163 43.38 3.70 35.87
CA GLU B 163 43.20 2.28 36.18
C GLU B 163 42.14 1.65 35.28
N ALA B 164 41.05 2.37 35.02
CA ALA B 164 40.01 1.90 34.13
C ALA B 164 40.27 2.23 32.67
N LYS B 165 41.40 2.87 32.37
CA LYS B 165 41.79 3.24 31.00
C LYS B 165 40.73 4.19 30.45
N GLY B 166 40.48 4.13 29.14
CA GLY B 166 39.52 5.00 28.50
C GLY B 166 38.08 4.56 28.61
N ASN B 167 37.81 3.44 29.26
CA ASN B 167 36.45 2.94 29.40
C ASN B 167 35.67 3.84 30.36
N PRO B 168 34.53 4.40 29.94
CA PRO B 168 33.72 5.24 30.85
C PRO B 168 32.89 4.41 31.83
N GLU B 169 33.56 3.92 32.87
CA GLU B 169 32.94 3.08 33.89
C GLU B 169 32.30 3.97 34.95
N ASP B 170 31.92 3.36 36.07
CA ASP B 170 31.30 4.04 37.21
C ASP B 170 32.28 4.88 38.02
N ILE B 171 33.48 5.13 37.50
CA ILE B 171 34.47 5.94 38.20
C ILE B 171 33.89 7.33 38.46
N LYS B 172 33.77 7.69 39.73
CA LYS B 172 33.19 8.97 40.11
C LYS B 172 33.87 9.47 41.38
N GLU B 173 33.78 10.77 41.60
CA GLU B 173 34.36 11.43 42.75
C GLU B 173 33.33 12.41 43.30
N PRO B 174 33.44 12.77 44.59
CA PRO B 174 32.51 13.74 45.16
C PRO B 174 32.62 15.09 44.48
N LYS B 175 31.60 15.92 44.66
CA LYS B 175 31.50 17.19 43.94
C LYS B 175 32.33 18.28 44.60
N GLY B 176 33.60 17.98 44.91
CA GLY B 176 34.56 18.98 45.33
C GLY B 176 34.11 19.93 46.42
N TYR B 177 33.97 21.20 46.05
CA TYR B 177 33.57 22.24 46.98
C TYR B 177 32.19 21.93 47.57
N THR B 178 32.08 22.08 48.89
CA THR B 178 30.82 21.84 49.59
C THR B 178 30.36 23.05 50.40
N LYS B 179 31.18 24.08 50.54
CA LYS B 179 30.80 25.26 51.30
C LYS B 179 29.94 26.18 50.44
N ASP B 180 29.56 27.33 51.01
CA ASP B 180 28.73 28.28 50.30
C ASP B 180 29.51 28.94 49.16
N ILE B 181 28.79 29.29 48.10
CA ILE B 181 29.37 29.96 46.94
C ILE B 181 28.93 31.41 46.97
N LEU B 182 28.68 31.93 48.17
CA LEU B 182 28.23 33.30 48.36
C LEU B 182 29.41 34.25 48.14
N ASN B 183 29.19 35.53 48.45
CA ASN B 183 30.23 36.55 48.29
C ASN B 183 31.43 36.24 49.17
N LYS B 184 32.57 35.89 48.56
CA LYS B 184 33.77 35.55 49.29
C LYS B 184 34.98 36.38 48.90
N THR B 185 34.95 37.10 47.78
CA THR B 185 36.07 37.88 47.27
C THR B 185 37.32 37.01 47.17
N ILE B 186 37.22 36.02 46.29
CA ILE B 186 38.27 35.03 46.09
C ILE B 186 39.00 35.33 44.79
N GLU B 187 40.19 34.75 44.65
CA GLU B 187 41.03 34.94 43.49
C GLU B 187 41.29 33.58 42.85
N LEU B 188 41.34 33.56 41.51
CA LEU B 188 41.49 32.30 40.76
C LEU B 188 42.61 32.44 39.72
N SER B 189 43.85 32.26 40.16
CA SER B 189 45.01 31.92 39.32
C SER B 189 45.01 32.66 37.99
N VAL B 190 45.15 33.99 38.07
CA VAL B 190 45.25 34.83 36.89
C VAL B 190 46.65 34.71 36.30
N SER B 191 47.44 33.78 36.84
CA SER B 191 48.80 33.49 36.38
C SER B 191 48.91 33.54 34.86
N LYS B 192 49.91 34.28 34.38
CA LYS B 192 50.06 34.51 32.95
C LYS B 192 50.64 33.30 32.24
N THR B 193 50.19 33.09 31.01
CA THR B 193 50.90 32.25 30.04
C THR B 193 51.78 33.10 29.14
N ASP B 194 52.65 33.91 29.77
CA ASP B 194 53.40 34.97 29.10
C ASP B 194 52.43 35.89 28.37
N SER B 195 51.45 36.39 29.13
CA SER B 195 50.29 37.09 28.60
C SER B 195 49.45 36.12 27.78
N LYS B 196 50.03 35.52 26.74
CA LYS B 196 49.20 34.51 26.04
C LYS B 196 50.00 33.48 25.24
N THR B 197 51.30 33.67 25.01
CA THR B 197 51.91 32.68 24.13
C THR B 197 52.51 31.47 24.84
N GLY B 198 53.66 31.64 25.49
CA GLY B 198 54.39 30.43 25.89
C GLY B 198 55.30 30.38 27.11
N ASP B 199 55.46 31.46 27.85
CA ASP B 199 56.58 31.54 28.79
C ASP B 199 56.18 31.59 30.24
N VAL B 200 55.01 32.15 30.56
CA VAL B 200 54.52 32.32 31.93
C VAL B 200 55.42 33.31 32.66
N THR B 201 55.04 34.58 32.65
CA THR B 201 55.73 35.63 33.38
C THR B 201 55.30 35.62 34.84
N LYS B 202 55.61 36.70 35.56
CA LYS B 202 55.14 36.89 36.93
C LYS B 202 53.66 36.52 37.06
N THR B 203 53.34 35.76 38.10
CA THR B 203 52.03 35.15 38.24
C THR B 203 50.92 36.18 38.22
N LYS B 204 50.87 37.03 39.25
CA LYS B 204 49.86 38.08 39.44
C LYS B 204 48.44 37.53 39.50
N THR B 205 47.65 37.99 40.47
CA THR B 205 46.30 37.46 40.65
C THR B 205 45.45 38.55 41.30
N TYR B 206 44.50 39.11 40.53
CA TYR B 206 43.56 40.06 41.09
C TYR B 206 42.59 39.37 42.05
N ASP B 207 42.05 40.15 42.98
CA ASP B 207 41.02 39.69 43.90
C ASP B 207 39.66 40.15 43.39
N PHE B 208 38.77 39.20 43.12
CA PHE B 208 37.47 39.48 42.54
C PHE B 208 36.37 39.07 43.51
N LYS B 209 35.40 39.96 43.71
CA LYS B 209 34.26 39.66 44.56
C LYS B 209 33.23 38.84 43.79
N ILE B 210 32.80 37.73 44.39
CA ILE B 210 31.82 36.86 43.76
C ILE B 210 30.43 37.40 44.03
N VAL B 211 29.93 38.25 43.13
CA VAL B 211 28.61 38.85 43.32
C VAL B 211 27.53 37.77 43.25
N GLY B 212 27.63 36.87 42.27
CA GLY B 212 26.61 35.85 42.12
C GLY B 212 27.13 34.68 41.29
N ILE B 213 26.19 33.80 40.95
CA ILE B 213 26.49 32.59 40.19
C ILE B 213 25.52 32.51 39.02
N THR B 214 25.94 31.82 37.97
CA THR B 214 25.11 31.60 36.80
C THR B 214 24.20 30.40 37.02
N LYS B 215 23.12 30.35 36.26
CA LYS B 215 22.16 29.26 36.37
C LYS B 215 22.65 28.04 35.58
N LYS B 216 21.83 26.99 35.57
CA LYS B 216 22.19 25.78 34.86
C LYS B 216 22.35 26.06 33.37
N PRO B 217 23.37 25.51 32.72
CA PRO B 217 23.57 25.77 31.29
C PRO B 217 22.45 25.23 30.42
N SER B 218 22.54 25.44 29.10
CA SER B 218 21.50 25.00 28.19
C SER B 218 21.32 23.49 28.20
N GLN B 219 22.33 22.73 28.59
CA GLN B 219 22.24 21.29 28.66
C GLN B 219 22.90 20.78 29.93
N ASP B 220 22.44 19.62 30.39
CA ASP B 220 22.92 19.05 31.64
C ASP B 220 24.32 18.46 31.49
N TRP B 221 24.59 17.78 30.37
CA TRP B 221 25.85 17.06 30.23
C TRP B 221 27.04 18.02 30.21
N MET B 222 26.92 19.14 29.49
CA MET B 222 28.03 20.08 29.39
C MET B 222 28.13 20.91 30.67
N GLU B 223 29.36 21.14 31.11
CA GLU B 223 29.63 21.84 32.36
C GLU B 223 29.87 23.32 32.09
N ASP B 224 30.06 24.09 33.16
CA ASP B 224 30.27 25.53 33.04
C ASP B 224 31.00 26.02 34.29
N SER B 225 32.17 26.63 34.10
CA SER B 225 32.95 27.19 35.21
C SER B 225 33.45 28.57 34.82
N ASN B 226 32.56 29.41 34.29
CA ASN B 226 32.95 30.73 33.85
C ASN B 226 33.26 31.64 35.04
N ILE B 227 33.91 32.76 34.75
CA ILE B 227 34.30 33.71 35.79
C ILE B 227 33.58 35.03 35.54
N PHE B 228 33.28 35.32 34.28
CA PHE B 228 32.55 36.53 33.88
C PHE B 228 33.28 37.79 34.33
N ILE B 229 34.49 37.97 33.80
CA ILE B 229 35.26 39.18 34.07
C ILE B 229 34.58 40.37 33.41
N SER B 230 34.59 41.50 34.12
CA SER B 230 33.95 42.71 33.61
C SER B 230 34.71 43.26 32.41
N ASP B 231 33.96 43.84 31.47
CA ASP B 231 34.57 44.44 30.29
C ASP B 231 35.23 45.78 30.58
N GLN B 232 34.89 46.42 31.70
CA GLN B 232 35.64 47.61 32.10
C GLN B 232 37.07 47.24 32.49
N PHE B 233 37.27 46.06 33.07
CA PHE B 233 38.60 45.55 33.37
C PHE B 233 39.27 44.95 32.13
N LYS B 234 38.52 44.80 31.03
CA LYS B 234 39.09 44.20 29.82
C LYS B 234 40.23 45.03 29.26
N LYS B 235 40.13 46.36 29.38
CA LYS B 235 41.19 47.22 28.86
C LYS B 235 42.51 46.95 29.56
N ASP B 236 42.50 46.95 30.90
CA ASP B 236 43.72 46.66 31.64
C ASP B 236 44.15 45.21 31.47
N PHE B 237 43.19 44.30 31.32
CA PHE B 237 43.53 42.89 31.12
C PHE B 237 44.28 42.70 29.80
N SER B 238 43.85 43.42 28.78
CA SER B 238 44.58 43.37 27.49
C SER B 238 45.93 44.06 27.68
N GLU B 239 45.94 45.17 28.42
CA GLU B 239 47.17 45.94 28.59
C GLU B 239 48.27 45.10 29.23
N PHE B 240 47.93 44.32 30.25
CA PHE B 240 48.93 43.54 30.99
C PHE B 240 48.96 42.09 30.53
N LEU B 241 47.84 41.39 30.61
CA LEU B 241 47.72 40.02 30.11
C LEU B 241 47.29 40.06 28.64
N ASP B 242 48.21 40.48 27.78
CA ASP B 242 47.91 40.51 26.32
C ASP B 242 47.63 39.09 25.83
N PHE B 243 46.35 38.76 25.60
CA PHE B 243 45.97 37.42 25.09
C PHE B 243 45.38 37.55 23.69
N LYS B 244 45.07 38.77 23.26
CA LYS B 244 44.39 39.02 21.95
C LYS B 244 44.93 38.14 20.83
N GLY B 245 44.05 37.72 19.90
CA GLY B 245 44.48 36.92 18.74
C GLY B 245 43.96 35.50 18.80
N GLY B 246 44.84 34.51 18.86
CA GLY B 246 44.47 33.09 18.99
C GLY B 246 44.25 32.47 20.38
N ASN B 247 45.06 32.76 21.43
CA ASN B 247 44.63 32.12 22.70
C ASN B 247 43.31 32.82 22.92
N VAL B 248 42.79 33.38 21.83
CA VAL B 248 41.57 34.18 21.84
C VAL B 248 40.64 33.67 20.75
N GLU B 249 39.41 33.33 21.12
CA GLU B 249 38.37 32.91 20.19
C GLU B 249 37.16 33.81 20.42
N THR B 250 36.88 34.69 19.47
CA THR B 250 35.77 35.63 19.62
C THR B 250 34.44 34.90 19.61
N ASN B 251 33.59 35.19 20.59
CA ASN B 251 32.27 34.59 20.68
C ASN B 251 31.21 35.68 20.77
N ILE B 252 31.32 36.68 19.91
CA ILE B 252 30.41 37.82 19.96
C ILE B 252 28.99 37.36 19.62
N GLY B 253 28.04 37.76 20.46
CA GLY B 253 26.64 37.43 20.26
C GLY B 253 25.86 38.64 19.80
N VAL B 254 24.83 38.39 18.99
CA VAL B 254 23.99 39.45 18.43
C VAL B 254 22.56 39.20 18.90
N PHE B 255 22.41 38.69 20.12
CA PHE B 255 21.11 38.27 20.63
C PHE B 255 20.07 39.37 20.48
N ALA B 256 18.90 38.99 19.99
CA ALA B 256 17.76 39.87 19.82
C ALA B 256 16.69 39.54 20.86
N ASP B 257 15.62 40.34 20.86
CA ASP B 257 14.63 40.25 21.92
C ASP B 257 13.88 38.92 21.90
N LYS B 258 13.49 38.45 20.72
CA LYS B 258 12.68 37.24 20.63
C LYS B 258 13.07 36.45 19.39
N PHE B 259 12.46 35.27 19.24
CA PHE B 259 12.80 34.38 18.14
C PHE B 259 12.43 34.99 16.79
N GLU B 260 11.29 35.67 16.71
CA GLU B 260 10.94 36.37 15.48
C GLU B 260 11.95 37.47 15.18
N ASN B 261 12.50 38.09 16.22
CA ASN B 261 13.59 39.04 16.00
C ASN B 261 14.85 38.35 15.51
N VAL B 262 15.10 37.11 15.95
CA VAL B 262 16.19 36.33 15.37
C VAL B 262 15.94 36.08 13.90
N GLU B 263 14.70 35.77 13.53
CA GLU B 263 14.38 35.54 12.13
C GLU B 263 14.59 36.80 11.29
N GLN B 264 14.17 37.95 11.81
CA GLN B 264 14.38 39.19 11.05
C GLN B 264 15.86 39.57 10.99
N LEU B 265 16.63 39.28 12.04
CA LEU B 265 18.07 39.50 11.98
C LEU B 265 18.71 38.60 10.92
N THR B 266 18.27 37.34 10.84
CA THR B 266 18.75 36.45 9.79
C THR B 266 18.37 36.97 8.42
N ASN B 267 17.16 37.52 8.27
CA ASN B 267 16.79 38.16 7.02
C ASN B 267 17.71 39.34 6.71
N ASP B 268 18.16 40.06 7.73
CA ASP B 268 19.09 41.17 7.56
C ASP B 268 20.54 40.68 7.46
N LEU B 269 20.79 39.75 6.55
CA LEU B 269 22.12 39.27 6.26
C LEU B 269 22.72 40.06 5.10
N THR B 270 23.81 39.54 4.53
CA THR B 270 24.59 40.09 3.42
C THR B 270 25.29 41.39 3.78
N ASP B 271 25.12 41.89 5.00
CA ASP B 271 25.89 43.01 5.53
C ASP B 271 26.60 42.64 6.82
N ASP B 272 25.95 41.90 7.70
CA ASP B 272 26.56 41.32 8.88
C ASP B 272 26.89 39.84 8.69
N GLY B 273 27.27 39.46 7.47
CA GLY B 273 27.55 38.07 7.14
C GLY B 273 28.90 37.61 7.64
N TYR B 274 29.02 37.44 8.96
CA TYR B 274 30.28 37.06 9.61
C TYR B 274 30.31 35.56 9.88
N TYR B 275 29.77 34.76 8.96
CA TYR B 275 29.56 33.33 9.15
C TYR B 275 28.66 33.08 10.37
N VAL B 276 27.43 33.58 10.26
CA VAL B 276 26.49 33.49 11.37
C VAL B 276 26.07 32.05 11.58
N THR B 277 26.10 31.60 12.83
CA THR B 277 25.71 30.25 13.21
C THR B 277 24.48 30.29 14.12
N SER B 278 23.53 31.17 13.79
CA SER B 278 22.32 31.29 14.58
C SER B 278 21.45 30.04 14.41
N VAL B 279 20.40 29.97 15.24
CA VAL B 279 19.50 28.82 15.17
C VAL B 279 18.73 28.81 13.85
N THR B 280 18.38 29.99 13.32
CA THR B 280 17.64 30.03 12.06
C THR B 280 18.53 29.67 10.87
N THR B 281 19.77 30.17 10.86
CA THR B 281 20.69 29.82 9.77
C THR B 281 20.99 28.33 9.77
N GLU B 282 21.20 27.75 10.96
CA GLU B 282 21.42 26.31 11.05
C GLU B 282 20.17 25.54 10.66
N LEU B 283 19.00 26.03 11.06
CA LEU B 283 17.76 25.31 10.81
C LEU B 283 17.22 25.48 9.40
N GLU B 284 17.77 26.40 8.61
CA GLU B 284 17.32 26.53 7.22
C GLU B 284 17.64 25.26 6.41
N GLY B 285 18.85 24.73 6.56
CA GLY B 285 19.18 23.48 5.88
C GLY B 285 18.36 22.31 6.39
N ALA B 286 18.11 22.27 7.69
CA ALA B 286 17.24 21.25 8.24
C ALA B 286 15.83 21.37 7.69
N ASN B 287 15.34 22.60 7.51
CA ASN B 287 14.02 22.81 6.95
C ASN B 287 13.97 22.35 5.49
N THR B 288 15.03 22.61 4.73
CA THR B 288 15.07 22.12 3.35
C THR B 288 15.05 20.59 3.31
N PHE B 289 15.89 19.95 4.13
CA PHE B 289 15.91 18.49 4.16
C PHE B 289 14.58 17.93 4.62
N PHE B 290 13.94 18.59 5.58
CA PHE B 290 12.65 18.11 6.09
C PHE B 290 11.54 18.34 5.08
N MET B 291 11.62 19.41 4.28
CA MET B 291 10.67 19.56 3.18
C MET B 291 10.82 18.43 2.19
N VAL B 292 12.06 18.07 1.86
CA VAL B 292 12.28 16.93 0.96
C VAL B 292 11.74 15.65 1.58
N PHE B 293 12.01 15.43 2.86
CA PHE B 293 11.57 14.22 3.54
C PHE B 293 10.05 14.14 3.62
N LYS B 294 9.39 15.25 3.94
CA LYS B 294 7.94 15.26 4.04
C LYS B 294 7.30 15.08 2.68
N ILE B 295 7.88 15.67 1.63
CA ILE B 295 7.36 15.44 0.28
C ILE B 295 7.51 13.97 -0.11
N GLY B 296 8.66 13.38 0.20
CA GLY B 296 8.86 11.97 -0.11
C GLY B 296 7.90 11.07 0.63
N LEU B 297 7.68 11.34 1.92
CA LEU B 297 6.75 10.54 2.70
C LEU B 297 5.31 10.77 2.25
N ILE B 298 4.96 11.98 1.84
CA ILE B 298 3.65 12.25 1.29
C ILE B 298 3.43 11.44 0.02
N PHE B 299 4.44 11.39 -0.86
CA PHE B 299 4.32 10.59 -2.07
C PHE B 299 4.24 9.10 -1.76
N VAL B 300 5.02 8.65 -0.77
CA VAL B 300 5.01 7.23 -0.41
C VAL B 300 3.63 6.83 0.12
N GLY B 301 3.03 7.68 0.95
CA GLY B 301 1.65 7.45 1.35
C GLY B 301 0.67 7.58 0.19
N CYS B 302 0.95 8.50 -0.74
CA CYS B 302 0.07 8.70 -1.88
C CYS B 302 0.02 7.46 -2.75
N ILE B 303 1.08 6.67 -2.77
CA ILE B 303 1.03 5.41 -3.51
C ILE B 303 -0.02 4.48 -2.91
N ALA B 304 0.01 4.30 -1.59
CA ALA B 304 -0.99 3.48 -0.93
C ALA B 304 -2.38 4.09 -0.97
N VAL B 305 -2.47 5.40 -1.20
CA VAL B 305 -3.78 6.05 -1.33
C VAL B 305 -4.30 5.87 -2.75
N ILE B 306 -3.41 5.84 -3.73
CA ILE B 306 -3.81 5.54 -5.09
C ILE B 306 -4.25 4.08 -5.21
N ILE B 307 -3.70 3.19 -4.38
CA ILE B 307 -4.21 1.82 -4.34
C ILE B 307 -5.69 1.81 -3.95
N SER B 308 -6.03 2.53 -2.88
CA SER B 308 -7.43 2.59 -2.48
C SER B 308 -8.27 3.37 -3.48
N ALA B 309 -7.65 4.31 -4.20
CA ALA B 309 -8.35 4.99 -5.28
C ALA B 309 -8.72 4.03 -6.39
N ILE B 310 -7.82 3.11 -6.72
CA ILE B 310 -8.12 2.08 -7.71
C ILE B 310 -9.25 1.18 -7.20
N GLY B 311 -9.21 0.84 -5.92
CA GLY B 311 -10.32 0.10 -5.33
C GLY B 311 -11.64 0.85 -5.42
N ILE B 312 -11.60 2.16 -5.18
CA ILE B 312 -12.79 3.01 -5.30
C ILE B 312 -13.31 2.98 -6.72
N PHE B 313 -12.41 3.08 -7.70
CA PHE B 313 -12.82 3.01 -9.09
C PHE B 313 -13.46 1.67 -9.42
N ASN B 314 -12.89 0.59 -8.89
CA ASN B 314 -13.47 -0.73 -9.10
C ASN B 314 -14.90 -0.78 -8.56
N THR B 315 -15.09 -0.40 -7.31
CA THR B 315 -16.43 -0.45 -6.74
C THR B 315 -17.37 0.57 -7.39
N MET B 316 -16.84 1.64 -7.98
CA MET B 316 -17.71 2.63 -8.61
C MET B 316 -18.16 2.19 -9.98
N THR B 317 -17.30 1.54 -10.77
CA THR B 317 -17.77 0.90 -11.98
C THR B 317 -18.72 -0.24 -11.66
N MET B 318 -18.48 -0.93 -10.55
CA MET B 318 -19.43 -1.94 -10.07
C MET B 318 -20.79 -1.31 -9.82
N ALA B 319 -20.81 -0.16 -9.15
CA ALA B 319 -22.05 0.55 -8.87
C ALA B 319 -22.72 1.03 -10.15
N VAL B 320 -21.93 1.54 -11.10
CA VAL B 320 -22.50 2.01 -12.36
C VAL B 320 -23.16 0.86 -13.10
N THR B 321 -22.49 -0.30 -13.15
CA THR B 321 -23.09 -1.47 -13.78
C THR B 321 -24.37 -1.90 -13.05
N GLU B 322 -24.35 -1.87 -11.72
CA GLU B 322 -25.54 -2.28 -10.98
C GLU B 322 -26.67 -1.26 -11.09
N ARG B 323 -26.34 0.00 -11.32
CA ARG B 323 -27.33 1.07 -11.38
C ARG B 323 -27.76 1.40 -12.79
N THR B 324 -27.44 0.54 -13.77
CA THR B 324 -27.71 0.88 -15.17
C THR B 324 -29.19 1.07 -15.42
N GLN B 325 -30.06 0.28 -14.78
CA GLN B 325 -31.50 0.45 -14.98
C GLN B 325 -31.99 1.78 -14.42
N GLU B 326 -31.61 2.09 -13.17
CA GLU B 326 -32.05 3.33 -12.53
C GLU B 326 -31.53 4.53 -13.30
N ILE B 327 -30.26 4.52 -13.67
CA ILE B 327 -29.69 5.62 -14.45
C ILE B 327 -30.38 5.72 -15.80
N GLY B 328 -30.69 4.58 -16.42
CA GLY B 328 -31.30 4.62 -17.73
C GLY B 328 -32.67 5.26 -17.71
N ILE B 329 -33.52 4.87 -16.76
CA ILE B 329 -34.83 5.49 -16.72
C ILE B 329 -34.78 6.89 -16.12
N MET B 330 -33.73 7.23 -15.35
CA MET B 330 -33.58 8.60 -14.91
C MET B 330 -33.22 9.51 -16.08
N LYS B 331 -32.31 9.05 -16.94
CA LYS B 331 -32.02 9.78 -18.17
C LYS B 331 -33.24 9.87 -19.06
N ALA B 332 -34.04 8.79 -19.12
CA ALA B 332 -35.26 8.82 -19.90
C ALA B 332 -36.22 9.88 -19.36
N ILE B 333 -36.33 9.98 -18.03
CA ILE B 333 -37.16 11.02 -17.43
C ILE B 333 -36.60 12.40 -17.74
N GLY B 334 -35.28 12.54 -17.83
CA GLY B 334 -34.68 13.83 -18.11
C GLY B 334 -33.70 14.28 -17.04
N ALA B 335 -33.04 13.33 -16.39
CA ALA B 335 -32.16 13.63 -15.27
C ALA B 335 -30.98 14.51 -15.66
N SER B 336 -30.66 14.63 -16.94
CA SER B 336 -29.56 15.45 -17.47
C SER B 336 -28.21 14.84 -17.13
N PRO B 337 -27.23 14.93 -18.03
CA PRO B 337 -25.90 14.40 -17.71
C PRO B 337 -25.25 15.06 -16.51
N SER B 338 -25.48 16.36 -16.31
CA SER B 338 -24.81 17.06 -15.23
C SER B 338 -25.22 16.50 -13.87
N ILE B 339 -26.51 16.24 -13.68
CA ILE B 339 -26.99 15.77 -12.38
C ILE B 339 -26.45 14.39 -12.07
N ILE B 340 -26.43 13.49 -13.07
CA ILE B 340 -25.95 12.14 -12.83
C ILE B 340 -24.44 12.13 -12.61
N ARG B 341 -23.70 12.93 -13.37
CA ARG B 341 -22.26 13.04 -13.14
C ARG B 341 -21.99 13.57 -11.74
N ARG B 342 -22.75 14.59 -11.32
CA ARG B 342 -22.57 15.11 -9.97
C ARG B 342 -22.92 14.06 -8.92
N MET B 343 -23.97 13.27 -9.16
CA MET B 343 -24.36 12.24 -8.20
C MET B 343 -23.26 11.20 -8.04
N PHE B 344 -22.69 10.74 -9.15
CA PHE B 344 -21.67 9.69 -9.03
C PHE B 344 -20.33 10.23 -8.55
N LEU B 345 -19.95 11.43 -8.98
CA LEU B 345 -18.78 12.06 -8.41
C LEU B 345 -18.96 12.31 -6.92
N MET B 346 -20.18 12.61 -6.49
CA MET B 346 -20.44 12.79 -5.07
C MET B 346 -20.42 11.47 -4.31
N GLU B 347 -20.88 10.37 -4.92
CA GLU B 347 -20.74 9.09 -4.26
C GLU B 347 -19.27 8.72 -4.08
N SER B 348 -18.46 8.91 -5.12
CA SER B 348 -17.03 8.65 -5.00
C SER B 348 -16.37 9.57 -3.98
N ALA B 349 -16.73 10.85 -4.00
CA ALA B 349 -16.17 11.80 -3.07
C ALA B 349 -16.61 11.51 -1.65
N TYR B 350 -17.84 11.00 -1.48
CA TYR B 350 -18.29 10.62 -0.15
C TYR B 350 -17.54 9.40 0.36
N ILE B 351 -17.33 8.41 -0.49
CA ILE B 351 -16.50 7.27 -0.09
C ILE B 351 -15.12 7.76 0.34
N GLY B 352 -14.51 8.60 -0.49
CA GLY B 352 -13.18 9.09 -0.17
C GLY B 352 -13.13 9.95 1.08
N ILE B 353 -14.12 10.82 1.27
CA ILE B 353 -14.11 11.74 2.39
C ILE B 353 -14.43 11.02 3.69
N LEU B 354 -15.38 10.10 3.68
CA LEU B 354 -15.63 9.28 4.87
C LEU B 354 -14.42 8.42 5.21
N GLY B 355 -13.79 7.82 4.20
CA GLY B 355 -12.57 7.10 4.45
C GLY B 355 -11.49 8.00 5.04
N CYS B 356 -11.38 9.23 4.52
CA CYS B 356 -10.35 10.13 5.00
C CYS B 356 -10.61 10.58 6.43
N VAL B 357 -11.87 10.86 6.77
CA VAL B 357 -12.19 11.29 8.13
C VAL B 357 -11.95 10.15 9.11
N ILE B 358 -12.44 8.96 8.78
CA ILE B 358 -12.23 7.81 9.68
C ILE B 358 -10.76 7.50 9.79
N GLY B 359 -10.01 7.56 8.69
CA GLY B 359 -8.59 7.32 8.70
C GLY B 359 -7.79 8.38 9.41
N ILE B 360 -8.25 9.62 9.40
CA ILE B 360 -7.58 10.67 10.16
C ILE B 360 -7.80 10.48 11.65
N ILE B 361 -9.01 10.07 12.05
CA ILE B 361 -9.23 9.75 13.46
C ILE B 361 -8.37 8.56 13.87
N ILE B 362 -8.33 7.51 13.04
CA ILE B 362 -7.49 6.36 13.32
C ILE B 362 -6.02 6.76 13.35
N SER B 363 -5.64 7.71 12.50
CA SER B 363 -4.26 8.16 12.45
C SER B 363 -3.89 8.97 13.69
N TYR B 364 -4.82 9.76 14.22
CA TYR B 364 -4.59 10.41 15.49
C TYR B 364 -4.40 9.38 16.59
N GLY B 365 -5.22 8.34 16.60
CA GLY B 365 -5.04 7.27 17.56
C GLY B 365 -3.69 6.59 17.42
N VAL B 366 -3.29 6.29 16.18
CA VAL B 366 -2.02 5.61 15.95
C VAL B 366 -0.84 6.50 16.30
N SER B 367 -0.95 7.80 16.04
CA SER B 367 0.11 8.72 16.41
C SER B 367 0.23 8.84 17.92
N TYR B 368 -0.91 8.85 18.63
CA TYR B 368 -0.84 8.83 20.09
C TYR B 368 -0.18 7.54 20.58
N LEU B 369 -0.55 6.40 19.98
CA LEU B 369 0.05 5.13 20.37
C LEU B 369 1.55 5.14 20.11
N VAL B 370 1.98 5.68 18.98
CA VAL B 370 3.41 5.73 18.65
C VAL B 370 4.14 6.66 19.61
N ASN B 371 3.57 7.84 19.88
CA ASN B 371 4.19 8.77 20.81
C ASN B 371 4.26 8.23 22.23
N LEU B 372 3.37 7.32 22.59
CA LEU B 372 3.43 6.68 23.90
C LEU B 372 4.36 5.46 23.93
N ALA B 373 4.50 4.76 22.81
CA ALA B 373 5.28 3.52 22.82
C ALA B 373 6.74 3.75 22.48
N VAL B 374 7.06 4.79 21.70
CA VAL B 374 8.45 5.02 21.30
C VAL B 374 9.34 5.33 22.49
N PRO B 375 8.98 6.22 23.41
CA PRO B 375 9.84 6.38 24.62
C PRO B 375 9.98 5.10 25.40
N MET B 376 8.92 4.30 25.51
CA MET B 376 9.01 3.03 26.22
C MET B 376 9.97 2.08 25.51
N ILE B 377 9.89 2.02 24.18
CA ILE B 377 10.79 1.13 23.42
C ILE B 377 12.23 1.59 23.56
N LEU B 378 12.48 2.90 23.47
CA LEU B 378 13.83 3.41 23.63
C LEU B 378 14.37 3.12 25.04
N ALA B 379 13.51 3.25 26.05
CA ALA B 379 13.92 2.95 27.42
C ALA B 379 14.25 1.47 27.59
N ALA B 380 13.46 0.60 26.95
CA ALA B 380 13.62 -0.84 27.17
C ALA B 380 14.80 -1.40 26.39
N THR B 381 14.89 -1.11 25.10
CA THR B 381 15.86 -1.78 24.24
C THR B 381 17.29 -1.46 24.64
N SER B 382 17.73 -0.23 24.42
CA SER B 382 19.14 0.12 24.61
C SER B 382 19.40 0.67 26.01
N GLY B 383 18.94 -0.06 27.02
CA GLY B 383 19.32 0.10 28.42
C GLY B 383 19.63 1.50 28.91
N GLY B 384 18.80 2.48 28.56
CA GLY B 384 19.14 3.85 28.90
C GLY B 384 17.99 4.70 29.40
N ASP B 385 16.83 4.08 29.62
CA ASP B 385 15.64 4.78 30.10
C ASP B 385 15.24 5.92 29.15
N ALA B 386 15.56 5.77 27.87
CA ALA B 386 15.29 6.76 26.82
C ALA B 386 15.96 8.10 27.10
N GLY B 387 16.91 8.14 28.02
CA GLY B 387 17.62 9.37 28.32
C GLY B 387 16.84 10.39 29.13
N ASP B 388 15.65 10.02 29.61
CA ASP B 388 14.77 10.95 30.34
C ASP B 388 14.50 12.21 29.51
N LEU B 389 14.26 12.02 28.22
CA LEU B 389 14.01 13.11 27.29
C LEU B 389 12.63 12.94 26.66
N ASN B 390 12.11 14.04 26.12
CA ASN B 390 10.79 14.06 25.51
C ASN B 390 10.95 14.15 24.00
N TYR B 391 10.40 13.15 23.30
CA TYR B 391 10.45 13.10 21.85
C TYR B 391 9.05 12.92 21.28
N THR B 392 8.86 13.41 20.06
CA THR B 392 7.60 13.27 19.34
C THR B 392 7.90 12.58 18.01
N PHE B 393 7.90 11.25 18.03
CA PHE B 393 8.17 10.48 16.82
C PHE B 393 7.02 10.52 15.82
N SER B 394 5.86 11.04 16.22
CA SER B 394 4.71 11.08 15.33
C SER B 394 3.86 12.30 15.71
N TYR B 395 3.86 13.31 14.85
CA TYR B 395 3.13 14.54 15.09
C TYR B 395 2.28 14.84 13.86
N ILE B 396 1.00 15.09 14.07
CA ILE B 396 0.08 15.38 12.98
C ILE B 396 -0.42 16.81 13.10
N PRO B 397 0.17 17.77 12.39
CA PRO B 397 -0.35 19.14 12.42
C PRO B 397 -1.63 19.24 11.61
N ALA B 398 -2.35 20.34 11.84
CA ALA B 398 -3.54 20.62 11.04
C ALA B 398 -3.20 20.74 9.56
N SER B 399 -1.99 21.19 9.23
CA SER B 399 -1.57 21.25 7.85
C SER B 399 -1.56 19.85 7.23
N LEU B 400 -1.03 18.87 7.95
CA LEU B 400 -0.99 17.51 7.42
C LEU B 400 -2.39 16.95 7.23
N VAL B 401 -3.30 17.27 8.15
CA VAL B 401 -4.69 16.85 7.97
C VAL B 401 -5.29 17.50 6.73
N ILE B 402 -4.95 18.76 6.47
CA ILE B 402 -5.46 19.43 5.28
C ILE B 402 -4.92 18.77 4.02
N ILE B 403 -3.63 18.46 3.98
CA ILE B 403 -3.07 17.76 2.82
C ILE B 403 -3.71 16.39 2.66
N ALA B 404 -3.94 15.69 3.77
CA ALA B 404 -4.58 14.37 3.68
C ALA B 404 -5.98 14.48 3.10
N VAL B 405 -6.78 15.42 3.60
CA VAL B 405 -8.13 15.60 3.09
C VAL B 405 -8.10 15.93 1.61
N VAL B 406 -7.24 16.88 1.21
CA VAL B 406 -7.19 17.28 -0.19
C VAL B 406 -6.77 16.12 -1.07
N ILE B 407 -5.71 15.41 -0.69
CA ILE B 407 -5.19 14.32 -1.52
C ILE B 407 -6.20 13.19 -1.64
N CYS B 408 -6.82 12.80 -0.52
CA CYS B 408 -7.71 11.66 -0.56
C CYS B 408 -9.03 11.98 -1.24
N GLY B 409 -9.59 13.17 -0.99
CA GLY B 409 -10.74 13.60 -1.75
C GLY B 409 -10.45 13.71 -3.23
N GLY B 410 -9.27 14.22 -3.58
CA GLY B 410 -8.92 14.34 -4.98
C GLY B 410 -8.76 13.01 -5.68
N VAL B 411 -8.10 12.05 -5.02
CA VAL B 411 -7.95 10.75 -5.65
C VAL B 411 -9.29 10.02 -5.72
N ALA B 412 -10.15 10.19 -4.73
CA ALA B 412 -11.48 9.58 -4.81
C ALA B 412 -12.28 10.17 -5.95
N VAL B 413 -12.24 11.50 -6.11
CA VAL B 413 -12.96 12.14 -7.20
C VAL B 413 -12.38 11.71 -8.54
N ILE B 414 -11.06 11.61 -8.64
CA ILE B 414 -10.42 11.16 -9.87
C ILE B 414 -10.84 9.73 -10.19
N SER B 415 -10.92 8.88 -9.17
CA SER B 415 -11.39 7.51 -9.39
C SER B 415 -12.82 7.50 -9.88
N GLY B 416 -13.67 8.33 -9.30
CA GLY B 416 -15.05 8.41 -9.73
C GLY B 416 -15.30 9.15 -11.02
N MET B 417 -14.31 9.84 -11.57
CA MET B 417 -14.53 10.56 -12.82
C MET B 417 -14.94 9.62 -13.95
N ASN B 418 -14.27 8.47 -14.07
CA ASN B 418 -14.57 7.59 -15.20
C ASN B 418 -15.91 6.88 -15.01
N PRO B 419 -16.24 6.34 -13.83
CA PRO B 419 -17.61 5.86 -13.62
C PRO B 419 -18.66 6.95 -13.77
N ALA B 420 -18.34 8.20 -13.42
CA ALA B 420 -19.31 9.27 -13.64
C ALA B 420 -19.58 9.47 -15.13
N ARG B 421 -18.54 9.47 -15.95
CA ARG B 421 -18.74 9.58 -17.38
C ARG B 421 -19.47 8.37 -17.94
N LYS B 422 -19.18 7.19 -17.41
CA LYS B 422 -19.88 5.99 -17.85
C LYS B 422 -21.37 6.06 -17.50
N ALA B 423 -21.69 6.61 -16.33
CA ALA B 423 -23.08 6.74 -15.91
C ALA B 423 -23.80 7.86 -16.63
N THR B 424 -23.08 8.87 -17.10
CA THR B 424 -23.74 9.88 -17.93
C THR B 424 -23.97 9.37 -19.35
N LYS B 425 -23.03 8.61 -19.89
CA LYS B 425 -23.16 8.08 -21.24
C LYS B 425 -23.73 6.65 -21.20
N THR B 426 -24.92 6.53 -20.61
CA THR B 426 -25.53 5.23 -20.42
C THR B 426 -26.12 4.66 -21.70
N ASN B 427 -26.42 5.51 -22.69
CA ASN B 427 -27.16 5.10 -23.88
C ASN B 427 -28.51 4.50 -23.48
N VAL B 428 -29.36 5.40 -22.99
CA VAL B 428 -30.66 5.10 -22.36
C VAL B 428 -31.46 4.06 -23.13
N LEU B 429 -31.31 4.02 -24.46
CA LEU B 429 -32.02 3.02 -25.26
C LEU B 429 -31.70 1.60 -24.79
N THR B 430 -30.42 1.31 -24.57
CA THR B 430 -30.03 -0.03 -24.13
C THR B 430 -30.62 -0.35 -22.76
N ALA B 431 -30.55 0.60 -21.82
CA ALA B 431 -31.05 0.35 -20.47
C ALA B 431 -32.57 0.29 -20.44
N LEU B 432 -33.25 0.80 -21.45
CA LEU B 432 -34.70 0.79 -21.51
C LEU B 432 -35.27 -0.41 -22.27
N ARG B 433 -34.41 -1.30 -22.77
CA ARG B 433 -34.86 -2.49 -23.47
C ARG B 433 -34.50 -3.77 -22.74
N ARG B 434 -33.95 -3.67 -21.53
CA ARG B 434 -33.59 -4.82 -20.69
C ARG B 434 -32.58 -5.67 -21.47
N GLU B 435 -32.65 -7.01 -21.38
CA GLU B 435 -31.75 -7.89 -22.08
C GLU B 435 -32.56 -9.08 -22.59
N LEU B 436 -31.85 -10.12 -23.04
CA LEU B 436 -32.51 -11.33 -23.52
C LEU B 436 -32.30 -12.49 -22.56
N MET C 1 -12.03 -31.99 -11.11
CA MET C 1 -11.76 -31.03 -12.17
C MET C 1 -10.26 -30.90 -12.41
N ARG C 2 -9.85 -31.08 -13.66
CA ARG C 2 -8.44 -30.99 -14.00
C ARG C 2 -7.96 -29.55 -13.91
N PHE C 3 -6.66 -29.38 -13.67
CA PHE C 3 -6.09 -28.06 -13.47
C PHE C 3 -6.24 -27.23 -14.74
N LYS C 4 -6.03 -27.85 -15.90
CA LYS C 4 -6.21 -27.14 -17.17
C LYS C 4 -7.64 -26.66 -17.34
N ASP C 5 -8.61 -27.47 -16.93
CA ASP C 5 -10.01 -27.06 -17.02
C ASP C 5 -10.27 -25.85 -16.13
N GLN C 6 -9.74 -25.86 -14.90
CA GLN C 6 -9.93 -24.71 -14.01
C GLN C 6 -9.27 -23.47 -14.58
N VAL C 7 -8.09 -23.62 -15.18
CA VAL C 7 -7.43 -22.47 -15.80
C VAL C 7 -8.28 -21.92 -16.94
N HIS C 8 -8.84 -22.80 -17.77
CA HIS C 8 -9.68 -22.34 -18.87
C HIS C 8 -10.93 -21.63 -18.36
N PHE C 9 -11.54 -22.15 -17.30
CA PHE C 9 -12.71 -21.50 -16.71
C PHE C 9 -12.34 -20.13 -16.14
N ILE C 10 -11.18 -20.03 -15.49
CA ILE C 10 -10.73 -18.74 -14.97
C ILE C 10 -10.50 -17.76 -16.11
N ARG C 11 -9.91 -18.23 -17.22
CA ARG C 11 -9.74 -17.37 -18.38
C ARG C 11 -11.08 -16.87 -18.90
N ARG C 12 -12.06 -17.77 -19.00
CA ARG C 12 -13.37 -17.38 -19.51
C ARG C 12 -14.01 -16.33 -18.61
N ASN C 13 -13.95 -16.54 -17.30
CA ASN C 13 -14.61 -15.61 -16.37
C ASN C 13 -13.80 -14.35 -16.11
N MET C 14 -12.53 -14.33 -16.53
CA MET C 14 -11.71 -13.12 -16.40
C MET C 14 -11.76 -12.27 -17.66
N LYS C 15 -12.01 -12.89 -18.81
CA LYS C 15 -12.18 -12.12 -20.04
C LYS C 15 -13.46 -11.31 -20.04
N LYS C 16 -14.41 -11.62 -19.14
CA LYS C 16 -15.66 -10.89 -19.09
C LYS C 16 -15.43 -9.45 -18.65
N ASN C 17 -14.67 -9.26 -17.57
CA ASN C 17 -14.39 -7.89 -17.05
C ASN C 17 -12.89 -7.60 -17.15
N ARG C 18 -12.37 -7.40 -18.36
CA ARG C 18 -10.94 -7.19 -18.54
C ARG C 18 -10.48 -5.94 -17.79
N LEU C 19 -11.30 -4.89 -17.80
CA LEU C 19 -10.91 -3.64 -17.16
C LEU C 19 -10.85 -3.80 -15.65
N ARG C 20 -11.88 -4.41 -15.05
CA ARG C 20 -11.89 -4.57 -13.60
C ARG C 20 -10.79 -5.51 -13.13
N VAL C 21 -10.58 -6.62 -13.83
CA VAL C 21 -9.53 -7.54 -13.46
C VAL C 21 -8.17 -6.88 -13.60
N PHE C 22 -7.96 -6.13 -14.69
CA PHE C 22 -6.70 -5.42 -14.86
C PHE C 22 -6.51 -4.37 -13.77
N MET C 23 -7.58 -3.72 -13.34
CA MET C 23 -7.45 -2.68 -12.33
C MET C 23 -7.13 -3.26 -10.96
N THR C 24 -7.77 -4.37 -10.59
CA THR C 24 -7.41 -4.98 -9.32
C THR C 24 -6.02 -5.61 -9.37
N ILE C 25 -5.63 -6.13 -10.54
CA ILE C 25 -4.27 -6.62 -10.70
C ILE C 25 -3.27 -5.47 -10.57
N LEU C 26 -3.62 -4.30 -11.08
CA LEU C 26 -2.76 -3.12 -10.97
C LEU C 26 -2.68 -2.65 -9.52
N ALA C 27 -3.79 -2.69 -8.79
CA ALA C 27 -3.74 -2.36 -7.37
C ALA C 27 -2.81 -3.30 -6.63
N THR C 28 -2.92 -4.61 -6.91
CA THR C 28 -2.02 -5.57 -6.29
C THR C 28 -0.58 -5.31 -6.71
N THR C 29 -0.36 -4.98 -7.98
CA THR C 29 0.99 -4.71 -8.46
C THR C 29 1.61 -3.52 -7.73
N MET C 30 0.83 -2.45 -7.57
CA MET C 30 1.33 -1.29 -6.86
C MET C 30 1.62 -1.62 -5.41
N ALA C 31 0.74 -2.40 -4.77
CA ALA C 31 0.99 -2.78 -3.38
C ALA C 31 2.25 -3.63 -3.25
N CYS C 32 2.44 -4.60 -4.14
CA CYS C 32 3.61 -5.46 -4.06
C CYS C 32 4.89 -4.69 -4.36
N ALA C 33 4.86 -3.84 -5.39
CA ALA C 33 6.03 -3.03 -5.69
C ALA C 33 6.35 -2.08 -4.54
N PHE C 34 5.31 -1.51 -3.92
CA PHE C 34 5.51 -0.64 -2.77
C PHE C 34 6.14 -1.40 -1.62
N LEU C 35 5.62 -2.58 -1.31
CA LEU C 35 6.18 -3.39 -0.24
C LEU C 35 7.64 -3.74 -0.51
N VAL C 36 7.92 -4.21 -1.74
CA VAL C 36 9.26 -4.65 -2.06
C VAL C 36 10.24 -3.49 -2.02
N VAL C 37 9.86 -2.34 -2.58
CA VAL C 37 10.77 -1.20 -2.60
C VAL C 37 10.98 -0.67 -1.19
N LEU C 38 9.92 -0.56 -0.39
CA LEU C 38 10.06 -0.01 0.95
C LEU C 38 10.92 -0.92 1.83
N SER C 39 10.65 -2.23 1.83
CA SER C 39 11.51 -3.14 2.58
C SER C 39 12.89 -3.25 1.94
N SER C 40 13.01 -2.96 0.65
CA SER C 40 14.31 -2.96 -0.01
C SER C 40 15.15 -1.78 0.45
N VAL C 41 14.52 -0.69 0.85
CA VAL C 41 15.28 0.41 1.44
C VAL C 41 16.01 -0.07 2.70
N GLY C 42 15.30 -0.79 3.56
CA GLY C 42 15.94 -1.34 4.75
C GLY C 42 16.96 -2.42 4.44
N PHE C 43 16.63 -3.30 3.48
CA PHE C 43 17.59 -4.31 3.06
C PHE C 43 18.87 -3.67 2.53
N GLY C 44 18.75 -2.56 1.80
CA GLY C 44 19.91 -1.88 1.28
C GLY C 44 20.69 -1.13 2.34
N ILE C 45 19.99 -0.59 3.35
CA ILE C 45 20.70 -0.01 4.48
C ILE C 45 21.54 -1.08 5.18
N GLN C 46 20.95 -2.26 5.40
CA GLN C 46 21.69 -3.36 6.00
C GLN C 46 22.86 -3.78 5.13
N LYS C 47 22.63 -3.90 3.82
CA LYS C 47 23.70 -4.33 2.93
C LYS C 47 24.82 -3.31 2.85
N THR C 48 24.51 -2.02 2.81
CA THR C 48 25.55 -1.02 2.72
C THR C 48 26.34 -0.91 4.02
N ILE C 49 25.67 -1.09 5.17
CA ILE C 49 26.39 -1.11 6.43
C ILE C 49 27.31 -2.32 6.50
N THR C 50 26.81 -3.49 6.08
CA THR C 50 27.63 -4.69 6.09
C THR C 50 28.80 -4.56 5.14
N ASP C 51 28.58 -3.99 3.96
CA ASP C 51 29.67 -3.83 2.99
C ASP C 51 30.70 -2.83 3.47
N MET C 52 30.26 -1.73 4.08
CA MET C 52 31.20 -0.76 4.64
C MET C 52 32.03 -1.39 5.74
N THR C 53 31.40 -2.17 6.62
CA THR C 53 32.14 -2.85 7.68
C THR C 53 33.13 -3.87 7.10
N MET C 54 32.70 -4.63 6.09
CA MET C 54 33.56 -5.64 5.49
C MET C 54 34.69 -5.03 4.68
N SER C 55 34.54 -3.80 4.21
CA SER C 55 35.58 -3.14 3.43
C SER C 55 36.56 -2.38 4.32
N GLN C 56 36.07 -1.75 5.39
CA GLN C 56 36.95 -1.01 6.28
C GLN C 56 37.69 -1.89 7.28
N GLN C 57 37.36 -3.18 7.35
CA GLN C 57 38.06 -4.13 8.20
C GLN C 57 38.34 -5.40 7.42
N ILE C 58 39.41 -6.09 7.79
CA ILE C 58 39.68 -7.40 7.24
C ILE C 58 38.70 -8.41 7.84
N VAL C 59 38.04 -9.18 6.97
CA VAL C 59 36.89 -9.97 7.39
C VAL C 59 37.30 -11.06 8.39
N THR C 60 38.42 -11.73 8.14
CA THR C 60 38.76 -12.93 8.86
C THR C 60 39.55 -12.67 10.14
N LYS C 61 39.85 -11.42 10.46
CA LYS C 61 40.64 -11.08 11.64
C LYS C 61 39.75 -11.15 12.88
N VAL C 62 39.65 -12.36 13.43
CA VAL C 62 38.88 -12.59 14.64
C VAL C 62 39.82 -12.34 15.82
N SER C 63 39.87 -11.07 16.26
CA SER C 63 40.76 -10.67 17.34
C SER C 63 40.12 -10.99 18.68
N VAL C 64 40.89 -11.62 19.57
CA VAL C 64 40.44 -11.99 20.90
C VAL C 64 41.33 -11.30 21.92
N MET C 65 40.72 -10.52 22.81
CA MET C 65 41.49 -9.84 23.85
C MET C 65 42.00 -10.82 24.89
N GLY C 66 41.16 -11.76 25.31
CA GLY C 66 41.59 -12.73 26.32
C GLY C 66 40.43 -13.51 26.89
N LYS C 67 40.56 -13.86 28.16
CA LYS C 67 39.58 -14.67 28.86
C LYS C 67 39.20 -13.98 30.17
N GLU C 68 37.99 -14.30 30.65
CA GLU C 68 37.53 -13.75 31.93
C GLU C 68 38.50 -14.10 33.05
N GLY C 69 38.75 -13.13 33.92
CA GLY C 69 39.73 -13.30 34.97
C GLY C 69 41.16 -13.04 34.55
N ASP C 70 41.38 -12.46 33.36
CA ASP C 70 42.70 -12.16 32.84
C ASP C 70 43.58 -13.42 32.77
N LYS C 71 42.96 -14.53 32.41
CA LYS C 71 43.70 -15.78 32.24
C LYS C 71 44.57 -15.67 30.98
N PRO C 72 45.85 -16.05 31.04
CA PRO C 72 46.68 -16.01 29.84
C PRO C 72 46.14 -16.91 28.74
N ILE C 73 46.29 -16.47 27.51
CA ILE C 73 45.79 -17.19 26.34
C ILE C 73 46.98 -17.86 25.67
N LYS C 74 47.01 -19.19 25.71
CA LYS C 74 48.11 -19.93 25.11
C LYS C 74 47.91 -20.06 23.60
N LYS C 75 49.02 -20.33 22.91
CA LYS C 75 48.97 -20.51 21.46
C LYS C 75 48.42 -21.87 21.07
N ALA C 76 48.74 -22.91 21.86
CA ALA C 76 48.40 -24.27 21.47
C ALA C 76 46.89 -24.50 21.42
N ASP C 77 46.15 -23.99 22.41
CA ASP C 77 44.72 -24.28 22.48
C ASP C 77 43.95 -23.66 21.32
N LEU C 78 44.38 -22.49 20.84
CA LEU C 78 43.68 -21.85 19.73
C LEU C 78 43.72 -22.69 18.46
N GLU C 79 44.77 -23.49 18.29
CA GLU C 79 44.85 -24.36 17.11
C GLU C 79 43.75 -25.41 17.12
N LYS C 80 43.46 -26.00 18.28
CA LYS C 80 42.48 -27.08 18.38
C LYS C 80 41.07 -26.51 18.58
N TYR C 81 40.62 -25.77 17.58
CA TYR C 81 39.24 -25.32 17.48
C TYR C 81 38.69 -25.71 16.11
N ASP C 82 37.39 -25.48 15.93
CA ASP C 82 36.74 -25.84 14.69
C ASP C 82 37.26 -25.00 13.52
N HIS C 83 37.56 -25.68 12.42
CA HIS C 83 37.86 -25.09 11.10
C HIS C 83 38.66 -23.79 11.20
N VAL C 84 39.79 -23.87 11.89
CA VAL C 84 40.72 -22.75 12.03
C VAL C 84 41.80 -22.90 10.98
N ARG C 85 41.98 -21.88 10.15
CA ARG C 85 43.09 -21.87 9.20
C ARG C 85 44.41 -21.85 9.93
N SER C 86 44.67 -20.78 10.67
CA SER C 86 45.88 -20.63 11.48
C SER C 86 45.72 -19.37 12.33
N VAL C 87 46.45 -19.34 13.45
CA VAL C 87 46.37 -18.25 14.42
C VAL C 87 47.54 -17.32 14.22
N VAL C 88 47.26 -16.02 14.22
CA VAL C 88 48.28 -14.99 14.07
C VAL C 88 48.70 -14.51 15.45
N GLU C 89 50.02 -14.39 15.66
CA GLU C 89 50.58 -13.96 16.94
C GLU C 89 51.43 -12.70 16.76
N ARG C 90 50.96 -11.77 15.94
CA ARG C 90 51.69 -10.54 15.67
C ARG C 90 51.89 -9.74 16.96
N THR C 91 53.13 -9.31 17.19
CA THR C 91 53.49 -8.54 18.36
C THR C 91 53.94 -7.15 17.95
N GLN C 92 53.41 -6.13 18.64
CA GLN C 92 53.70 -4.73 18.31
C GLN C 92 54.14 -4.05 19.59
N VAL C 93 55.28 -3.34 19.52
CA VAL C 93 55.82 -2.59 20.64
C VAL C 93 55.82 -1.12 20.26
N TYR C 94 55.20 -0.29 21.10
CA TYR C 94 55.06 1.14 20.83
C TYR C 94 56.41 1.81 21.07
N GLU C 95 57.16 2.05 19.98
CA GLU C 95 58.46 2.68 20.08
C GLU C 95 58.86 3.18 18.71
N PRO C 96 59.47 4.36 18.60
CA PRO C 96 59.99 4.80 17.31
C PRO C 96 61.15 3.95 16.84
N ASN C 97 61.37 3.94 15.53
CA ASN C 97 62.40 3.11 14.92
C ASN C 97 63.33 3.97 14.08
N LYS C 98 64.61 3.62 14.12
CA LYS C 98 65.70 4.38 13.50
C LYS C 98 66.48 3.49 12.53
N ALA C 99 65.75 2.83 11.63
CA ALA C 99 66.33 1.88 10.68
C ALA C 99 67.64 2.37 10.07
N THR C 100 67.58 3.51 9.38
CA THR C 100 68.77 4.18 8.83
C THR C 100 69.58 3.24 7.94
N LEU C 101 68.97 2.83 6.84
CA LEU C 101 69.63 2.01 5.84
C LEU C 101 70.47 2.93 4.94
N GLY C 102 71.78 2.91 5.14
CA GLY C 102 72.66 3.76 4.36
C GLY C 102 72.32 5.22 4.55
N ASN C 103 72.25 5.95 3.43
CA ASN C 103 71.83 7.34 3.47
C ASN C 103 70.34 7.49 3.70
N ARG C 104 69.57 6.41 3.57
CA ARG C 104 68.14 6.43 3.80
C ARG C 104 67.81 6.07 5.25
N THR C 105 66.56 6.32 5.64
CA THR C 105 66.11 6.01 6.99
C THR C 105 64.59 5.92 7.00
N ASN C 106 64.08 5.25 8.03
CA ASN C 106 62.65 5.15 8.28
C ASN C 106 62.38 5.54 9.73
N GLU C 107 61.17 6.04 9.98
CA GLU C 107 60.85 6.59 11.29
C GLU C 107 59.84 5.73 12.06
N SER C 108 58.65 5.49 11.52
CA SER C 108 57.67 4.70 12.25
C SER C 108 58.13 3.26 12.40
N SER C 109 58.13 2.52 11.29
CA SER C 109 58.69 1.17 11.18
C SER C 109 58.48 0.34 12.45
N ASN C 110 57.26 0.36 12.98
CA ASN C 110 57.01 -0.27 14.27
C ASN C 110 57.22 -1.77 14.19
N LEU C 111 57.69 -2.35 15.29
CA LEU C 111 58.12 -3.73 15.29
C LEU C 111 56.92 -4.67 15.20
N ILE C 112 57.02 -5.63 14.28
CA ILE C 112 55.95 -6.61 14.06
C ILE C 112 56.51 -8.02 14.22
N PHE C 113 57.49 -8.19 15.11
CA PHE C 113 58.15 -9.48 15.26
C PHE C 113 57.17 -10.54 15.76
N THR C 114 57.22 -11.71 15.13
CA THR C 114 56.34 -12.83 15.46
C THR C 114 56.82 -14.05 14.67
N ASN C 115 56.36 -15.23 15.10
CA ASN C 115 56.70 -16.47 14.42
C ASN C 115 56.01 -16.49 13.05
N MET C 116 56.81 -16.29 11.99
CA MET C 116 56.24 -16.09 10.66
C MET C 116 55.66 -17.36 10.05
N ASN C 117 56.04 -18.55 10.52
CA ASN C 117 55.47 -19.76 9.94
C ASN C 117 53.95 -19.76 10.08
N ASP C 118 53.45 -19.43 11.28
CA ASP C 118 52.02 -19.35 11.50
C ASP C 118 51.37 -18.23 10.70
N GLU C 119 52.04 -17.08 10.57
CA GLU C 119 51.45 -15.96 9.85
C GLU C 119 51.31 -16.26 8.36
N LEU C 120 52.39 -16.70 7.72
CA LEU C 120 52.31 -17.04 6.30
C LEU C 120 51.49 -18.29 6.05
N LYS C 121 51.30 -19.15 7.05
CA LYS C 121 50.33 -20.22 6.88
C LYS C 121 48.91 -19.78 7.21
N ALA C 122 48.72 -18.51 7.57
CA ALA C 122 47.41 -17.93 7.84
C ALA C 122 47.03 -16.92 6.77
N ASN C 123 47.30 -17.24 5.51
CA ASN C 123 47.10 -16.37 4.34
C ASN C 123 47.52 -14.94 4.64
N MET C 124 48.80 -14.78 4.99
CA MET C 124 49.37 -13.47 5.26
C MET C 124 49.53 -12.70 3.95
N GLU C 125 49.75 -11.40 4.08
CA GLU C 125 49.94 -10.54 2.92
C GLU C 125 51.39 -10.61 2.45
N LEU C 126 51.59 -11.01 1.19
CA LEU C 126 52.91 -11.09 0.57
C LEU C 126 52.74 -11.36 -0.91
N GLU C 127 53.71 -10.89 -1.70
CA GLU C 127 53.73 -11.17 -3.13
C GLU C 127 55.10 -11.58 -3.67
N LYS C 128 56.19 -11.31 -2.95
CA LYS C 128 57.52 -11.59 -3.45
C LYS C 128 58.43 -11.92 -2.27
N GLY C 129 59.56 -12.56 -2.57
CA GLY C 129 60.54 -12.88 -1.55
C GLY C 129 60.24 -14.18 -0.84
N ARG C 130 60.94 -14.38 0.28
CA ARG C 130 60.86 -15.60 1.06
C ARG C 130 60.68 -15.27 2.53
N VAL C 131 60.08 -16.21 3.26
CA VAL C 131 59.85 -16.03 4.69
C VAL C 131 61.17 -15.87 5.42
N ALA C 132 61.17 -15.09 6.49
CA ALA C 132 62.37 -14.86 7.29
C ALA C 132 62.72 -16.13 8.07
N LYS C 133 63.86 -16.73 7.73
CA LYS C 133 64.31 -17.96 8.36
C LYS C 133 65.67 -17.81 9.03
N SER C 134 66.61 -17.12 8.39
CA SER C 134 67.96 -17.02 8.90
C SER C 134 68.01 -16.05 10.10
N GLU C 135 69.14 -16.07 10.79
CA GLU C 135 69.33 -15.19 11.94
C GLU C 135 69.32 -13.72 11.52
N ASN C 136 70.08 -13.39 10.48
CA ASN C 136 70.13 -12.03 9.95
C ASN C 136 69.28 -11.97 8.68
N GLU C 137 67.96 -11.94 8.87
CA GLU C 137 67.04 -11.91 7.75
C GLU C 137 65.65 -11.57 8.27
N ILE C 138 64.96 -10.68 7.54
CA ILE C 138 63.61 -10.24 7.87
C ILE C 138 62.78 -10.12 6.60
N VAL C 139 61.49 -9.88 6.79
CA VAL C 139 60.55 -9.61 5.71
C VAL C 139 60.12 -8.15 5.81
N VAL C 140 60.24 -7.42 4.70
CA VAL C 140 59.94 -6.00 4.67
C VAL C 140 58.63 -5.77 3.93
N GLY C 141 58.02 -4.63 4.19
CA GLY C 141 56.75 -4.27 3.57
C GLY C 141 56.92 -3.66 2.19
N TYR C 142 55.82 -3.15 1.67
CA TYR C 142 55.79 -2.55 0.34
C TYR C 142 56.14 -1.07 0.35
N ASP C 143 55.61 -0.32 1.34
CA ASP C 143 55.85 1.12 1.43
C ASP C 143 57.19 1.47 2.05
N PHE C 144 58.12 0.52 2.13
CA PHE C 144 59.44 0.81 2.68
C PHE C 144 60.17 1.85 1.85
N ALA C 145 60.11 1.73 0.52
CA ALA C 145 60.78 2.68 -0.36
C ALA C 145 60.16 4.07 -0.29
N LYS C 146 58.90 4.18 0.12
CA LYS C 146 58.27 5.50 0.25
C LYS C 146 58.98 6.34 1.31
N ARG C 147 59.30 5.75 2.45
CA ARG C 147 60.01 6.45 3.50
C ARG C 147 61.52 6.43 3.31
N LEU C 148 62.04 5.60 2.41
CA LEU C 148 63.46 5.51 2.16
C LEU C 148 63.88 6.59 1.18
N LEU C 149 64.85 7.40 1.58
CA LEU C 149 65.27 8.57 0.82
C LEU C 149 66.54 9.14 1.45
N THR C 150 67.32 9.85 0.62
CA THR C 150 68.67 10.26 1.00
C THR C 150 68.64 11.23 2.18
N LYS C 151 69.85 11.53 2.69
CA LYS C 151 69.97 12.41 3.85
C LYS C 151 69.47 13.82 3.55
N LYS C 152 69.78 14.34 2.36
CA LYS C 152 69.23 15.63 1.96
C LYS C 152 67.72 15.58 1.88
N GLU C 153 67.18 14.49 1.34
CA GLU C 153 65.73 14.31 1.30
C GLU C 153 65.16 14.17 2.70
N SER C 154 65.91 13.59 3.63
CA SER C 154 65.43 13.49 5.01
C SER C 154 65.39 14.86 5.68
N GLU C 155 66.38 15.70 5.41
CA GLU C 155 66.34 17.07 5.91
C GLU C 155 65.17 17.84 5.30
N GLU C 156 64.92 17.63 4.01
CA GLU C 156 63.78 18.27 3.37
C GLU C 156 62.46 17.80 3.98
N TYR C 157 62.34 16.50 4.25
CA TYR C 157 61.15 15.95 4.89
C TYR C 157 60.95 16.54 6.29
N ASN C 158 62.05 16.64 7.06
CA ASN C 158 61.95 17.23 8.39
C ASN C 158 61.53 18.68 8.33
N LYS C 159 62.09 19.45 7.38
CA LYS C 159 61.69 20.84 7.23
C LYS C 159 60.22 20.95 6.83
N LYS C 160 59.77 20.06 5.95
CA LYS C 160 58.37 20.08 5.52
C LYS C 160 57.43 19.78 6.68
N ILE C 161 57.77 18.79 7.50
CA ILE C 161 56.89 18.46 8.62
C ILE C 161 56.95 19.52 9.72
N GLU C 162 58.11 20.16 9.91
CA GLU C 162 58.20 21.25 10.89
C GLU C 162 57.40 22.46 10.43
N GLU C 163 57.47 22.80 9.15
CA GLU C 163 56.72 23.93 8.60
C GLU C 163 55.27 23.59 8.31
N ALA C 164 54.88 22.32 8.45
CA ALA C 164 53.49 21.93 8.19
C ALA C 164 52.53 22.63 9.15
N LYS C 165 52.91 22.72 10.44
CA LYS C 165 52.08 23.35 11.46
C LYS C 165 50.70 22.71 11.53
N GLY C 166 50.67 21.38 11.47
CA GLY C 166 49.41 20.65 11.49
C GLY C 166 48.54 20.88 10.27
N ASN C 167 49.16 21.00 9.08
CA ASN C 167 48.44 21.16 7.83
C ASN C 167 48.95 20.12 6.85
N PRO C 168 48.33 18.92 6.84
CA PRO C 168 48.77 17.82 5.97
C PRO C 168 48.26 17.92 4.53
N GLU C 169 48.39 19.11 3.95
CA GLU C 169 48.03 19.34 2.55
C GLU C 169 49.22 19.71 1.69
N ASP C 170 50.13 20.54 2.19
CA ASP C 170 51.38 20.85 1.52
C ASP C 170 52.50 19.88 1.88
N ILE C 171 52.15 18.73 2.46
CA ILE C 171 53.12 17.76 2.94
C ILE C 171 53.40 16.68 1.89
N LYS C 172 53.05 16.93 0.64
CA LYS C 172 53.30 15.97 -0.43
C LYS C 172 54.79 15.94 -0.79
N GLU C 173 55.57 15.14 -0.04
CA GLU C 173 57.00 14.97 -0.22
C GLU C 173 57.31 13.90 -1.25
N PRO C 174 58.43 14.01 -1.95
CA PRO C 174 58.80 12.98 -2.93
C PRO C 174 59.07 11.64 -2.27
N LYS C 175 58.80 10.57 -3.03
CA LYS C 175 59.03 9.22 -2.51
C LYS C 175 60.50 8.97 -2.21
N GLY C 176 61.38 9.40 -3.12
CA GLY C 176 62.81 9.21 -2.93
C GLY C 176 63.34 7.98 -3.64
N TYR C 177 63.54 6.89 -2.89
CA TYR C 177 64.06 5.67 -3.46
C TYR C 177 62.99 4.99 -4.31
N THR C 178 63.31 4.74 -5.59
CA THR C 178 62.39 4.11 -6.52
C THR C 178 63.02 2.89 -7.17
N LYS C 179 63.85 2.17 -6.44
CA LYS C 179 64.56 1.00 -6.96
C LYS C 179 64.26 -0.22 -6.07
N ASP C 180 64.97 -1.31 -6.35
CA ASP C 180 64.74 -2.56 -5.64
C ASP C 180 65.35 -2.52 -4.24
N ILE C 181 64.60 -2.98 -3.25
CA ILE C 181 65.09 -3.07 -1.89
C ILE C 181 65.67 -4.44 -1.57
N LEU C 182 65.32 -5.46 -2.34
CA LEU C 182 65.73 -6.83 -2.04
C LEU C 182 67.24 -6.99 -2.11
N ASN C 183 67.75 -7.92 -1.30
CA ASN C 183 69.18 -8.27 -1.26
C ASN C 183 70.04 -7.06 -0.89
N LYS C 184 69.78 -6.54 0.32
CA LYS C 184 70.56 -5.43 0.85
C LYS C 184 70.89 -5.74 2.32
N THR C 185 71.65 -4.82 2.93
CA THR C 185 72.25 -5.03 4.25
C THR C 185 71.88 -3.88 5.19
N ILE C 186 70.58 -3.59 5.27
CA ILE C 186 70.09 -2.49 6.10
C ILE C 186 70.60 -2.65 7.53
N GLU C 187 71.19 -1.58 8.06
CA GLU C 187 71.74 -1.58 9.42
C GLU C 187 70.68 -1.05 10.38
N LEU C 188 69.69 -1.91 10.64
CA LEU C 188 68.57 -1.54 11.48
C LEU C 188 69.04 -1.14 12.88
N SER C 189 68.47 -0.05 13.39
CA SER C 189 68.86 0.54 14.67
C SER C 189 67.63 0.88 15.50
N VAL C 190 66.74 -0.11 15.69
CA VAL C 190 65.54 0.07 16.48
C VAL C 190 65.86 0.75 17.80
N SER C 191 65.15 1.83 18.10
CA SER C 191 65.44 2.61 19.29
C SER C 191 65.04 1.86 20.55
N LYS C 192 65.91 1.89 21.55
CA LYS C 192 65.62 1.34 22.86
C LYS C 192 65.02 2.43 23.76
N THR C 193 64.27 1.99 24.77
CA THR C 193 63.64 2.90 25.72
C THR C 193 63.80 2.34 27.14
N ASP C 194 65.02 1.89 27.46
CA ASP C 194 65.30 1.17 28.69
C ASP C 194 64.37 -0.03 28.82
N SER C 195 64.37 -0.86 27.77
CA SER C 195 63.43 -1.96 27.57
C SER C 195 62.03 -1.43 27.32
N LYS C 196 61.44 -0.73 28.28
CA LYS C 196 60.07 -0.29 28.07
C LYS C 196 59.82 1.19 28.32
N THR C 197 60.41 1.79 29.35
CA THR C 197 59.83 3.02 29.90
C THR C 197 60.44 4.32 29.37
N GLY C 198 61.67 4.63 29.76
CA GLY C 198 62.12 5.99 29.49
C GLY C 198 63.57 6.36 29.25
N ASP C 199 64.51 5.41 29.30
CA ASP C 199 65.90 5.80 29.44
C ASP C 199 66.80 5.52 28.24
N VAL C 200 66.39 4.64 27.33
CA VAL C 200 67.16 4.31 26.13
C VAL C 200 68.52 3.74 26.52
N THR C 201 68.64 2.41 26.57
CA THR C 201 69.87 1.79 27.03
C THR C 201 70.89 1.65 25.89
N LYS C 202 70.56 0.88 24.86
CA LYS C 202 71.48 0.67 23.74
C LYS C 202 70.73 0.02 22.58
N THR C 203 70.89 0.59 21.39
CA THR C 203 70.21 0.11 20.20
C THR C 203 71.06 -0.94 19.50
N LYS C 204 70.50 -2.13 19.31
CA LYS C 204 71.26 -3.23 18.74
C LYS C 204 71.50 -3.02 17.25
N THR C 205 72.46 -3.78 16.72
CA THR C 205 72.81 -3.71 15.30
C THR C 205 72.12 -4.88 14.59
N TYR C 206 70.86 -4.66 14.22
CA TYR C 206 70.08 -5.67 13.50
C TYR C 206 70.44 -5.61 12.02
N ASP C 207 71.61 -6.15 11.69
CA ASP C 207 72.11 -6.19 10.32
C ASP C 207 71.43 -7.36 9.61
N PHE C 208 70.16 -7.16 9.28
CA PHE C 208 69.31 -8.21 8.74
C PHE C 208 69.10 -7.97 7.25
N LYS C 209 69.33 -9.01 6.45
CA LYS C 209 69.19 -8.88 5.01
C LYS C 209 67.72 -8.82 4.60
N ILE C 210 67.48 -8.21 3.43
CA ILE C 210 66.13 -7.95 2.94
C ILE C 210 65.76 -9.08 1.99
N VAL C 211 64.90 -10.00 2.46
CA VAL C 211 64.33 -11.05 1.63
C VAL C 211 62.86 -11.17 2.02
N GLY C 212 61.97 -10.81 1.11
CA GLY C 212 60.55 -10.87 1.40
C GLY C 212 59.86 -9.52 1.36
N ILE C 213 58.87 -9.38 0.48
CA ILE C 213 58.11 -8.14 0.32
C ILE C 213 56.63 -8.46 0.46
N THR C 214 55.91 -7.63 1.19
CA THR C 214 54.47 -7.75 1.29
C THR C 214 53.80 -6.96 0.19
N LYS C 215 52.62 -7.43 -0.23
CA LYS C 215 51.89 -6.81 -1.32
C LYS C 215 51.16 -5.56 -0.81
N LYS C 216 50.23 -5.05 -1.61
CA LYS C 216 49.47 -3.87 -1.20
C LYS C 216 48.73 -4.14 0.11
N PRO C 217 48.68 -3.16 1.03
CA PRO C 217 48.22 -3.45 2.39
C PRO C 217 46.72 -3.70 2.48
N SER C 218 46.35 -4.97 2.67
CA SER C 218 44.96 -5.41 2.84
C SER C 218 44.04 -4.76 1.82
N GLN C 219 42.85 -4.36 2.26
CA GLN C 219 41.87 -3.68 1.40
C GLN C 219 41.99 -2.19 1.67
N ASP C 220 42.91 -1.54 0.96
CA ASP C 220 43.20 -0.11 1.03
C ASP C 220 43.18 0.43 2.47
N TRP C 221 43.79 -0.32 3.38
CA TRP C 221 43.86 0.10 4.78
C TRP C 221 45.17 -0.39 5.38
N MET C 222 45.57 0.25 6.48
CA MET C 222 46.76 -0.10 7.26
C MET C 222 48.04 0.21 6.48
N GLU C 223 49.09 0.59 7.18
CA GLU C 223 50.39 0.85 6.58
C GLU C 223 51.30 -0.35 6.81
N ASP C 224 51.81 -0.92 5.72
CA ASP C 224 52.61 -2.13 5.79
C ASP C 224 54.11 -1.87 5.72
N SER C 225 54.54 -0.60 5.73
CA SER C 225 55.97 -0.29 5.64
C SER C 225 56.76 -0.75 6.85
N ASN C 226 56.08 -1.12 7.93
CA ASN C 226 56.77 -1.58 9.14
C ASN C 226 57.54 -2.87 8.87
N ILE C 227 58.69 -3.00 9.52
CA ILE C 227 59.55 -4.16 9.34
C ILE C 227 58.97 -5.35 10.09
N PHE C 228 59.02 -6.53 9.46
CA PHE C 228 58.51 -7.77 10.03
C PHE C 228 59.67 -8.69 10.35
N ILE C 229 59.73 -9.18 11.59
CA ILE C 229 60.83 -10.00 12.08
C ILE C 229 60.28 -11.35 12.52
N SER C 230 61.07 -12.39 12.32
CA SER C 230 60.63 -13.76 12.58
C SER C 230 60.85 -14.09 14.06
N ASP C 231 60.67 -15.37 14.40
CA ASP C 231 60.78 -15.83 15.79
C ASP C 231 62.22 -16.14 16.20
N GLN C 232 63.16 -16.13 15.25
CA GLN C 232 64.53 -16.52 15.54
C GLN C 232 65.21 -15.58 16.54
N PHE C 233 64.74 -14.34 16.67
CA PHE C 233 65.32 -13.38 17.59
C PHE C 233 64.50 -13.18 18.85
N LYS C 234 63.54 -14.08 19.13
CA LYS C 234 62.68 -13.89 20.29
C LYS C 234 63.46 -13.94 21.59
N LYS C 235 64.44 -14.86 21.69
CA LYS C 235 65.18 -15.02 22.94
C LYS C 235 65.94 -13.75 23.30
N ASP C 236 66.75 -13.23 22.36
CA ASP C 236 67.51 -12.03 22.68
C ASP C 236 66.64 -10.78 22.67
N PHE C 237 65.47 -10.82 22.02
CA PHE C 237 64.54 -9.69 22.11
C PHE C 237 63.92 -9.61 23.49
N SER C 238 63.52 -10.75 24.06
CA SER C 238 63.02 -10.75 25.43
C SER C 238 64.15 -10.48 26.42
N GLU C 239 65.38 -10.85 26.08
CA GLU C 239 66.49 -10.61 26.99
C GLU C 239 66.87 -9.13 27.04
N PHE C 240 66.96 -8.47 25.88
CA PHE C 240 67.41 -7.09 25.83
C PHE C 240 66.25 -6.11 25.69
N LEU C 241 65.45 -6.24 24.63
CA LEU C 241 64.30 -5.35 24.43
C LEU C 241 63.08 -5.91 25.15
N ASP C 242 63.19 -5.99 26.47
CA ASP C 242 62.12 -6.51 27.29
C ASP C 242 60.87 -5.66 27.11
N PHE C 243 59.73 -6.31 26.85
CA PHE C 243 58.48 -5.61 26.61
C PHE C 243 57.32 -6.14 27.44
N LYS C 244 57.50 -7.22 28.20
CA LYS C 244 56.37 -7.92 28.80
C LYS C 244 55.56 -7.00 29.73
N GLY C 245 56.25 -6.20 30.54
CA GLY C 245 55.57 -5.34 31.49
C GLY C 245 55.05 -4.04 30.91
N GLY C 246 53.92 -4.09 30.21
CA GLY C 246 53.44 -2.88 29.56
C GLY C 246 53.51 -2.89 28.04
N ASN C 247 54.55 -2.24 27.51
CA ASN C 247 54.69 -1.89 26.09
C ASN C 247 54.27 -2.97 25.10
N VAL C 248 54.42 -4.25 25.47
CA VAL C 248 54.05 -5.33 24.56
C VAL C 248 52.55 -5.28 24.27
N GLU C 249 52.20 -5.55 23.01
CA GLU C 249 50.80 -5.67 22.61
C GLU C 249 50.76 -6.69 21.47
N THR C 250 50.49 -7.95 21.81
CA THR C 250 50.49 -9.05 20.84
C THR C 250 49.07 -9.25 20.35
N ASN C 251 48.72 -8.57 19.27
CA ASN C 251 47.42 -8.77 18.65
C ASN C 251 47.33 -10.17 18.05
N ILE C 252 46.15 -10.78 18.17
CA ILE C 252 45.93 -12.16 17.74
C ILE C 252 44.90 -12.15 16.62
N GLY C 253 45.22 -12.81 15.51
CA GLY C 253 44.38 -12.77 14.33
C GLY C 253 43.34 -13.86 14.24
N VAL C 254 43.75 -15.11 14.43
CA VAL C 254 42.88 -16.28 14.29
C VAL C 254 42.19 -16.26 12.94
N PHE C 255 42.95 -16.48 11.87
CA PHE C 255 42.36 -16.58 10.54
C PHE C 255 41.67 -17.94 10.39
N ALA C 256 40.69 -17.97 9.48
CA ALA C 256 39.84 -19.14 9.31
C ALA C 256 39.24 -19.09 7.91
N ASP C 257 38.21 -19.91 7.69
CA ASP C 257 37.54 -20.06 6.41
C ASP C 257 36.55 -18.92 6.15
N LYS C 258 35.63 -19.12 5.21
CA LYS C 258 34.70 -18.10 4.76
C LYS C 258 33.88 -17.54 5.92
N PHE C 259 33.13 -16.47 5.62
CA PHE C 259 32.54 -15.63 6.66
C PHE C 259 31.60 -16.41 7.57
N GLU C 260 30.85 -17.38 7.02
CA GLU C 260 29.97 -18.17 7.87
C GLU C 260 30.79 -18.99 8.87
N ASN C 261 31.92 -19.53 8.43
CA ASN C 261 32.83 -20.20 9.35
C ASN C 261 33.42 -19.22 10.35
N VAL C 262 33.64 -17.97 9.93
CA VAL C 262 34.12 -16.95 10.86
C VAL C 262 33.09 -16.71 11.95
N GLU C 263 31.81 -16.61 11.59
CA GLU C 263 30.76 -16.42 12.59
C GLU C 263 30.66 -17.63 13.51
N GLN C 264 30.76 -18.84 12.96
CA GLN C 264 30.69 -20.03 13.79
C GLN C 264 31.85 -20.07 14.79
N LEU C 265 33.06 -19.75 14.32
CA LEU C 265 34.22 -19.69 15.20
C LEU C 265 34.04 -18.61 16.26
N THR C 266 33.47 -17.47 15.87
CA THR C 266 33.27 -16.37 16.81
C THR C 266 32.32 -16.78 17.94
N ASN C 267 31.20 -17.40 17.60
CA ASN C 267 30.27 -17.80 18.64
C ASN C 267 30.82 -18.95 19.48
N ASP C 268 31.60 -19.85 18.86
CA ASP C 268 32.23 -20.92 19.62
C ASP C 268 33.21 -20.36 20.64
N LEU C 269 34.01 -19.36 20.23
CA LEU C 269 34.96 -18.76 21.15
C LEU C 269 34.24 -17.95 22.23
N THR C 270 33.14 -17.29 21.86
CA THR C 270 32.36 -16.54 22.85
C THR C 270 31.77 -17.47 23.90
N ASP C 271 31.30 -18.65 23.48
CA ASP C 271 30.74 -19.61 24.43
C ASP C 271 31.77 -20.06 25.47
N ASP C 272 33.06 -19.97 25.15
CA ASP C 272 34.10 -20.34 26.09
C ASP C 272 34.48 -19.22 27.04
N GLY C 273 33.94 -18.02 26.84
CA GLY C 273 34.27 -16.88 27.67
C GLY C 273 35.30 -15.92 27.10
N TYR C 274 35.70 -16.09 25.85
CA TYR C 274 36.69 -15.23 25.23
C TYR C 274 36.12 -13.84 24.98
N TYR C 275 37.02 -12.86 24.86
CA TYR C 275 36.66 -11.50 24.48
C TYR C 275 36.80 -11.36 22.97
N VAL C 276 35.85 -11.93 22.26
CA VAL C 276 35.89 -12.02 20.81
C VAL C 276 35.33 -10.76 20.19
N THR C 277 36.01 -10.25 19.16
CA THR C 277 35.50 -9.14 18.36
C THR C 277 36.03 -9.29 16.95
N SER C 278 35.15 -9.07 15.97
CA SER C 278 35.49 -9.19 14.57
C SER C 278 34.40 -8.47 13.76
N VAL C 279 34.41 -8.69 12.44
CA VAL C 279 33.36 -8.11 11.60
C VAL C 279 31.99 -8.60 12.02
N THR C 280 31.88 -9.90 12.33
CA THR C 280 30.60 -10.45 12.75
C THR C 280 30.14 -9.88 14.08
N THR C 281 31.07 -9.41 14.93
CA THR C 281 30.65 -8.78 16.18
C THR C 281 29.84 -7.52 15.92
N GLU C 282 30.36 -6.61 15.09
CA GLU C 282 29.63 -5.41 14.75
C GLU C 282 28.38 -5.74 13.93
N LEU C 283 28.48 -6.74 13.06
CA LEU C 283 27.33 -7.14 12.27
C LEU C 283 26.19 -7.62 13.17
N GLU C 284 26.50 -8.43 14.18
CA GLU C 284 25.46 -8.88 15.11
C GLU C 284 24.98 -7.74 16.00
N GLY C 285 25.88 -6.81 16.34
CA GLY C 285 25.45 -5.65 17.11
C GLY C 285 24.39 -4.83 16.40
N ALA C 286 24.59 -4.62 15.09
CA ALA C 286 23.60 -3.89 14.30
C ALA C 286 22.49 -4.77 13.75
N ASN C 287 22.62 -6.09 13.88
CA ASN C 287 21.67 -6.99 13.24
C ASN C 287 20.31 -6.98 13.92
N THR C 288 20.25 -6.79 15.24
CA THR C 288 18.95 -6.68 15.88
C THR C 288 18.18 -5.47 15.36
N PHE C 289 18.85 -4.32 15.23
CA PHE C 289 18.21 -3.15 14.67
C PHE C 289 17.83 -3.37 13.21
N PHE C 290 18.70 -4.04 12.45
CA PHE C 290 18.39 -4.27 11.04
C PHE C 290 17.20 -5.20 10.87
N MET C 291 17.10 -6.23 11.71
CA MET C 291 15.95 -7.12 11.67
C MET C 291 14.68 -6.37 12.06
N VAL C 292 14.76 -5.50 13.08
CA VAL C 292 13.60 -4.71 13.48
C VAL C 292 13.17 -3.79 12.34
N PHE C 293 14.13 -3.13 11.69
CA PHE C 293 13.81 -2.22 10.60
C PHE C 293 13.20 -2.97 9.42
N LYS C 294 13.76 -4.12 9.07
CA LYS C 294 13.22 -4.91 7.97
C LYS C 294 11.80 -5.39 8.29
N ILE C 295 11.57 -5.82 9.53
CA ILE C 295 10.24 -6.27 9.92
C ILE C 295 9.25 -5.10 9.87
N GLY C 296 9.67 -3.92 10.32
CA GLY C 296 8.78 -2.78 10.28
C GLY C 296 8.44 -2.36 8.86
N LEU C 297 9.44 -2.33 7.98
CA LEU C 297 9.16 -1.96 6.59
C LEU C 297 8.32 -3.02 5.89
N ILE C 298 8.54 -4.30 6.21
CA ILE C 298 7.70 -5.35 5.67
C ILE C 298 6.28 -5.23 6.19
N PHE C 299 6.11 -4.79 7.44
CA PHE C 299 4.75 -4.59 7.97
C PHE C 299 4.07 -3.40 7.31
N VAL C 300 4.82 -2.35 6.99
CA VAL C 300 4.25 -1.23 6.24
C VAL C 300 3.83 -1.69 4.85
N GLY C 301 4.69 -2.46 4.17
CA GLY C 301 4.28 -3.07 2.93
C GLY C 301 3.09 -3.99 3.11
N CYS C 302 2.96 -4.61 4.27
CA CYS C 302 1.84 -5.50 4.53
C CYS C 302 0.53 -4.74 4.66
N ILE C 303 0.56 -3.57 5.31
CA ILE C 303 -0.67 -2.79 5.37
C ILE C 303 -1.03 -2.25 4.00
N ALA C 304 -0.04 -1.91 3.17
CA ALA C 304 -0.36 -1.56 1.78
C ALA C 304 -0.95 -2.76 1.04
N VAL C 305 -0.41 -3.95 1.29
CA VAL C 305 -0.92 -5.16 0.65
C VAL C 305 -2.33 -5.45 1.09
N ILE C 306 -2.65 -5.15 2.35
CA ILE C 306 -4.03 -5.33 2.83
C ILE C 306 -4.95 -4.30 2.17
N ILE C 307 -4.45 -3.08 1.97
CA ILE C 307 -5.22 -2.08 1.23
C ILE C 307 -5.59 -2.62 -0.15
N SER C 308 -4.63 -3.26 -0.83
CA SER C 308 -4.92 -3.83 -2.14
C SER C 308 -5.78 -5.09 -2.04
N ALA C 309 -5.63 -5.87 -0.97
CA ALA C 309 -6.40 -7.10 -0.84
C ALA C 309 -7.85 -6.81 -0.56
N ILE C 310 -8.16 -5.66 0.04
CA ILE C 310 -9.55 -5.27 0.16
C ILE C 310 -10.16 -5.05 -1.22
N GLY C 311 -9.41 -4.42 -2.12
CA GLY C 311 -9.87 -4.29 -3.49
C GLY C 311 -10.01 -5.62 -4.19
N ILE C 312 -9.08 -6.55 -3.92
CA ILE C 312 -9.20 -7.90 -4.46
C ILE C 312 -10.47 -8.57 -3.94
N PHE C 313 -10.78 -8.37 -2.67
CA PHE C 313 -11.98 -8.95 -2.10
C PHE C 313 -13.23 -8.37 -2.73
N ASN C 314 -13.24 -7.06 -2.97
CA ASN C 314 -14.36 -6.45 -3.67
C ASN C 314 -14.52 -7.02 -5.08
N THR C 315 -13.40 -7.14 -5.80
CA THR C 315 -13.45 -7.71 -7.14
C THR C 315 -13.96 -9.14 -7.11
N MET C 316 -13.55 -9.93 -6.12
CA MET C 316 -13.96 -11.32 -6.09
C MET C 316 -15.41 -11.48 -5.64
N THR C 317 -15.88 -10.63 -4.72
CA THR C 317 -17.29 -10.68 -4.36
C THR C 317 -18.15 -10.29 -5.55
N MET C 318 -17.73 -9.29 -6.32
CA MET C 318 -18.48 -8.96 -7.52
C MET C 318 -18.33 -10.02 -8.60
N ALA C 319 -17.25 -10.79 -8.59
CA ALA C 319 -17.15 -11.90 -9.53
C ALA C 319 -18.10 -13.03 -9.15
N VAL C 320 -18.22 -13.31 -7.85
CA VAL C 320 -19.15 -14.33 -7.40
C VAL C 320 -20.59 -13.91 -7.65
N THR C 321 -20.93 -12.68 -7.25
CA THR C 321 -22.28 -12.18 -7.46
C THR C 321 -22.60 -12.04 -8.95
N GLU C 322 -21.62 -11.59 -9.73
CA GLU C 322 -21.87 -11.30 -11.14
C GLU C 322 -22.27 -12.56 -11.89
N ARG C 323 -21.58 -13.68 -11.66
CA ARG C 323 -22.01 -14.86 -12.38
C ARG C 323 -23.17 -15.52 -11.66
N THR C 324 -22.86 -16.21 -10.56
CA THR C 324 -23.74 -16.91 -9.60
C THR C 324 -24.55 -17.98 -10.32
N GLN C 325 -24.50 -17.94 -11.64
CA GLN C 325 -25.36 -18.70 -12.53
C GLN C 325 -24.59 -19.78 -13.27
N GLU C 326 -23.41 -19.46 -13.78
CA GLU C 326 -22.46 -20.51 -14.11
C GLU C 326 -22.17 -21.35 -12.87
N ILE C 327 -21.98 -20.70 -11.73
CA ILE C 327 -21.77 -21.42 -10.48
C ILE C 327 -23.01 -22.24 -10.13
N GLY C 328 -24.20 -21.67 -10.27
CA GLY C 328 -25.41 -22.43 -9.99
C GLY C 328 -25.52 -23.66 -10.87
N ILE C 329 -25.23 -23.51 -12.17
CA ILE C 329 -25.36 -24.63 -13.09
C ILE C 329 -24.31 -25.68 -12.82
N MET C 330 -23.07 -25.28 -12.54
CA MET C 330 -22.04 -26.25 -12.20
C MET C 330 -22.40 -27.01 -10.92
N LYS C 331 -22.92 -26.31 -9.92
CA LYS C 331 -23.33 -26.98 -8.70
C LYS C 331 -24.49 -27.93 -8.96
N ALA C 332 -25.40 -27.55 -9.86
CA ALA C 332 -26.51 -28.42 -10.23
C ALA C 332 -26.00 -29.69 -10.91
N ILE C 333 -25.04 -29.55 -11.81
CA ILE C 333 -24.48 -30.72 -12.49
C ILE C 333 -23.72 -31.59 -11.50
N GLY C 334 -23.13 -31.01 -10.47
CA GLY C 334 -22.39 -31.78 -9.49
C GLY C 334 -20.93 -31.41 -9.37
N ALA C 335 -20.61 -30.13 -9.59
CA ALA C 335 -19.24 -29.66 -9.57
C ALA C 335 -18.61 -29.72 -8.18
N SER C 336 -19.40 -29.94 -7.13
CA SER C 336 -18.95 -30.08 -5.74
C SER C 336 -18.48 -28.76 -5.16
N PRO C 337 -18.77 -28.51 -3.87
CA PRO C 337 -18.28 -27.27 -3.25
C PRO C 337 -16.78 -27.16 -3.19
N SER C 338 -16.08 -28.28 -3.04
CA SER C 338 -14.62 -28.22 -2.95
C SER C 338 -14.02 -27.70 -4.24
N ILE C 339 -14.53 -28.15 -5.38
CA ILE C 339 -13.99 -27.70 -6.66
C ILE C 339 -14.28 -26.22 -6.88
N ILE C 340 -15.47 -25.76 -6.50
CA ILE C 340 -15.79 -24.34 -6.66
C ILE C 340 -14.92 -23.48 -5.75
N ARG C 341 -14.69 -23.93 -4.52
CA ARG C 341 -13.82 -23.20 -3.62
C ARG C 341 -12.41 -23.14 -4.16
N ARG C 342 -11.89 -24.26 -4.68
CA ARG C 342 -10.56 -24.26 -5.27
C ARG C 342 -10.52 -23.36 -6.49
N MET C 343 -11.59 -23.34 -7.29
CA MET C 343 -11.67 -22.46 -8.45
C MET C 343 -11.53 -20.99 -8.06
N PHE C 344 -12.34 -20.56 -7.09
CA PHE C 344 -12.32 -19.14 -6.75
C PHE C 344 -11.10 -18.75 -5.94
N LEU C 345 -10.59 -19.66 -5.10
CA LEU C 345 -9.30 -19.40 -4.45
C LEU C 345 -8.19 -19.32 -5.47
N MET C 346 -8.24 -20.15 -6.51
CA MET C 346 -7.27 -20.06 -7.59
C MET C 346 -7.36 -18.73 -8.31
N GLU C 347 -8.58 -18.25 -8.55
CA GLU C 347 -8.74 -16.97 -9.22
C GLU C 347 -8.18 -15.82 -8.37
N SER C 348 -8.52 -15.81 -7.08
CA SER C 348 -8.02 -14.77 -6.19
C SER C 348 -6.51 -14.82 -6.07
N ALA C 349 -5.97 -16.03 -5.87
CA ALA C 349 -4.53 -16.19 -5.76
C ALA C 349 -3.83 -15.88 -7.08
N TYR C 350 -4.52 -16.07 -8.21
CA TYR C 350 -3.92 -15.73 -9.49
C TYR C 350 -3.86 -14.22 -9.66
N ILE C 351 -4.92 -13.51 -9.27
CA ILE C 351 -4.85 -12.05 -9.27
C ILE C 351 -3.70 -11.59 -8.37
N GLY C 352 -3.63 -12.13 -7.16
CA GLY C 352 -2.59 -11.73 -6.23
C GLY C 352 -1.19 -12.07 -6.73
N ILE C 353 -1.03 -13.22 -7.37
CA ILE C 353 0.29 -13.69 -7.75
C ILE C 353 0.75 -13.03 -9.04
N LEU C 354 -0.16 -12.78 -10.00
CA LEU C 354 0.22 -11.98 -11.16
C LEU C 354 0.59 -10.56 -10.72
N GLY C 355 -0.21 -9.97 -9.83
CA GLY C 355 0.14 -8.67 -9.30
C GLY C 355 1.48 -8.68 -8.61
N CYS C 356 1.76 -9.74 -7.84
CA CYS C 356 3.04 -9.84 -7.15
C CYS C 356 4.20 -10.02 -8.11
N VAL C 357 4.02 -10.80 -9.17
CA VAL C 357 5.12 -11.05 -10.11
C VAL C 357 5.46 -9.76 -10.86
N ILE C 358 4.44 -9.09 -11.41
CA ILE C 358 4.78 -7.86 -12.13
C ILE C 358 5.15 -6.75 -11.16
N GLY C 359 4.70 -6.82 -9.91
CA GLY C 359 5.19 -5.90 -8.91
C GLY C 359 6.64 -6.15 -8.56
N ILE C 360 7.06 -7.41 -8.57
CA ILE C 360 8.46 -7.75 -8.36
C ILE C 360 9.30 -7.19 -9.50
N ILE C 361 8.82 -7.35 -10.74
CA ILE C 361 9.55 -6.81 -11.88
C ILE C 361 9.65 -5.28 -11.80
N ILE C 362 8.52 -4.63 -11.53
CA ILE C 362 8.50 -3.17 -11.42
C ILE C 362 9.36 -2.71 -10.25
N SER C 363 9.39 -3.47 -9.16
CA SER C 363 10.20 -3.09 -8.00
C SER C 363 11.68 -3.31 -8.26
N TYR C 364 12.04 -4.32 -9.04
CA TYR C 364 13.42 -4.41 -9.51
C TYR C 364 13.80 -3.20 -10.34
N GLY C 365 12.91 -2.79 -11.24
CA GLY C 365 13.17 -1.58 -12.01
C GLY C 365 13.30 -0.35 -11.15
N VAL C 366 12.42 -0.21 -10.16
CA VAL C 366 12.44 0.96 -9.29
C VAL C 366 13.67 0.97 -8.40
N SER C 367 14.09 -0.20 -7.93
CA SER C 367 15.32 -0.28 -7.13
C SER C 367 16.53 0.05 -7.98
N TYR C 368 16.55 -0.39 -9.25
CA TYR C 368 17.62 0.01 -10.14
C TYR C 368 17.63 1.52 -10.35
N LEU C 369 16.46 2.11 -10.53
CA LEU C 369 16.37 3.56 -10.70
C LEU C 369 16.85 4.29 -9.44
N VAL C 370 16.50 3.76 -8.27
CA VAL C 370 16.97 4.35 -7.01
C VAL C 370 18.49 4.23 -6.90
N ASN C 371 19.05 3.11 -7.37
CA ASN C 371 20.50 2.96 -7.35
C ASN C 371 21.17 3.90 -8.34
N LEU C 372 20.50 4.23 -9.43
CA LEU C 372 21.06 5.20 -10.37
C LEU C 372 20.81 6.64 -9.96
N ALA C 373 19.89 6.87 -9.02
CA ALA C 373 19.53 8.22 -8.61
C ALA C 373 20.17 8.67 -7.31
N VAL C 374 20.26 7.79 -6.31
CA VAL C 374 20.77 8.21 -4.99
C VAL C 374 22.21 8.70 -5.08
N PRO C 375 23.16 7.97 -5.70
CA PRO C 375 24.48 8.59 -5.89
C PRO C 375 24.44 9.81 -6.77
N MET C 376 23.59 9.82 -7.80
CA MET C 376 23.52 10.97 -8.70
C MET C 376 23.06 12.22 -7.95
N ILE C 377 22.34 12.05 -6.86
CA ILE C 377 21.86 13.19 -6.07
C ILE C 377 22.83 13.53 -4.94
N LEU C 378 23.41 12.52 -4.30
CA LEU C 378 24.23 12.72 -3.11
C LEU C 378 25.72 12.69 -3.41
N ALA C 379 26.11 12.81 -4.69
CA ALA C 379 27.52 12.91 -5.03
C ALA C 379 28.11 14.23 -4.52
N ALA C 380 29.41 14.40 -4.73
CA ALA C 380 30.22 15.54 -4.33
C ALA C 380 30.39 15.66 -2.82
N THR C 381 29.81 14.76 -2.03
CA THR C 381 30.00 14.76 -0.58
C THR C 381 30.69 13.50 -0.09
N SER C 382 30.18 12.32 -0.44
CA SER C 382 30.81 11.07 -0.04
C SER C 382 30.87 10.01 -1.13
N GLY C 383 30.11 10.14 -2.21
CA GLY C 383 30.12 9.15 -3.27
C GLY C 383 31.12 9.47 -4.38
N GLY C 384 32.39 9.64 -4.01
CA GLY C 384 33.40 9.93 -5.01
C GLY C 384 33.63 8.79 -5.98
N ASP C 385 33.70 7.56 -5.47
CA ASP C 385 33.90 6.41 -6.33
C ASP C 385 32.61 5.96 -6.99
N ALA C 386 31.45 6.26 -6.39
CA ALA C 386 30.12 5.94 -6.87
C ALA C 386 29.82 4.45 -6.90
N GLY C 387 30.77 3.60 -6.52
CA GLY C 387 30.52 2.17 -6.47
C GLY C 387 30.25 1.70 -5.06
N ASP C 388 29.90 2.63 -4.18
CA ASP C 388 29.64 2.37 -2.77
C ASP C 388 28.27 2.90 -2.39
N LEU C 389 28.00 2.93 -1.09
CA LEU C 389 26.75 3.43 -0.52
C LEU C 389 25.60 2.57 -1.04
N ASN C 390 24.66 3.11 -1.80
CA ASN C 390 23.45 2.38 -2.19
C ASN C 390 23.65 1.46 -3.37
N TYR C 391 24.88 1.08 -3.70
CA TYR C 391 25.14 0.08 -4.75
C TYR C 391 24.85 -1.32 -4.20
N THR C 392 23.59 -1.51 -3.81
CA THR C 392 23.16 -2.72 -3.12
C THR C 392 21.86 -3.31 -3.65
N PHE C 393 21.06 -2.57 -4.41
CA PHE C 393 19.70 -2.99 -4.73
C PHE C 393 19.62 -4.00 -5.87
N SER C 394 20.76 -4.46 -6.40
CA SER C 394 20.72 -5.50 -7.42
C SER C 394 20.31 -6.86 -6.84
N TYR C 395 20.91 -7.25 -5.71
CA TYR C 395 20.59 -8.54 -5.12
C TYR C 395 19.40 -8.47 -4.15
N ILE C 396 18.97 -7.25 -3.77
CA ILE C 396 18.20 -7.07 -2.54
C ILE C 396 17.01 -8.02 -2.46
N PRO C 397 16.16 -8.15 -3.47
CA PRO C 397 15.08 -9.13 -3.32
C PRO C 397 15.54 -10.55 -3.62
N ALA C 398 16.42 -11.06 -2.76
CA ALA C 398 16.82 -12.47 -2.84
C ALA C 398 15.88 -13.33 -2.00
N SER C 399 15.81 -13.08 -0.70
CA SER C 399 14.75 -13.61 0.14
C SER C 399 13.58 -12.66 0.22
N LEU C 400 13.77 -11.39 -0.17
CA LEU C 400 12.65 -10.46 -0.20
C LEU C 400 11.65 -10.82 -1.28
N VAL C 401 12.11 -11.36 -2.42
CA VAL C 401 11.17 -11.84 -3.42
C VAL C 401 10.31 -12.96 -2.84
N ILE C 402 10.94 -13.90 -2.14
CA ILE C 402 10.19 -15.01 -1.54
C ILE C 402 9.20 -14.48 -0.51
N ILE C 403 9.65 -13.55 0.34
CA ILE C 403 8.77 -13.01 1.37
C ILE C 403 7.61 -12.25 0.74
N ALA C 404 7.89 -11.45 -0.29
CA ALA C 404 6.84 -10.69 -0.95
C ALA C 404 5.83 -11.61 -1.63
N VAL C 405 6.32 -12.64 -2.33
CA VAL C 405 5.42 -13.56 -2.99
C VAL C 405 4.56 -14.29 -1.97
N VAL C 406 5.17 -14.75 -0.87
CA VAL C 406 4.42 -15.44 0.17
C VAL C 406 3.36 -14.51 0.75
N ILE C 407 3.75 -13.28 1.09
CA ILE C 407 2.81 -12.35 1.73
C ILE C 407 1.66 -12.04 0.80
N CYS C 408 1.97 -11.68 -0.46
CA CYS C 408 0.93 -11.23 -1.37
C CYS C 408 0.02 -12.38 -1.77
N GLY C 409 0.59 -13.55 -2.06
CA GLY C 409 -0.25 -14.70 -2.39
C GLY C 409 -1.12 -15.11 -1.21
N GLY C 410 -0.55 -15.15 -0.01
CA GLY C 410 -1.32 -15.53 1.16
C GLY C 410 -2.44 -14.55 1.44
N VAL C 411 -2.15 -13.26 1.39
CA VAL C 411 -3.16 -12.25 1.67
C VAL C 411 -4.23 -12.24 0.59
N ALA C 412 -3.85 -12.49 -0.67
CA ALA C 412 -4.85 -12.64 -1.71
C ALA C 412 -5.74 -13.85 -1.45
N VAL C 413 -5.16 -14.94 -0.96
CA VAL C 413 -5.96 -16.10 -0.61
C VAL C 413 -6.93 -15.79 0.53
N ILE C 414 -6.46 -15.07 1.55
CA ILE C 414 -7.34 -14.67 2.64
C ILE C 414 -8.47 -13.79 2.12
N SER C 415 -8.15 -12.84 1.24
CA SER C 415 -9.18 -11.96 0.72
C SER C 415 -10.19 -12.71 -0.14
N GLY C 416 -9.73 -13.69 -0.91
CA GLY C 416 -10.63 -14.48 -1.72
C GLY C 416 -11.32 -15.63 -1.01
N MET C 417 -10.95 -15.91 0.24
CA MET C 417 -11.57 -17.01 0.97
C MET C 417 -13.06 -16.76 1.19
N ASN C 418 -13.43 -15.53 1.58
CA ASN C 418 -14.85 -15.24 1.78
C ASN C 418 -15.64 -15.32 0.48
N PRO C 419 -15.22 -14.73 -0.63
CA PRO C 419 -15.94 -14.95 -1.89
C PRO C 419 -15.99 -16.40 -2.32
N ALA C 420 -14.94 -17.19 -2.02
CA ALA C 420 -14.99 -18.61 -2.32
C ALA C 420 -16.08 -19.30 -1.52
N ARG C 421 -16.20 -18.97 -0.23
CA ARG C 421 -17.28 -19.54 0.57
C ARG C 421 -18.64 -19.10 0.06
N LYS C 422 -18.76 -17.84 -0.35
CA LYS C 422 -20.01 -17.38 -0.95
C LYS C 422 -20.36 -18.19 -2.19
N ALA C 423 -19.38 -18.43 -3.05
CA ALA C 423 -19.63 -19.19 -4.28
C ALA C 423 -20.02 -20.62 -3.97
N THR C 424 -19.34 -21.26 -3.02
CA THR C 424 -19.69 -22.63 -2.67
C THR C 424 -20.99 -22.73 -1.89
N LYS C 425 -21.49 -21.62 -1.36
CA LYS C 425 -22.75 -21.63 -0.62
C LYS C 425 -23.87 -20.94 -1.40
N THR C 426 -23.75 -20.87 -2.72
CA THR C 426 -24.85 -20.38 -3.55
C THR C 426 -25.92 -21.45 -3.61
N ASN C 427 -27.15 -21.08 -3.27
CA ASN C 427 -28.25 -22.02 -3.37
C ASN C 427 -28.53 -22.34 -4.83
N VAL C 428 -28.57 -23.63 -5.16
CA VAL C 428 -28.76 -24.03 -6.55
C VAL C 428 -30.13 -23.60 -7.05
N LEU C 429 -31.15 -23.73 -6.20
CA LEU C 429 -32.51 -23.37 -6.60
C LEU C 429 -32.61 -21.89 -6.98
N THR C 430 -32.11 -21.02 -6.11
CA THR C 430 -32.17 -19.58 -6.38
C THR C 430 -31.28 -19.21 -7.56
N ALA C 431 -30.10 -19.84 -7.66
CA ALA C 431 -29.16 -19.50 -8.73
C ALA C 431 -29.71 -19.89 -10.10
N LEU C 432 -30.34 -21.05 -10.20
CA LEU C 432 -30.87 -21.49 -11.49
C LEU C 432 -31.99 -20.57 -11.97
N ARG C 433 -32.97 -20.31 -11.11
CA ARG C 433 -34.09 -19.45 -11.50
C ARG C 433 -33.63 -18.02 -11.72
N ARG C 434 -34.18 -17.39 -12.74
CA ARG C 434 -33.82 -16.01 -13.06
C ARG C 434 -34.33 -15.05 -12.00
N GLU C 435 -33.72 -13.87 -11.96
CA GLU C 435 -34.12 -12.81 -11.04
C GLU C 435 -34.61 -11.63 -11.88
N LEU C 436 -35.93 -11.48 -11.97
CA LEU C 436 -36.52 -10.41 -12.77
C LEU C 436 -36.59 -9.11 -11.98
N MET D 21 -33.23 -46.62 -11.36
CA MET D 21 -34.24 -47.23 -10.49
C MET D 21 -34.23 -46.51 -9.15
N ILE D 22 -35.29 -45.75 -8.88
CA ILE D 22 -35.34 -44.80 -7.78
C ILE D 22 -36.43 -45.20 -6.81
N ASP D 23 -36.12 -45.14 -5.52
CA ASP D 23 -37.06 -45.43 -4.45
C ASP D 23 -37.17 -44.20 -3.56
N VAL D 24 -38.38 -43.66 -3.42
CA VAL D 24 -38.66 -42.53 -2.55
C VAL D 24 -39.77 -42.98 -1.62
N GLN D 25 -39.39 -43.48 -0.44
CA GLN D 25 -40.33 -44.03 0.51
C GLN D 25 -40.48 -43.08 1.69
N HIS D 26 -41.71 -42.63 1.92
CA HIS D 26 -42.08 -41.85 3.11
C HIS D 26 -41.18 -40.62 3.26
N ILE D 27 -41.31 -39.71 2.30
CA ILE D 27 -40.53 -38.48 2.26
C ILE D 27 -41.48 -37.30 2.43
N ASP D 28 -41.15 -36.40 3.35
CA ASP D 28 -41.89 -35.17 3.54
C ASP D 28 -40.92 -34.03 3.78
N HIS D 29 -41.37 -32.81 3.49
CA HIS D 29 -40.52 -31.64 3.60
C HIS D 29 -41.39 -30.40 3.72
N SER D 30 -40.98 -29.47 4.58
CA SER D 30 -41.74 -28.26 4.85
C SER D 30 -40.88 -27.03 4.60
N PHE D 31 -41.48 -26.00 4.03
CA PHE D 31 -40.80 -24.74 3.74
C PHE D 31 -40.91 -23.82 4.94
N THR D 32 -39.80 -23.63 5.66
CA THR D 32 -39.76 -22.71 6.80
C THR D 32 -39.31 -21.35 6.29
N ILE D 33 -40.27 -20.59 5.76
CA ILE D 33 -40.01 -19.29 5.16
C ILE D 33 -40.47 -18.20 6.12
N GLY D 34 -39.61 -17.22 6.36
CA GLY D 34 -39.95 -16.11 7.21
C GLY D 34 -38.83 -15.66 8.12
N LYS D 35 -39.03 -14.55 8.82
CA LYS D 35 -38.03 -14.04 9.75
C LYS D 35 -37.97 -14.91 10.99
N LYS D 36 -36.94 -14.67 11.82
CA LYS D 36 -36.83 -15.39 13.08
C LYS D 36 -38.01 -15.09 13.99
N GLY D 37 -38.43 -13.83 14.05
CA GLY D 37 -39.64 -13.46 14.76
C GLY D 37 -40.91 -13.62 13.96
N ARG D 38 -40.82 -14.03 12.70
CA ARG D 38 -41.95 -14.21 11.81
C ARG D 38 -41.88 -15.56 11.12
N GLU D 39 -41.59 -16.60 11.90
CA GLU D 39 -41.46 -17.94 11.36
C GLU D 39 -42.81 -18.45 10.87
N ASN D 40 -42.80 -19.11 9.71
CA ASN D 40 -44.01 -19.68 9.13
C ASN D 40 -43.61 -20.94 8.37
N GLU D 41 -43.88 -22.10 8.98
CA GLU D 41 -43.55 -23.38 8.38
C GLU D 41 -44.78 -23.90 7.62
N VAL D 42 -44.71 -23.81 6.29
CA VAL D 42 -45.79 -24.26 5.42
C VAL D 42 -45.35 -25.59 4.80
N PRO D 43 -45.96 -26.72 5.15
CA PRO D 43 -45.55 -28.00 4.56
C PRO D 43 -46.04 -28.12 3.13
N VAL D 44 -45.12 -28.43 2.22
CA VAL D 44 -45.46 -28.65 0.82
C VAL D 44 -45.47 -30.12 0.44
N LEU D 45 -44.95 -31.00 1.31
CA LEU D 45 -44.93 -32.44 1.06
C LEU D 45 -45.60 -33.16 2.21
N LYS D 46 -46.33 -34.22 1.89
CA LYS D 46 -47.20 -34.91 2.85
C LYS D 46 -46.98 -36.43 2.76
N ASP D 47 -45.73 -36.85 2.97
CA ASP D 47 -45.40 -38.27 3.09
C ASP D 47 -45.67 -39.01 1.78
N VAL D 48 -44.97 -38.61 0.72
CA VAL D 48 -45.07 -39.26 -0.58
C VAL D 48 -44.33 -40.59 -0.54
N SER D 49 -44.79 -41.54 -1.35
CA SER D 49 -44.20 -42.86 -1.48
C SER D 49 -43.93 -43.18 -2.95
N LEU D 50 -43.30 -42.25 -3.65
CA LEU D 50 -43.05 -42.41 -5.07
C LEU D 50 -42.06 -43.55 -5.32
N SER D 51 -42.34 -44.35 -6.35
CA SER D 51 -41.46 -45.43 -6.76
C SER D 51 -41.22 -45.35 -8.25
N VAL D 52 -39.95 -45.49 -8.66
CA VAL D 52 -39.56 -45.41 -10.06
C VAL D 52 -38.76 -46.65 -10.41
N ALA D 53 -39.09 -47.27 -11.54
CA ALA D 53 -38.37 -48.43 -12.02
C ALA D 53 -37.20 -48.02 -12.90
N LYS D 54 -36.34 -48.99 -13.21
CA LYS D 54 -35.17 -48.74 -14.05
C LYS D 54 -35.57 -48.73 -15.52
N GLY D 55 -35.03 -47.75 -16.26
CA GLY D 55 -35.27 -47.65 -17.67
C GLY D 55 -36.70 -47.32 -18.04
N GLU D 56 -37.29 -46.37 -17.33
CA GLU D 56 -38.65 -45.93 -17.62
C GLU D 56 -38.75 -44.44 -17.38
N ILE D 57 -39.71 -43.82 -18.06
CA ILE D 57 -39.94 -42.38 -17.96
C ILE D 57 -41.02 -42.18 -16.90
N ALA D 58 -40.60 -41.98 -15.66
CA ALA D 58 -41.54 -41.63 -14.60
C ALA D 58 -41.90 -40.15 -14.72
N CYS D 59 -43.19 -39.87 -14.85
CA CYS D 59 -43.69 -38.50 -14.98
C CYS D 59 -44.49 -38.15 -13.75
N ILE D 60 -44.15 -37.05 -13.10
CA ILE D 60 -44.83 -36.56 -11.91
C ILE D 60 -45.50 -35.25 -12.28
N VAL D 61 -46.80 -35.29 -12.51
CA VAL D 61 -47.57 -34.12 -12.94
C VAL D 61 -48.31 -33.55 -11.74
N GLY D 62 -48.15 -32.26 -11.50
CA GLY D 62 -48.82 -31.57 -10.41
C GLY D 62 -49.13 -30.15 -10.77
N ARG D 63 -48.96 -29.24 -9.81
CA ARG D 63 -49.23 -27.83 -10.01
C ARG D 63 -48.09 -27.01 -9.40
N SER D 64 -48.13 -25.71 -9.66
CA SER D 64 -47.13 -24.79 -9.12
C SER D 64 -47.27 -24.73 -7.60
N GLY D 65 -46.24 -25.16 -6.90
CA GLY D 65 -46.28 -25.24 -5.45
C GLY D 65 -46.96 -26.47 -4.90
N SER D 66 -47.47 -27.35 -5.76
CA SER D 66 -48.10 -28.58 -5.29
C SER D 66 -47.09 -29.49 -4.61
N GLY D 67 -45.87 -29.56 -5.14
CA GLY D 67 -44.87 -30.43 -4.58
C GLY D 67 -43.98 -31.09 -5.62
N LYS D 68 -44.29 -30.91 -6.90
CA LYS D 68 -43.47 -31.47 -7.96
C LYS D 68 -42.06 -30.87 -7.93
N SER D 69 -41.98 -29.54 -7.88
CA SER D 69 -40.68 -28.88 -7.86
C SER D 69 -39.90 -29.23 -6.60
N THR D 70 -40.58 -29.24 -5.45
CA THR D 70 -39.91 -29.59 -4.21
C THR D 70 -39.42 -31.03 -4.24
N LEU D 71 -40.24 -31.94 -4.80
CA LEU D 71 -39.83 -33.34 -4.88
C LEU D 71 -38.62 -33.51 -5.78
N LEU D 72 -38.61 -32.80 -6.92
CA LEU D 72 -37.43 -32.90 -7.81
C LEU D 72 -36.20 -32.30 -7.16
N ASN D 73 -36.33 -31.18 -6.46
CA ASN D 73 -35.17 -30.59 -5.79
C ASN D 73 -34.69 -31.49 -4.66
N LEU D 74 -35.60 -32.24 -4.02
CA LEU D 74 -35.21 -33.14 -2.96
C LEU D 74 -34.49 -34.37 -3.50
N ILE D 75 -35.01 -34.95 -4.58
CA ILE D 75 -34.37 -36.13 -5.15
C ILE D 75 -33.06 -35.77 -5.83
N SER D 76 -32.97 -34.56 -6.38
CA SER D 76 -31.75 -34.13 -7.05
C SER D 76 -30.59 -34.03 -6.07
N GLY D 77 -30.85 -33.52 -4.88
CA GLY D 77 -29.81 -33.30 -3.89
C GLY D 77 -29.69 -31.86 -3.44
N TYR D 78 -30.48 -30.94 -3.98
CA TYR D 78 -30.42 -29.55 -3.52
C TYR D 78 -31.08 -29.39 -2.15
N ILE D 79 -32.02 -30.26 -1.79
CA ILE D 79 -32.75 -30.16 -0.54
C ILE D 79 -32.67 -31.52 0.16
N SER D 80 -32.29 -31.51 1.43
CA SER D 80 -32.29 -32.72 2.24
C SER D 80 -33.66 -32.92 2.87
N PRO D 81 -34.28 -34.09 2.70
CA PRO D 81 -35.60 -34.32 3.31
C PRO D 81 -35.53 -34.28 4.82
N THR D 82 -36.60 -33.79 5.44
CA THR D 82 -36.65 -33.69 6.89
C THR D 82 -36.80 -35.07 7.52
N LYS D 83 -37.62 -35.94 6.93
CA LYS D 83 -37.88 -37.26 7.47
C LYS D 83 -37.91 -38.29 6.34
N GLY D 84 -37.63 -39.53 6.70
CA GLY D 84 -37.65 -40.63 5.75
C GLY D 84 -36.28 -40.92 5.16
N ARG D 85 -36.29 -41.76 4.14
CA ARG D 85 -35.07 -42.16 3.46
C ARG D 85 -35.34 -42.33 1.97
N ILE D 86 -34.28 -42.16 1.17
CA ILE D 86 -34.35 -42.29 -0.28
C ILE D 86 -33.25 -43.23 -0.74
N VAL D 87 -33.60 -44.19 -1.59
CA VAL D 87 -32.64 -45.12 -2.18
C VAL D 87 -32.57 -44.84 -3.67
N ILE D 88 -31.38 -44.51 -4.16
CA ILE D 88 -31.15 -44.24 -5.57
C ILE D 88 -30.09 -45.20 -6.07
N ASN D 89 -30.46 -46.07 -7.01
CA ASN D 89 -29.56 -47.07 -7.55
C ASN D 89 -28.93 -47.91 -6.44
N GLY D 90 -29.75 -48.26 -5.45
CA GLY D 90 -29.26 -49.02 -4.31
C GLY D 90 -28.29 -48.25 -3.43
N THR D 91 -28.57 -46.98 -3.16
CA THR D 91 -27.68 -46.16 -2.34
C THR D 91 -28.50 -45.16 -1.56
N ASP D 92 -28.33 -45.16 -0.24
CA ASP D 92 -29.02 -44.19 0.61
C ASP D 92 -28.40 -42.81 0.42
N VAL D 93 -29.25 -41.80 0.24
CA VAL D 93 -28.78 -40.46 -0.08
C VAL D 93 -29.42 -39.43 0.86
N THR D 94 -30.04 -39.91 1.94
CA THR D 94 -30.70 -38.99 2.87
C THR D 94 -29.70 -38.21 3.69
N GLY D 95 -28.67 -38.88 4.21
CA GLY D 95 -27.67 -38.25 5.03
C GLY D 95 -26.48 -37.69 4.29
N PHE D 96 -26.51 -37.69 2.96
CA PHE D 96 -25.38 -37.23 2.17
C PHE D 96 -25.16 -35.74 2.37
N ASN D 97 -23.89 -35.34 2.44
CA ASN D 97 -23.51 -33.95 2.54
C ASN D 97 -23.41 -33.35 1.13
N GLU D 98 -22.97 -32.08 1.06
CA GLU D 98 -22.89 -31.40 -0.23
C GLU D 98 -21.88 -32.08 -1.15
N LYS D 99 -20.72 -32.47 -0.62
CA LYS D 99 -19.68 -33.04 -1.46
C LYS D 99 -20.14 -34.35 -2.09
N GLU D 100 -20.68 -35.27 -1.28
CA GLU D 100 -21.07 -36.56 -1.82
C GLU D 100 -22.33 -36.45 -2.68
N TRP D 101 -23.27 -35.56 -2.33
CA TRP D 101 -24.42 -35.33 -3.18
C TRP D 101 -23.99 -34.83 -4.55
N ALA D 102 -23.04 -33.89 -4.59
CA ALA D 102 -22.56 -33.37 -5.86
C ALA D 102 -21.81 -34.44 -6.65
N GLN D 103 -21.02 -35.26 -5.95
CA GLN D 103 -20.33 -36.36 -6.64
C GLN D 103 -21.33 -37.32 -7.27
N PHE D 104 -22.39 -37.66 -6.52
CA PHE D 104 -23.45 -38.52 -7.04
C PHE D 104 -24.12 -37.91 -8.26
N ARG D 105 -24.48 -36.63 -8.16
CA ARG D 105 -25.05 -35.93 -9.30
C ARG D 105 -24.11 -35.94 -10.49
N LEU D 106 -22.80 -35.93 -10.23
CA LEU D 106 -21.84 -35.94 -11.31
C LEU D 106 -21.81 -37.28 -12.03
N ASP D 107 -21.74 -38.39 -11.28
CA ASP D 107 -21.47 -39.65 -11.99
C ASP D 107 -22.74 -40.38 -12.41
N HIS D 108 -23.90 -40.04 -11.82
CA HIS D 108 -25.10 -40.83 -12.10
C HIS D 108 -26.34 -39.99 -12.38
N PHE D 109 -26.20 -38.70 -12.66
CA PHE D 109 -27.37 -37.84 -12.84
C PHE D 109 -27.24 -37.01 -14.12
N GLY D 110 -28.37 -36.47 -14.55
CA GLY D 110 -28.42 -35.56 -15.67
C GLY D 110 -29.59 -34.63 -15.51
N PHE D 111 -29.50 -33.45 -16.12
CA PHE D 111 -30.44 -32.38 -15.83
C PHE D 111 -30.88 -31.67 -17.10
N ILE D 112 -32.19 -31.47 -17.24
CA ILE D 112 -32.80 -30.87 -18.42
C ILE D 112 -33.66 -29.66 -18.06
N PHE D 113 -33.23 -28.84 -17.10
CA PHE D 113 -34.04 -27.75 -16.55
C PHE D 113 -34.82 -26.94 -17.57
N GLN D 114 -35.96 -26.39 -17.15
CA GLN D 114 -36.90 -25.73 -18.05
C GLN D 114 -36.25 -24.62 -18.85
N SER D 115 -35.57 -23.69 -18.17
CA SER D 115 -34.96 -22.56 -18.85
C SER D 115 -33.74 -22.93 -19.67
N PHE D 116 -33.43 -24.22 -19.76
CA PHE D 116 -32.29 -24.81 -20.46
C PHE D 116 -30.99 -24.52 -19.73
N GLN D 117 -31.04 -23.59 -18.77
CA GLN D 117 -29.94 -23.22 -17.89
C GLN D 117 -28.58 -23.33 -18.56
N LEU D 118 -28.40 -22.62 -19.67
CA LEU D 118 -27.14 -22.64 -20.38
C LEU D 118 -26.29 -21.46 -19.95
N ILE D 119 -24.98 -21.68 -19.88
CA ILE D 119 -24.07 -20.60 -19.50
C ILE D 119 -24.06 -19.53 -20.58
N PRO D 120 -24.23 -18.26 -20.23
CA PRO D 120 -24.01 -17.20 -21.23
C PRO D 120 -22.56 -17.24 -21.72
N GLY D 121 -22.37 -16.94 -23.00
CA GLY D 121 -21.10 -17.30 -23.60
C GLY D 121 -20.98 -18.81 -23.63
N LEU D 122 -19.74 -19.30 -23.54
CA LEU D 122 -19.50 -20.74 -23.37
C LEU D 122 -20.12 -21.53 -24.52
N THR D 123 -19.51 -21.40 -25.70
CA THR D 123 -20.00 -21.96 -26.95
C THR D 123 -20.54 -23.37 -26.80
N THR D 124 -21.54 -23.73 -27.60
CA THR D 124 -22.32 -24.94 -27.37
C THR D 124 -21.45 -26.18 -27.22
N TYR D 125 -20.34 -26.26 -27.96
CA TYR D 125 -19.43 -27.38 -27.78
C TYR D 125 -18.86 -27.42 -26.37
N GLU D 126 -18.35 -26.28 -25.90
CA GLU D 126 -17.84 -26.21 -24.54
C GLU D 126 -18.95 -26.36 -23.51
N ASN D 127 -20.15 -25.86 -23.83
CA ASN D 127 -21.28 -26.01 -22.93
C ASN D 127 -21.63 -27.47 -22.73
N VAL D 128 -21.58 -28.26 -23.80
CA VAL D 128 -21.82 -29.70 -23.67
C VAL D 128 -20.66 -30.36 -22.93
N GLU D 129 -19.42 -29.96 -23.24
CA GLU D 129 -18.26 -30.57 -22.60
C GLU D 129 -18.12 -30.20 -21.14
N MET D 130 -18.86 -29.20 -20.67
CA MET D 130 -18.72 -28.70 -19.30
C MET D 130 -18.78 -29.78 -18.23
N PRO D 131 -19.77 -30.69 -18.21
CA PRO D 131 -19.76 -31.73 -17.16
C PRO D 131 -18.57 -32.68 -17.25
N LEU D 132 -18.05 -32.97 -18.45
CA LEU D 132 -16.83 -33.75 -18.53
C LEU D 132 -15.66 -33.00 -17.89
N ALA D 133 -15.58 -31.68 -18.13
CA ALA D 133 -14.56 -30.89 -17.47
C ALA D 133 -14.72 -30.96 -15.96
N LEU D 134 -15.96 -30.96 -15.47
CA LEU D 134 -16.19 -31.08 -14.03
C LEU D 134 -15.71 -32.43 -13.51
N LYS D 135 -16.00 -33.51 -14.24
CA LYS D 135 -15.62 -34.84 -13.74
C LYS D 135 -14.11 -35.06 -13.81
N GLY D 136 -13.48 -34.59 -14.88
CA GLY D 136 -12.04 -34.74 -15.01
C GLY D 136 -11.62 -35.61 -16.18
N ILE D 137 -12.49 -35.73 -17.18
CA ILE D 137 -12.17 -36.54 -18.35
C ILE D 137 -11.17 -35.79 -19.23
N LYS D 138 -10.14 -36.51 -19.67
CA LYS D 138 -9.08 -35.88 -20.45
C LYS D 138 -9.63 -35.39 -21.79
N PRO D 139 -9.06 -34.30 -22.33
CA PRO D 139 -9.65 -33.67 -23.52
C PRO D 139 -9.67 -34.57 -24.76
N SER D 140 -8.76 -35.54 -24.86
CA SER D 140 -8.65 -36.34 -26.08
C SER D 140 -9.95 -37.11 -26.34
N GLU D 141 -10.44 -37.83 -25.33
CA GLU D 141 -11.73 -38.49 -25.47
C GLU D 141 -12.89 -37.51 -25.36
N ARG D 142 -12.67 -36.39 -24.68
CA ARG D 142 -13.72 -35.39 -24.52
C ARG D 142 -14.18 -34.85 -25.85
N LYS D 143 -13.23 -34.55 -26.75
CA LYS D 143 -13.57 -34.01 -28.06
C LYS D 143 -14.53 -34.93 -28.80
N GLN D 144 -14.15 -36.21 -28.92
CA GLN D 144 -14.99 -37.18 -29.63
C GLN D 144 -16.32 -37.38 -28.93
N LYS D 145 -16.32 -37.43 -27.60
CA LYS D 145 -17.55 -37.63 -26.85
C LYS D 145 -18.54 -36.51 -27.12
N VAL D 146 -18.09 -35.26 -27.01
CA VAL D 146 -18.96 -34.13 -27.31
C VAL D 146 -19.43 -34.19 -28.75
N GLN D 147 -18.55 -34.61 -29.66
CA GLN D 147 -18.93 -34.68 -31.07
C GLN D 147 -20.10 -35.63 -31.29
N ASP D 148 -19.99 -36.88 -30.79
CA ASP D 148 -21.07 -37.80 -31.10
C ASP D 148 -22.31 -37.48 -30.28
N MET D 149 -22.15 -36.88 -29.09
CA MET D 149 -23.33 -36.49 -28.32
C MET D 149 -24.08 -35.37 -29.02
N LEU D 150 -23.37 -34.41 -29.60
CA LEU D 150 -24.03 -33.35 -30.36
C LEU D 150 -24.65 -33.91 -31.65
N LYS D 151 -24.00 -34.88 -32.28
CA LYS D 151 -24.56 -35.49 -33.48
C LYS D 151 -25.85 -36.24 -33.17
N ARG D 152 -25.86 -37.01 -32.07
CA ARG D 152 -27.03 -37.80 -31.72
C ARG D 152 -28.23 -36.90 -31.43
N VAL D 153 -28.01 -35.81 -30.69
CA VAL D 153 -29.10 -34.89 -30.38
C VAL D 153 -29.60 -34.20 -31.64
N GLY D 154 -28.67 -33.79 -32.51
CA GLY D 154 -29.05 -33.13 -33.74
C GLY D 154 -28.70 -31.66 -33.80
N LEU D 155 -27.54 -31.30 -33.24
CA LEU D 155 -27.06 -29.92 -33.29
C LEU D 155 -25.58 -29.86 -33.63
N GLU D 156 -25.10 -30.80 -34.44
CA GLU D 156 -23.67 -30.91 -34.66
C GLU D 156 -23.15 -29.83 -35.60
N ASN D 157 -24.02 -29.22 -36.41
CA ASN D 157 -23.59 -28.10 -37.23
C ASN D 157 -23.73 -26.77 -36.50
N HIS D 158 -23.24 -26.71 -35.27
CA HIS D 158 -23.26 -25.45 -34.53
C HIS D 158 -21.89 -25.06 -33.99
N ALA D 159 -21.10 -26.04 -33.52
CA ALA D 159 -19.71 -25.83 -33.14
C ALA D 159 -19.54 -24.71 -32.12
N ALA D 160 -19.16 -23.52 -32.60
CA ALA D 160 -18.90 -22.35 -31.76
C ALA D 160 -20.09 -21.40 -31.72
N HIS D 161 -21.30 -21.92 -31.76
CA HIS D 161 -22.50 -21.09 -31.74
C HIS D 161 -22.90 -20.83 -30.29
N TYR D 162 -22.98 -19.55 -29.92
CA TYR D 162 -23.37 -19.20 -28.57
C TYR D 162 -24.81 -19.62 -28.30
N PRO D 163 -25.13 -20.04 -27.07
CA PRO D 163 -26.52 -20.38 -26.74
C PRO D 163 -27.48 -19.22 -26.93
N ASN D 164 -27.05 -17.98 -26.67
CA ASN D 164 -27.91 -16.83 -26.88
C ASN D 164 -28.24 -16.62 -28.35
N GLU D 165 -27.43 -17.16 -29.26
CA GLU D 165 -27.71 -17.07 -30.68
C GLU D 165 -28.57 -18.22 -31.19
N LEU D 166 -29.02 -19.10 -30.30
CA LEU D 166 -29.87 -20.23 -30.64
C LEU D 166 -31.32 -19.92 -30.32
N SER D 167 -32.20 -20.80 -30.77
CA SER D 167 -33.61 -20.73 -30.42
C SER D 167 -33.89 -21.57 -29.18
N GLY D 168 -35.11 -21.44 -28.65
CA GLY D 168 -35.46 -22.17 -27.45
C GLY D 168 -35.41 -23.68 -27.63
N GLY D 169 -35.93 -24.16 -28.76
CA GLY D 169 -35.93 -25.59 -29.00
C GLY D 169 -34.53 -26.17 -29.04
N GLN D 170 -33.66 -25.61 -29.86
CA GLN D 170 -32.30 -26.11 -29.95
C GLN D 170 -31.54 -25.91 -28.65
N GLN D 171 -31.88 -24.88 -27.88
CA GLN D 171 -31.30 -24.74 -26.54
C GLN D 171 -31.70 -25.90 -25.65
N GLN D 172 -32.96 -26.32 -25.72
CA GLN D 172 -33.36 -27.50 -24.95
C GLN D 172 -32.63 -28.74 -25.43
N ARG D 173 -32.46 -28.88 -26.75
CA ARG D 173 -31.74 -30.04 -27.27
C ARG D 173 -30.29 -30.06 -26.80
N VAL D 174 -29.63 -28.91 -26.79
CA VAL D 174 -28.24 -28.90 -26.33
C VAL D 174 -28.17 -29.11 -24.82
N SER D 175 -29.21 -28.70 -24.08
CA SER D 175 -29.29 -29.06 -22.67
C SER D 175 -29.38 -30.58 -22.49
N ILE D 176 -30.19 -31.23 -23.32
CA ILE D 176 -30.24 -32.70 -23.29
C ILE D 176 -28.87 -33.27 -23.61
N ALA D 177 -28.18 -32.69 -24.59
CA ALA D 177 -26.85 -33.16 -24.95
C ALA D 177 -25.90 -33.08 -23.75
N ARG D 178 -25.95 -31.96 -23.02
CA ARG D 178 -25.17 -31.85 -21.80
C ARG D 178 -25.61 -32.87 -20.75
N ALA D 179 -26.87 -33.28 -20.78
CA ALA D 179 -27.33 -34.28 -19.82
C ALA D 179 -26.77 -35.66 -20.15
N LEU D 180 -26.78 -36.06 -21.43
CA LEU D 180 -26.41 -37.43 -21.79
C LEU D 180 -24.91 -37.65 -21.92
N ILE D 181 -24.11 -36.59 -21.99
CA ILE D 181 -22.71 -36.75 -22.39
C ILE D 181 -21.92 -37.57 -21.37
N LEU D 182 -22.31 -37.53 -20.10
CA LEU D 182 -21.66 -38.35 -19.07
C LEU D 182 -22.26 -39.74 -18.95
N ASN D 183 -23.24 -40.08 -19.80
CA ASN D 183 -23.88 -41.39 -19.79
C ASN D 183 -24.46 -41.72 -18.40
N PRO D 184 -25.45 -40.97 -17.93
CA PRO D 184 -25.99 -41.22 -16.59
C PRO D 184 -27.08 -42.28 -16.60
N SER D 185 -27.61 -42.59 -15.42
CA SER D 185 -28.73 -43.51 -15.29
C SER D 185 -30.03 -42.83 -14.91
N ILE D 186 -29.96 -41.66 -14.26
CA ILE D 186 -31.12 -40.84 -13.99
C ILE D 186 -30.91 -39.48 -14.63
N ILE D 187 -31.87 -39.03 -15.42
CA ILE D 187 -31.75 -37.78 -16.15
C ILE D 187 -32.95 -36.90 -15.79
N LEU D 188 -33.37 -36.97 -14.52
CA LEU D 188 -34.53 -36.22 -14.03
C LEU D 188 -34.51 -34.79 -14.55
N ALA D 189 -35.69 -34.31 -14.93
CA ALA D 189 -35.83 -33.05 -15.65
C ALA D 189 -36.95 -32.21 -15.07
N ASP D 190 -36.82 -30.90 -15.23
CA ASP D 190 -37.92 -29.98 -14.99
C ASP D 190 -38.81 -30.03 -16.23
N GLU D 191 -39.74 -29.09 -16.37
CA GLU D 191 -40.58 -29.05 -17.56
C GLU D 191 -39.71 -28.84 -18.80
N PRO D 192 -39.55 -29.85 -19.65
CA PRO D 192 -38.68 -29.70 -20.82
C PRO D 192 -39.31 -28.86 -21.92
N THR D 193 -40.59 -28.53 -21.80
CA THR D 193 -41.28 -27.71 -22.79
C THR D 193 -41.95 -26.49 -22.15
N GLY D 194 -41.43 -26.03 -21.01
CA GLY D 194 -42.04 -24.90 -20.34
C GLY D 194 -42.06 -23.65 -21.18
N SER D 195 -40.98 -23.38 -21.90
CA SER D 195 -40.90 -22.27 -22.86
C SER D 195 -40.46 -22.88 -24.19
N LEU D 196 -41.42 -23.39 -24.95
CA LEU D 196 -41.14 -24.06 -26.21
C LEU D 196 -42.36 -23.93 -27.12
N ASP D 197 -42.11 -24.06 -28.42
CA ASP D 197 -43.18 -24.14 -29.39
C ASP D 197 -43.81 -25.53 -29.35
N SER D 198 -44.97 -25.66 -30.01
CA SER D 198 -45.63 -26.96 -30.08
C SER D 198 -44.80 -27.97 -30.86
N GLU D 199 -44.28 -27.55 -32.02
CA GLU D 199 -43.44 -28.44 -32.82
C GLU D 199 -42.16 -28.80 -32.10
N THR D 200 -41.52 -27.81 -31.46
CA THR D 200 -40.30 -28.09 -30.71
C THR D 200 -40.58 -29.02 -29.54
N GLU D 201 -41.71 -28.84 -28.86
CA GLU D 201 -42.09 -29.75 -27.78
C GLU D 201 -42.29 -31.16 -28.30
N HIS D 202 -42.97 -31.29 -29.44
CA HIS D 202 -43.18 -32.62 -30.01
C HIS D 202 -41.86 -33.29 -30.35
N GLU D 203 -40.94 -32.57 -31.00
CA GLU D 203 -39.69 -33.19 -31.41
C GLU D 203 -38.80 -33.50 -30.22
N VAL D 204 -38.82 -32.66 -29.18
CA VAL D 204 -37.99 -32.94 -28.01
C VAL D 204 -38.53 -34.14 -27.25
N LEU D 205 -39.87 -34.27 -27.16
CA LEU D 205 -40.42 -35.44 -26.48
C LEU D 205 -40.17 -36.71 -27.29
N GLU D 206 -40.23 -36.62 -28.62
CA GLU D 206 -39.86 -37.75 -29.45
C GLU D 206 -38.39 -38.10 -29.26
N LEU D 207 -37.54 -37.08 -29.10
CA LEU D 207 -36.13 -37.32 -28.82
C LEU D 207 -35.96 -38.07 -27.50
N ILE D 208 -36.71 -37.68 -26.47
CA ILE D 208 -36.64 -38.38 -25.20
C ILE D 208 -37.11 -39.83 -25.36
N GLN D 209 -38.16 -40.04 -26.16
CA GLN D 209 -38.63 -41.40 -26.40
C GLN D 209 -37.56 -42.25 -27.06
N GLN D 210 -36.98 -41.76 -28.16
CA GLN D 210 -35.90 -42.50 -28.82
C GLN D 210 -34.71 -42.68 -27.88
N LEU D 211 -34.48 -41.71 -27.01
CA LEU D 211 -33.39 -41.77 -26.05
C LEU D 211 -33.56 -42.97 -25.12
N ASN D 212 -34.73 -43.07 -24.49
CA ASN D 212 -34.96 -44.19 -23.60
C ASN D 212 -35.03 -45.51 -24.36
N ARG D 213 -35.49 -45.47 -25.61
CA ARG D 213 -35.57 -46.71 -26.40
C ARG D 213 -34.17 -47.24 -26.73
N GLU D 214 -33.26 -46.35 -27.11
CA GLU D 214 -31.96 -46.81 -27.61
C GLU D 214 -30.96 -47.03 -26.49
N ARG D 215 -30.93 -46.14 -25.49
CA ARG D 215 -30.01 -46.25 -24.36
C ARG D 215 -30.81 -46.29 -23.06
N GLY D 216 -30.53 -47.30 -22.23
CA GLY D 216 -31.20 -47.42 -20.96
C GLY D 216 -30.97 -46.25 -20.05
N ILE D 217 -32.01 -45.45 -19.81
CA ILE D 217 -31.91 -44.25 -19.00
C ILE D 217 -33.27 -43.97 -18.39
N THR D 218 -33.26 -43.42 -17.18
CA THR D 218 -34.47 -43.18 -16.42
C THR D 218 -34.77 -41.68 -16.38
N PHE D 219 -36.00 -41.32 -16.72
CA PHE D 219 -36.46 -39.93 -16.70
C PHE D 219 -37.41 -39.74 -15.52
N VAL D 220 -37.26 -38.61 -14.84
CA VAL D 220 -38.15 -38.25 -13.72
C VAL D 220 -38.78 -36.91 -14.04
N ILE D 221 -39.09 -36.68 -15.32
CA ILE D 221 -39.66 -35.42 -15.77
C ILE D 221 -40.89 -35.04 -14.92
N ILE D 222 -40.98 -33.76 -14.58
CA ILE D 222 -42.16 -33.19 -13.94
C ILE D 222 -42.77 -32.19 -14.91
N THR D 223 -44.07 -32.31 -15.14
CA THR D 223 -44.76 -31.42 -16.06
C THR D 223 -45.97 -30.79 -15.38
N HIS D 224 -46.29 -29.57 -15.80
CA HIS D 224 -47.51 -28.88 -15.40
C HIS D 224 -48.68 -29.17 -16.34
N ASP D 225 -48.66 -30.32 -17.00
CA ASP D 225 -49.65 -30.66 -18.01
C ASP D 225 -49.78 -32.16 -18.09
N ASP D 226 -50.54 -32.63 -19.08
CA ASP D 226 -50.76 -34.06 -19.26
C ASP D 226 -50.33 -34.59 -20.61
N GLU D 227 -50.31 -33.77 -21.66
CA GLU D 227 -49.89 -34.25 -22.97
C GLU D 227 -48.43 -34.68 -22.95
N VAL D 228 -47.57 -33.92 -22.28
CA VAL D 228 -46.17 -34.33 -22.12
C VAL D 228 -46.09 -35.55 -21.20
N ALA D 229 -46.94 -35.60 -20.17
CA ALA D 229 -46.90 -36.71 -19.23
C ALA D 229 -47.26 -38.03 -19.91
N SER D 230 -48.11 -37.99 -20.93
CA SER D 230 -48.53 -39.22 -21.60
C SER D 230 -47.37 -39.98 -22.22
N ILE D 231 -46.27 -39.30 -22.52
CA ILE D 231 -45.07 -39.97 -23.03
C ILE D 231 -44.49 -40.90 -21.97
N GLY D 232 -44.58 -40.53 -20.70
CA GLY D 232 -43.95 -41.31 -19.65
C GLY D 232 -44.57 -42.68 -19.48
N HIS D 233 -43.75 -43.62 -19.03
CA HIS D 233 -44.20 -44.98 -18.76
C HIS D 233 -45.00 -45.10 -17.46
N SER D 234 -45.04 -44.04 -16.65
CA SER D 234 -45.79 -44.08 -15.40
C SER D 234 -46.36 -42.69 -15.12
N LYS D 235 -47.48 -42.67 -14.41
CA LYS D 235 -48.15 -41.43 -14.04
C LYS D 235 -48.16 -41.30 -12.52
N PHE D 236 -47.73 -40.15 -12.02
CA PHE D 236 -47.74 -39.86 -10.59
C PHE D 236 -48.29 -38.45 -10.40
N GLN D 237 -49.53 -38.34 -9.93
CA GLN D 237 -50.20 -37.06 -9.78
C GLN D 237 -49.99 -36.54 -8.36
N LEU D 238 -49.58 -35.28 -8.25
CA LEU D 238 -49.33 -34.64 -6.97
C LEU D 238 -50.40 -33.57 -6.76
N HIS D 239 -51.50 -33.97 -6.12
CA HIS D 239 -52.58 -33.04 -5.76
C HIS D 239 -52.20 -32.41 -4.42
N ASP D 240 -51.57 -31.24 -4.49
CA ASP D 240 -51.09 -30.48 -3.35
C ASP D 240 -50.00 -31.20 -2.56
N GLY D 241 -49.53 -32.34 -3.04
CA GLY D 241 -48.44 -33.04 -2.39
C GLY D 241 -48.63 -34.55 -2.28
N VAL D 242 -49.87 -34.99 -2.12
CA VAL D 242 -50.15 -36.41 -1.94
C VAL D 242 -50.22 -37.09 -3.30
N LEU D 243 -49.52 -38.22 -3.43
CA LEU D 243 -49.48 -38.94 -4.70
C LEU D 243 -50.75 -39.78 -4.85
N LYS D 244 -51.38 -39.68 -6.02
CA LYS D 244 -52.55 -40.49 -6.35
C LYS D 244 -52.41 -41.01 -7.76
N GLY D 245 -53.05 -42.15 -8.02
CA GLY D 245 -53.03 -42.72 -9.35
C GLY D 245 -51.65 -43.10 -9.85
N GLY D 246 -50.84 -43.70 -8.98
CA GLY D 246 -49.50 -44.11 -9.38
C GLY D 246 -49.47 -45.50 -9.98
N ILE D 247 -49.49 -45.58 -11.31
CA ILE D 247 -49.49 -46.85 -12.02
C ILE D 247 -48.54 -46.75 -13.20
N THR D 248 -48.08 -47.91 -13.66
CA THR D 248 -47.18 -48.00 -14.81
C THR D 248 -48.02 -48.01 -16.07
N VAL D 249 -48.33 -46.83 -16.58
CA VAL D 249 -49.17 -46.68 -17.77
C VAL D 249 -48.32 -47.02 -18.99
N GLU D 250 -48.63 -48.13 -19.65
CA GLU D 250 -47.89 -48.54 -20.83
C GLU D 250 -48.10 -47.56 -21.97
N VAL D 251 -47.02 -47.24 -22.67
CA VAL D 251 -47.06 -46.30 -23.78
C VAL D 251 -47.26 -47.04 -25.09
#